data_6RJA
#
_entry.id   6RJA
#
_cell.length_a   1.00
_cell.length_b   1.00
_cell.length_c   1.00
_cell.angle_alpha   90.00
_cell.angle_beta   90.00
_cell.angle_gamma   90.00
#
_symmetry.space_group_name_H-M   'P 1'
#
loop_
_entity.id
_entity.type
_entity.pdbx_description
1 polymer AcrIIA6
2 polymer 'CRISPR-associated endonuclease Cas9 1'
3 polymer 'RNA (78-MER)'
4 polymer tDNA20
#
loop_
_entity_poly.entity_id
_entity_poly.type
_entity_poly.pdbx_seq_one_letter_code
_entity_poly.pdbx_strand_id
1 'polypeptide(L)'
;MKINDDIKELILEYMSRYFKFENDFYKLPGIKFTDANWQKFKNGGTDIEKMGAARVNAMLDCLFDDFELAMIGKAQTNYY
NDNSLKMNMPFYTYYDMFKKQQLLKWLKNNRDDVIGGTGRMYTASGNYIANAYLEVALESSSLGSGSYMLQMRFKDYSKG
QEPIPSGRQNRLEWIENNLENIR
;
A,B
2 'polypeptide(L)'
;MSDLVLGLDIGIGSVGVGILNKVTGEIIHKNSRIFPAAQAENNLVRRTNRQGRRLTRRKKHRRVRLNRLFEESGLITDFT
KISINLNPYQLRVKGLTDELSNEELFIALKNMVKHRGISYLDDASDDGNSSIGDYAQIVKENSKQLETKTPGQIQLERYQ
TYGQLRGDFTVEKDGKKHRLINVFPTSAYRSEALRILQTQQEFNPQITDEFINRYLEILTGKRKYYHGPGNEKSRTDYGR
YRTSGETLDNIFGILIGKCTFYPDEFRAAKASYTAQEFNLLNDLNNLTVPTETKKLSKEQKNQIINYVKNEKAMGPAKLF
KYIAKLLSCDVADIKGYRIDKSGKAEIHTFEAYRKMKTLETLDIEQMDRETLDKLAYVLTLNTEREGIQEALEHEFADGS
FSQKQVDELVQFRKANSSIFGKGWHNFSVKLMMELIPELYETSEEQMTILTRLGKQKTTSSSNKTKYIDEKLLTEEIYNP
VVAKSVRQAIKIVNAAIKEYGDFDNIVIEMARETNEDDEKKAIQKIQKANKDEKDAAMLKAANQYNGKAELPHSVFHGHK
QLATKIRLWHQQGERCLYTGKTISIHDLINNSNQFEVDHILPLSITFDDSLANKVLVYATANQEKGQRTPYQALDSMDDA
WSFRELKAFVRESKTLSNKKKEYLLTEEDISKFDVRKKFIERNLVDTRYASRVVLNALQEHFRAHKIDTKVSVVRGQFTS
QLRRHWGIEKTRDTYHHHAVDALIIAASSQLNLWKKQKNTLVSYSEDQLLDIETGELISDDEYKESVFKAPYQHFVDTLK
SKEFEDSILFSYQVDSKFNRKISDATIYATRQAKVGKDKADETYVLGKIKDIYTQDGYDAFMKIYKKDKSKFLMYRHDPQ
TFEKVIEPILENYPNKQINEKGKEVPCNPFLKYKEEHGYIRKYSKKGNGPEIKSLKYYDSKLGNHIDITPKDSNNKVVLQ
SVSPWRADVYFNKTTGKYEILGLKYADLQFEKGTGTYKISQEKYNDIKKKEGVDSDSEFKFTLYKNDLLLVKDTETKEQQ
LFRFLSRTMPKQKHYVELKPYDKQKFEGGEALIKVLGNVANSGQCKKGLGKSNISIYKVRTDVLGNQHIIKNEGDKPKLD
F
;
C,F
3 'polyribonucleotide'
;GUUGCGUUGAUAAAAGUAUUGUUUUUGUACUCUCAAGAUUCAAUAAUCUUGCAGAAGCUACAAAGAUAAGGCUUCAUGCC
GAAAUCAACACCCUGUCAUUUUAUGGCAGGGUGUUUU
;
D,G
4 'polydeoxyribonucleotide' (DA)(DA)(DT)(DA)(DC)(DT)(DT)(DT)(DT)(DA)(DT)(DC)(DA)(DA)(DC)(DG)(DC)(DA)(DA)(DG) E,H
#
loop_
_chem_comp.id
_chem_comp.type
_chem_comp.name
_chem_comp.formula
A RNA linking ADENOSINE-5'-MONOPHOSPHATE 'C10 H14 N5 O7 P'
C RNA linking CYTIDINE-5'-MONOPHOSPHATE 'C9 H14 N3 O8 P'
DA DNA linking 2'-DEOXYADENOSINE-5'-MONOPHOSPHATE 'C10 H14 N5 O6 P'
DC DNA linking 2'-DEOXYCYTIDINE-5'-MONOPHOSPHATE 'C9 H14 N3 O7 P'
DG DNA linking 2'-DEOXYGUANOSINE-5'-MONOPHOSPHATE 'C10 H14 N5 O7 P'
DT DNA linking THYMIDINE-5'-MONOPHOSPHATE 'C10 H15 N2 O8 P'
G RNA linking GUANOSINE-5'-MONOPHOSPHATE 'C10 H14 N5 O8 P'
U RNA linking URIDINE-5'-MONOPHOSPHATE 'C9 H13 N2 O9 P'
#
# COMPACT_ATOMS: atom_id res chain seq x y z
N MET A 1 -11.91 -14.11 -2.56
CA MET A 1 -11.28 -14.62 -3.77
C MET A 1 -12.14 -15.68 -4.44
N LYS A 2 -11.51 -16.52 -5.25
CA LYS A 2 -12.16 -17.66 -5.86
C LYS A 2 -11.44 -18.93 -5.42
N ILE A 3 -12.20 -19.94 -5.02
CA ILE A 3 -11.66 -21.22 -4.56
C ILE A 3 -11.89 -22.25 -5.66
N ASN A 4 -10.80 -22.78 -6.21
CA ASN A 4 -10.91 -23.83 -7.24
C ASN A 4 -9.66 -24.70 -7.17
N ASP A 5 -9.40 -25.45 -8.25
CA ASP A 5 -8.28 -26.38 -8.30
C ASP A 5 -6.93 -25.68 -8.35
N ASP A 6 -6.89 -24.47 -8.92
CA ASP A 6 -5.66 -23.69 -8.95
C ASP A 6 -5.22 -23.29 -7.55
N ILE A 7 -6.18 -23.00 -6.66
CA ILE A 7 -5.86 -22.73 -5.27
C ILE A 7 -5.33 -23.98 -4.58
N LYS A 8 -5.79 -25.17 -4.99
CA LYS A 8 -5.25 -26.41 -4.44
C LYS A 8 -3.80 -26.61 -4.84
N GLU A 9 -3.47 -26.35 -6.11
CA GLU A 9 -2.07 -26.45 -6.55
C GLU A 9 -1.19 -25.43 -5.86
N LEU A 10 -1.69 -24.20 -5.68
CA LEU A 10 -0.93 -23.16 -4.99
C LEU A 10 -0.67 -23.51 -3.53
N ILE A 11 -1.67 -24.11 -2.87
CA ILE A 11 -1.54 -24.54 -1.47
C ILE A 11 -0.49 -25.64 -1.34
N LEU A 12 -0.53 -26.62 -2.24
CA LEU A 12 0.44 -27.73 -2.14
C LEU A 12 1.86 -27.26 -2.47
N GLU A 13 2.00 -26.33 -3.43
CA GLU A 13 3.31 -25.77 -3.74
C GLU A 13 3.91 -25.01 -2.57
N TYR A 14 3.13 -24.13 -1.94
CA TYR A 14 3.72 -23.33 -0.86
C TYR A 14 3.91 -24.15 0.41
N MET A 15 3.13 -25.21 0.61
CA MET A 15 3.40 -26.15 1.68
C MET A 15 4.71 -26.90 1.45
N SER A 16 4.97 -27.32 0.20
CA SER A 16 6.25 -27.96 -0.11
C SER A 16 7.41 -26.98 -0.07
N ARG A 17 7.12 -25.69 -0.12
CA ARG A 17 8.17 -24.67 -0.05
C ARG A 17 8.56 -24.36 1.39
N TYR A 18 7.61 -24.22 2.30
CA TYR A 18 7.97 -23.77 3.65
C TYR A 18 8.21 -24.91 4.65
N PHE A 19 7.43 -25.98 4.57
CA PHE A 19 7.56 -27.09 5.50
C PHE A 19 8.32 -28.22 4.82
N LYS A 20 9.14 -28.93 5.59
CA LYS A 20 10.01 -29.94 5.00
C LYS A 20 9.47 -31.36 5.20
N PHE A 21 8.74 -31.59 6.29
CA PHE A 21 7.93 -32.79 6.47
C PHE A 21 6.46 -32.38 6.47
N GLU A 22 5.64 -33.08 5.66
CA GLU A 22 4.25 -32.66 5.44
C GLU A 22 3.40 -32.74 6.70
N ASN A 23 3.75 -33.64 7.63
CA ASN A 23 2.97 -33.76 8.86
C ASN A 23 3.25 -32.65 9.86
N ASP A 24 4.16 -31.74 9.54
CA ASP A 24 4.26 -30.50 10.28
C ASP A 24 3.10 -29.58 9.98
N PHE A 25 2.49 -29.72 8.81
CA PHE A 25 1.46 -28.81 8.34
C PHE A 25 0.04 -29.35 8.53
N TYR A 26 -0.23 -30.58 8.11
CA TYR A 26 -1.62 -31.04 8.09
C TYR A 26 -2.17 -31.42 9.45
N LYS A 27 -1.42 -31.23 10.54
CA LYS A 27 -1.91 -31.52 11.88
C LYS A 27 -1.98 -30.26 12.73
N LEU A 28 -1.95 -29.08 12.10
CA LEU A 28 -2.01 -27.82 12.82
C LEU A 28 -3.40 -27.62 13.42
N PRO A 29 -3.50 -26.86 14.52
CA PRO A 29 -4.82 -26.53 15.06
C PRO A 29 -5.60 -25.63 14.12
N GLY A 30 -6.83 -26.04 13.83
CA GLY A 30 -7.66 -25.37 12.86
C GLY A 30 -7.69 -26.03 11.50
N ILE A 31 -6.65 -26.79 11.17
CA ILE A 31 -6.58 -27.50 9.90
C ILE A 31 -6.94 -28.96 10.14
N LYS A 32 -6.11 -29.67 10.89
CA LYS A 32 -6.44 -30.92 11.60
C LYS A 32 -6.93 -32.03 10.67
N PHE A 33 -6.06 -32.45 9.77
CA PHE A 33 -6.39 -33.60 8.93
C PHE A 33 -6.09 -34.90 9.67
N THR A 34 -6.45 -36.01 9.04
CA THR A 34 -5.98 -37.34 9.40
C THR A 34 -5.26 -37.93 8.20
N ASP A 35 -4.51 -39.00 8.45
CA ASP A 35 -3.53 -39.51 7.49
C ASP A 35 -4.20 -40.02 6.21
N ALA A 36 -5.27 -40.80 6.37
CA ALA A 36 -6.04 -41.26 5.23
C ALA A 36 -6.75 -40.10 4.55
N ASN A 37 -7.28 -39.16 5.33
CA ASN A 37 -7.96 -38.01 4.74
C ASN A 37 -6.98 -37.03 4.09
N TRP A 38 -5.76 -36.92 4.62
CA TRP A 38 -4.76 -36.10 3.96
C TRP A 38 -4.32 -36.74 2.65
N GLN A 39 -4.22 -38.06 2.61
CA GLN A 39 -3.92 -38.71 1.34
C GLN A 39 -5.08 -38.59 0.37
N LYS A 40 -6.32 -38.51 0.87
CA LYS A 40 -7.46 -38.24 0.00
C LYS A 40 -7.40 -36.84 -0.59
N PHE A 41 -7.07 -35.84 0.24
CA PHE A 41 -6.98 -34.45 -0.24
C PHE A 41 -5.83 -34.27 -1.22
N LYS A 42 -4.67 -34.84 -0.91
CA LYS A 42 -3.47 -34.60 -1.69
C LYS A 42 -3.54 -35.24 -3.07
N ASN A 43 -4.02 -36.48 -3.14
CA ASN A 43 -3.98 -37.27 -4.36
C ASN A 43 -5.22 -37.09 -5.23
N GLY A 44 -5.90 -35.95 -5.12
CA GLY A 44 -6.94 -35.57 -6.05
C GLY A 44 -8.34 -36.02 -5.70
N GLY A 45 -8.55 -36.60 -4.52
CA GLY A 45 -9.83 -37.21 -4.20
C GLY A 45 -10.94 -36.24 -3.86
N THR A 46 -10.67 -35.28 -2.99
CA THR A 46 -11.69 -34.40 -2.44
C THR A 46 -11.70 -33.07 -3.19
N ASP A 47 -12.90 -32.62 -3.57
CA ASP A 47 -13.06 -31.32 -4.21
C ASP A 47 -12.98 -30.21 -3.17
N ILE A 48 -12.17 -29.18 -3.48
CA ILE A 48 -11.86 -28.14 -2.50
C ILE A 48 -12.98 -27.15 -2.29
N GLU A 49 -13.98 -27.11 -3.17
CA GLU A 49 -14.99 -26.06 -3.13
C GLU A 49 -16.15 -26.38 -2.22
N LYS A 50 -16.32 -27.63 -1.79
CA LYS A 50 -17.40 -28.03 -0.91
C LYS A 50 -16.91 -28.38 0.49
N MET A 51 -15.67 -28.06 0.82
CA MET A 51 -15.14 -28.30 2.15
C MET A 51 -15.63 -27.21 3.11
N GLY A 52 -15.14 -27.25 4.34
CA GLY A 52 -15.49 -26.23 5.29
C GLY A 52 -14.81 -24.91 4.94
N ALA A 53 -15.48 -23.80 5.26
CA ALA A 53 -14.91 -22.51 4.96
C ALA A 53 -13.76 -22.17 5.90
N ALA A 54 -13.91 -22.55 7.17
CA ALA A 54 -12.89 -22.22 8.16
C ALA A 54 -11.60 -22.99 7.95
N ARG A 55 -11.67 -24.22 7.41
CA ARG A 55 -10.47 -25.01 7.20
C ARG A 55 -9.63 -24.48 6.03
N VAL A 56 -10.29 -24.15 4.91
CA VAL A 56 -9.56 -23.61 3.77
C VAL A 56 -9.03 -22.21 4.08
N ASN A 57 -9.80 -21.43 4.84
CA ASN A 57 -9.30 -20.13 5.26
C ASN A 57 -8.16 -20.25 6.26
N ALA A 58 -8.13 -21.31 7.08
CA ALA A 58 -7.00 -21.51 7.98
C ALA A 58 -5.74 -21.93 7.22
N MET A 59 -5.88 -22.76 6.19
CA MET A 59 -4.73 -23.13 5.36
C MET A 59 -4.15 -21.91 4.64
N LEU A 60 -5.02 -21.10 4.03
CA LEU A 60 -4.56 -19.90 3.35
C LEU A 60 -3.99 -18.87 4.30
N ASP A 61 -4.53 -18.79 5.52
CA ASP A 61 -4.02 -17.86 6.52
C ASP A 61 -2.65 -18.31 7.04
N CYS A 62 -2.41 -19.62 7.11
CA CYS A 62 -1.09 -20.06 7.56
C CYS A 62 -0.05 -19.82 6.48
N LEU A 63 -0.36 -20.11 5.21
CA LEU A 63 0.70 -20.06 4.21
C LEU A 63 0.97 -18.66 3.67
N PHE A 64 0.04 -17.72 3.81
CA PHE A 64 0.17 -16.42 3.15
C PHE A 64 -0.04 -15.28 4.13
N ASP A 65 0.59 -14.15 3.82
CA ASP A 65 0.42 -12.91 4.56
C ASP A 65 -0.95 -12.31 4.23
N ASP A 66 -1.30 -11.21 4.90
CA ASP A 66 -2.59 -10.58 4.63
C ASP A 66 -2.59 -9.77 3.34
N PHE A 67 -1.46 -9.16 2.98
CA PHE A 67 -1.35 -8.46 1.71
C PHE A 67 -1.25 -9.45 0.55
N GLU A 68 -0.73 -10.64 0.82
CA GLU A 68 -0.52 -11.62 -0.23
C GLU A 68 -1.84 -12.26 -0.67
N LEU A 69 -2.83 -12.33 0.20
CA LEU A 69 -4.15 -12.82 -0.23
C LEU A 69 -4.85 -11.83 -1.15
N ALA A 70 -4.65 -10.53 -0.89
CA ALA A 70 -5.12 -9.50 -1.82
C ALA A 70 -4.42 -9.61 -3.17
N MET A 71 -3.11 -9.88 -3.15
CA MET A 71 -2.42 -10.06 -4.43
C MET A 71 -2.84 -11.33 -5.15
N ILE A 72 -3.25 -12.37 -4.40
CA ILE A 72 -3.81 -13.57 -5.03
C ILE A 72 -5.11 -13.23 -5.74
N GLY A 73 -5.96 -12.42 -5.11
CA GLY A 73 -7.19 -11.97 -5.76
C GLY A 73 -6.95 -11.15 -7.01
N LYS A 74 -5.97 -10.25 -6.97
CA LYS A 74 -5.69 -9.41 -8.14
C LYS A 74 -5.06 -10.22 -9.27
N ALA A 75 -4.19 -11.17 -8.94
CA ALA A 75 -3.62 -12.02 -9.98
C ALA A 75 -4.65 -12.98 -10.55
N GLN A 76 -5.63 -13.38 -9.75
CA GLN A 76 -6.73 -14.18 -10.29
C GLN A 76 -7.61 -13.38 -11.23
N THR A 77 -7.78 -12.09 -10.95
CA THR A 77 -8.50 -11.22 -11.89
C THR A 77 -7.75 -11.09 -13.21
N ASN A 78 -6.44 -10.89 -13.16
CA ASN A 78 -5.69 -10.67 -14.38
C ASN A 78 -5.42 -11.97 -15.16
N TYR A 79 -5.38 -13.12 -14.49
CA TYR A 79 -4.95 -14.36 -15.12
C TYR A 79 -6.03 -14.96 -16.00
N TYR A 80 -7.28 -14.95 -15.57
CA TYR A 80 -8.37 -15.58 -16.29
C TYR A 80 -8.93 -14.72 -17.40
N ASN A 81 -8.22 -13.66 -17.80
CA ASN A 81 -8.65 -12.77 -18.87
C ASN A 81 -7.65 -12.77 -20.03
N ASP A 82 -6.82 -13.81 -20.13
CA ASP A 82 -5.79 -13.86 -21.14
C ASP A 82 -5.51 -15.31 -21.49
N ASN A 83 -5.40 -15.61 -22.78
CA ASN A 83 -5.21 -16.98 -23.22
C ASN A 83 -3.75 -17.39 -23.19
N SER A 84 -2.83 -16.43 -23.29
CA SER A 84 -1.41 -16.72 -23.14
C SER A 84 -1.10 -17.27 -21.75
N LEU A 85 -1.57 -16.58 -20.72
CA LEU A 85 -1.34 -17.02 -19.35
C LEU A 85 -2.13 -18.29 -19.03
N LYS A 86 -3.38 -18.37 -19.50
CA LYS A 86 -4.23 -19.50 -19.15
C LYS A 86 -3.79 -20.78 -19.84
N MET A 87 -3.20 -20.67 -21.03
CA MET A 87 -2.81 -21.86 -21.78
C MET A 87 -1.32 -22.11 -21.79
N ASN A 88 -0.51 -21.28 -21.13
CA ASN A 88 0.93 -21.55 -21.08
C ASN A 88 1.42 -21.94 -19.69
N MET A 89 1.16 -21.12 -18.66
CA MET A 89 1.74 -21.34 -17.36
C MET A 89 0.68 -21.69 -16.32
N PRO A 90 1.04 -22.46 -15.28
CA PRO A 90 0.12 -22.67 -14.17
C PRO A 90 -0.03 -21.41 -13.32
N PHE A 91 -0.93 -21.46 -12.35
CA PHE A 91 -1.27 -20.25 -11.62
C PHE A 91 -0.21 -19.84 -10.61
N TYR A 92 0.55 -20.78 -10.05
CA TYR A 92 1.52 -20.39 -9.03
C TYR A 92 2.74 -19.69 -9.64
N THR A 93 3.09 -20.01 -10.89
CA THR A 93 4.16 -19.29 -11.57
C THR A 93 3.76 -17.86 -11.88
N TYR A 94 2.50 -17.64 -12.29
CA TYR A 94 2.05 -16.27 -12.52
C TYR A 94 1.91 -15.50 -11.22
N TYR A 95 1.57 -16.18 -10.13
CA TYR A 95 1.53 -15.50 -8.84
C TYR A 95 2.93 -15.08 -8.39
N ASP A 96 3.94 -15.90 -8.71
CA ASP A 96 5.33 -15.50 -8.46
C ASP A 96 5.73 -14.28 -9.29
N MET A 97 5.31 -14.24 -10.56
CA MET A 97 5.61 -13.09 -11.41
C MET A 97 4.96 -11.81 -10.91
N PHE A 98 3.69 -11.90 -10.49
CA PHE A 98 2.97 -10.77 -9.93
C PHE A 98 3.64 -10.26 -8.65
N LYS A 99 4.10 -11.17 -7.81
CA LYS A 99 4.72 -10.80 -6.55
C LYS A 99 6.06 -10.10 -6.77
N LYS A 100 6.86 -10.58 -7.72
CA LYS A 100 8.13 -9.90 -7.96
C LYS A 100 7.95 -8.58 -8.69
N GLN A 101 6.89 -8.43 -9.48
CA GLN A 101 6.57 -7.11 -10.05
C GLN A 101 6.26 -6.10 -8.96
N GLN A 102 5.51 -6.51 -7.95
CA GLN A 102 5.23 -5.60 -6.83
C GLN A 102 6.48 -5.26 -6.03
N LEU A 103 7.38 -6.24 -5.86
CA LEU A 103 8.64 -5.96 -5.15
C LEU A 103 9.52 -4.98 -5.91
N LEU A 104 9.58 -5.12 -7.24
CA LEU A 104 10.38 -4.19 -8.04
C LEU A 104 9.80 -2.79 -8.02
N LYS A 105 8.46 -2.67 -8.00
CA LYS A 105 7.84 -1.35 -7.84
C LYS A 105 8.18 -0.72 -6.50
N TRP A 106 8.22 -1.53 -5.43
CA TRP A 106 8.64 -1.03 -4.12
C TRP A 106 10.08 -0.55 -4.13
N LEU A 107 10.97 -1.29 -4.77
CA LEU A 107 12.38 -0.91 -4.77
C LEU A 107 12.64 0.31 -5.64
N LYS A 108 11.84 0.51 -6.69
CA LYS A 108 12.04 1.67 -7.54
C LYS A 108 11.49 2.95 -6.91
N ASN A 109 10.24 2.90 -6.42
CA ASN A 109 9.57 4.14 -6.01
C ASN A 109 10.11 4.67 -4.70
N ASN A 110 10.08 3.85 -3.65
CA ASN A 110 10.59 4.24 -2.33
C ASN A 110 11.58 3.21 -1.76
N ARG A 111 12.85 3.38 -2.13
CA ARG A 111 13.89 2.44 -1.76
C ARG A 111 14.31 2.57 -0.31
N ASP A 112 14.13 3.74 0.29
CA ASP A 112 14.65 4.00 1.63
C ASP A 112 13.65 3.71 2.74
N ASP A 113 12.56 2.99 2.45
CA ASP A 113 11.68 2.50 3.49
C ASP A 113 11.47 1.00 3.43
N VAL A 114 12.27 0.27 2.65
CA VAL A 114 12.16 -1.17 2.55
C VAL A 114 12.99 -1.79 3.65
N ILE A 115 12.34 -2.52 4.57
CA ILE A 115 13.03 -3.25 5.61
C ILE A 115 12.76 -4.74 5.42
N GLY A 116 13.50 -5.55 6.15
CA GLY A 116 13.37 -6.99 6.03
C GLY A 116 13.79 -7.69 7.31
N GLY A 117 13.58 -8.99 7.33
CA GLY A 117 13.88 -9.76 8.52
C GLY A 117 13.71 -11.23 8.28
N THR A 118 13.95 -12.00 9.35
CA THR A 118 13.92 -13.46 9.31
C THR A 118 12.59 -13.95 9.91
N GLY A 119 11.87 -14.77 9.15
CA GLY A 119 10.56 -15.23 9.56
C GLY A 119 10.59 -16.58 10.24
N ARG A 120 9.65 -16.77 11.15
CA ARG A 120 9.64 -17.86 12.11
C ARG A 120 8.25 -18.48 12.11
N MET A 121 8.18 -19.80 12.00
CA MET A 121 6.92 -20.48 11.71
C MET A 121 6.68 -21.62 12.69
N TYR A 122 5.50 -21.61 13.32
CA TYR A 122 5.16 -22.60 14.33
C TYR A 122 4.62 -23.88 13.69
N THR A 123 5.09 -25.03 14.21
CA THR A 123 4.73 -26.35 13.72
C THR A 123 3.43 -26.77 14.43
N ALA A 124 3.05 -28.05 14.39
CA ALA A 124 1.85 -28.56 15.01
C ALA A 124 2.06 -28.90 16.46
N SER A 125 3.31 -29.04 16.89
CA SER A 125 3.65 -29.47 18.22
C SER A 125 4.09 -28.31 19.12
N GLY A 126 4.07 -27.09 18.61
CA GLY A 126 4.41 -25.92 19.39
C GLY A 126 5.81 -25.39 19.17
N ASN A 127 6.68 -26.19 18.60
CA ASN A 127 8.06 -25.80 18.36
C ASN A 127 8.16 -25.10 17.03
N TYR A 128 8.91 -24.01 16.96
CA TYR A 128 8.92 -23.29 15.70
C TYR A 128 10.08 -23.72 14.82
N ILE A 129 9.97 -23.36 13.54
CA ILE A 129 11.09 -23.40 12.61
C ILE A 129 11.72 -22.01 12.62
N ALA A 130 12.94 -21.89 13.11
CA ALA A 130 13.66 -20.65 12.98
C ALA A 130 14.18 -20.52 11.56
N ASN A 131 14.02 -19.32 11.00
CA ASN A 131 14.38 -18.98 9.62
C ASN A 131 13.63 -19.87 8.62
N ALA A 132 12.31 -19.66 8.57
CA ALA A 132 11.48 -20.30 7.57
C ALA A 132 11.41 -19.51 6.27
N TYR A 133 11.42 -18.18 6.34
CA TYR A 133 11.29 -17.35 5.15
C TYR A 133 11.96 -16.00 5.40
N LEU A 134 11.86 -15.12 4.39
CA LEU A 134 12.38 -13.76 4.46
C LEU A 134 11.21 -12.78 4.37
N GLU A 135 11.06 -11.95 5.40
CA GLU A 135 10.00 -10.94 5.43
C GLU A 135 10.52 -9.64 4.83
N VAL A 136 9.71 -9.03 3.96
CA VAL A 136 10.04 -7.73 3.36
C VAL A 136 8.86 -6.81 3.56
N ALA A 137 9.06 -5.69 4.26
CA ALA A 137 7.98 -4.76 4.55
C ALA A 137 8.38 -3.34 4.19
N LEU A 138 7.37 -2.47 4.16
CA LEU A 138 7.56 -1.03 4.04
C LEU A 138 7.38 -0.41 5.42
N GLU A 139 8.39 0.34 5.87
CA GLU A 139 8.40 0.85 7.23
C GLU A 139 7.39 1.97 7.46
N SER A 140 6.97 2.65 6.39
CA SER A 140 5.99 3.73 6.53
C SER A 140 4.61 3.21 6.90
N SER A 141 4.29 1.99 6.50
CA SER A 141 2.96 1.41 6.70
C SER A 141 2.89 0.57 7.97
N SER A 142 3.28 1.12 9.11
CA SER A 142 3.25 0.37 10.36
C SER A 142 1.95 0.69 11.10
N LEU A 143 1.37 -0.34 11.70
CA LEU A 143 0.16 -0.16 12.49
C LEU A 143 0.46 0.02 13.97
N GLY A 144 1.46 -0.68 14.47
CA GLY A 144 1.79 -0.67 15.88
C GLY A 144 1.94 -2.09 16.35
N SER A 145 2.73 -2.26 17.42
CA SER A 145 3.01 -3.56 18.05
C SER A 145 3.69 -4.54 17.10
N GLY A 146 4.50 -4.01 16.18
CA GLY A 146 5.24 -4.86 15.26
C GLY A 146 4.46 -5.38 14.08
N SER A 147 3.38 -4.70 13.69
CA SER A 147 2.58 -5.10 12.54
C SER A 147 2.78 -4.10 11.41
N TYR A 148 2.79 -4.62 10.18
CA TYR A 148 2.91 -3.79 8.99
C TYR A 148 1.75 -4.09 8.07
N MET A 149 1.23 -3.06 7.42
CA MET A 149 0.09 -3.26 6.53
C MET A 149 0.52 -3.86 5.21
N LEU A 150 1.61 -3.39 4.62
CA LEU A 150 2.12 -3.90 3.37
C LEU A 150 3.37 -4.72 3.64
N GLN A 151 3.27 -6.03 3.45
CA GLN A 151 4.33 -6.95 3.83
C GLN A 151 4.28 -8.18 2.94
N MET A 152 5.43 -8.60 2.44
CA MET A 152 5.55 -9.76 1.58
C MET A 152 6.54 -10.74 2.18
N ARG A 153 6.67 -11.89 1.52
CA ARG A 153 7.24 -13.08 2.14
C ARG A 153 7.89 -13.92 1.05
N PHE A 154 9.21 -14.10 1.11
CA PHE A 154 9.98 -14.77 0.06
C PHE A 154 10.79 -15.91 0.64
N LYS A 155 11.45 -16.66 -0.24
CA LYS A 155 12.34 -17.74 0.14
C LYS A 155 13.53 -17.77 -0.82
N ASP A 156 14.74 -17.82 -0.29
CA ASP A 156 15.93 -17.78 -1.13
C ASP A 156 16.35 -19.18 -1.57
N TYR A 157 16.70 -19.29 -2.84
CA TYR A 157 17.10 -20.53 -3.48
C TYR A 157 18.53 -20.46 -3.98
N SER A 158 19.38 -19.76 -3.24
CA SER A 158 20.77 -19.61 -3.64
C SER A 158 21.51 -20.93 -3.48
N LYS A 159 22.62 -21.05 -4.21
CA LYS A 159 23.46 -22.23 -4.14
C LYS A 159 24.72 -22.02 -3.32
N GLY A 160 24.95 -20.79 -2.85
CA GLY A 160 26.09 -20.52 -1.99
C GLY A 160 25.73 -20.63 -0.52
N GLN A 161 26.71 -21.01 0.28
CA GLN A 161 26.49 -21.20 1.71
C GLN A 161 26.89 -19.96 2.49
N GLU A 162 26.34 -18.81 2.11
CA GLU A 162 26.51 -17.58 2.85
C GLU A 162 25.14 -17.04 3.22
N PRO A 163 24.92 -16.65 4.47
CA PRO A 163 23.58 -16.21 4.88
C PRO A 163 23.34 -14.76 4.48
N ILE A 164 22.08 -14.36 4.62
CA ILE A 164 21.67 -12.97 4.38
C ILE A 164 22.26 -12.09 5.48
N PRO A 165 22.85 -10.94 5.15
CA PRO A 165 23.43 -10.09 6.18
C PRO A 165 22.37 -9.30 6.93
N SER A 166 22.77 -8.79 8.10
CA SER A 166 21.88 -7.99 8.93
C SER A 166 22.19 -6.52 8.75
N GLY A 167 21.34 -5.69 9.33
CA GLY A 167 21.44 -4.27 9.06
C GLY A 167 20.68 -3.87 7.82
N ARG A 168 20.19 -2.63 7.83
CA ARG A 168 19.29 -2.15 6.79
C ARG A 168 19.98 -2.06 5.44
N GLN A 169 21.18 -1.46 5.42
CA GLN A 169 21.92 -1.26 4.19
C GLN A 169 22.43 -2.57 3.61
N ASN A 170 22.95 -3.47 4.46
CA ASN A 170 23.51 -4.73 3.98
C ASN A 170 22.43 -5.66 3.45
N ARG A 171 21.30 -5.73 4.15
CA ARG A 171 20.21 -6.59 3.68
C ARG A 171 19.53 -6.02 2.44
N LEU A 172 19.44 -4.69 2.32
CA LEU A 172 18.92 -4.09 1.10
C LEU A 172 19.84 -4.36 -0.09
N GLU A 173 21.15 -4.32 0.13
CA GLU A 173 22.08 -4.66 -0.93
C GLU A 173 22.00 -6.13 -1.32
N TRP A 174 21.79 -7.02 -0.34
CA TRP A 174 21.61 -8.44 -0.66
C TRP A 174 20.34 -8.67 -1.47
N ILE A 175 19.26 -7.98 -1.12
CA ILE A 175 18.00 -8.16 -1.85
C ILE A 175 18.14 -7.63 -3.27
N GLU A 176 18.84 -6.51 -3.45
CA GLU A 176 19.03 -5.97 -4.80
C GLU A 176 19.99 -6.82 -5.63
N ASN A 177 20.91 -7.53 -5.01
CA ASN A 177 21.86 -8.33 -5.79
C ASN A 177 21.36 -9.73 -6.12
N ASN A 178 20.41 -10.27 -5.35
CA ASN A 178 19.95 -11.64 -5.49
C ASN A 178 18.50 -11.71 -5.96
N LEU A 179 18.13 -10.86 -6.92
CA LEU A 179 16.74 -10.70 -7.32
C LEU A 179 16.22 -11.83 -8.20
N GLU A 180 17.09 -12.77 -8.61
CA GLU A 180 16.71 -13.93 -9.36
C GLU A 180 16.73 -15.21 -8.53
N ASN A 181 17.25 -15.15 -7.32
CA ASN A 181 17.39 -16.33 -6.48
C ASN A 181 16.29 -16.48 -5.44
N ILE A 182 15.59 -15.40 -5.13
CA ILE A 182 14.47 -15.48 -4.20
C ILE A 182 13.20 -15.75 -4.99
N ARG A 183 12.24 -16.39 -4.34
CA ARG A 183 11.04 -16.83 -5.03
C ARG A 183 9.89 -17.01 -4.05
N MET B 1 -8.18 -15.38 6.63
CA MET B 1 -8.74 -14.76 7.83
C MET B 1 -9.31 -15.81 8.77
N LYS B 2 -10.23 -15.38 9.63
CA LYS B 2 -10.96 -16.27 10.52
C LYS B 2 -12.44 -16.13 10.23
N ILE B 3 -13.14 -17.25 10.11
CA ILE B 3 -14.57 -17.28 9.83
C ILE B 3 -15.29 -17.66 11.11
N ASN B 4 -16.12 -16.76 11.62
CA ASN B 4 -16.93 -17.03 12.81
C ASN B 4 -18.20 -16.20 12.75
N ASP B 5 -18.85 -16.03 13.91
CA ASP B 5 -20.13 -15.33 13.98
C ASP B 5 -19.99 -13.83 13.73
N ASP B 6 -18.82 -13.26 14.06
CA ASP B 6 -18.57 -11.85 13.80
C ASP B 6 -18.53 -11.55 12.31
N ILE B 7 -18.01 -12.50 11.51
CA ILE B 7 -18.05 -12.38 10.06
C ILE B 7 -19.48 -12.45 9.55
N LYS B 8 -20.35 -13.22 10.22
CA LYS B 8 -21.75 -13.26 9.84
C LYS B 8 -22.45 -11.92 10.09
N GLU B 9 -22.17 -11.30 11.24
CA GLU B 9 -22.76 -9.98 11.51
C GLU B 9 -22.22 -8.93 10.54
N LEU B 10 -20.93 -8.99 10.20
CA LEU B 10 -20.34 -8.04 9.25
C LEU B 10 -20.94 -8.20 7.86
N ILE B 11 -21.19 -9.45 7.44
CA ILE B 11 -21.80 -9.74 6.14
C ILE B 11 -23.21 -9.19 6.08
N LEU B 12 -24.01 -9.41 7.14
CA LEU B 12 -25.39 -8.93 7.12
C LEU B 12 -25.46 -7.41 7.17
N GLU B 13 -24.55 -6.77 7.92
CA GLU B 13 -24.49 -5.32 7.97
C GLU B 13 -24.17 -4.70 6.61
N TYR B 14 -23.14 -5.23 5.94
CA TYR B 14 -22.76 -4.60 4.66
C TYR B 14 -23.73 -4.95 3.54
N MET B 15 -24.43 -6.08 3.64
CA MET B 15 -25.53 -6.36 2.73
C MET B 15 -26.68 -5.37 2.93
N SER B 16 -27.01 -5.06 4.19
CA SER B 16 -28.05 -4.05 4.45
C SER B 16 -27.59 -2.65 4.08
N ARG B 17 -26.29 -2.45 3.94
CA ARG B 17 -25.76 -1.14 3.55
C ARG B 17 -25.79 -0.93 2.05
N TYR B 18 -25.42 -1.92 1.25
CA TYR B 18 -25.31 -1.68 -0.20
C TYR B 18 -26.56 -2.05 -1.00
N PHE B 19 -27.24 -3.13 -0.63
CA PHE B 19 -28.42 -3.57 -1.35
C PHE B 19 -29.66 -3.15 -0.57
N LYS B 20 -30.72 -2.78 -1.30
CA LYS B 20 -31.90 -2.24 -0.66
C LYS B 20 -33.02 -3.27 -0.53
N PHE B 21 -33.08 -4.23 -1.45
CA PHE B 21 -33.91 -5.42 -1.32
C PHE B 21 -32.98 -6.62 -1.20
N GLU B 22 -33.21 -7.47 -0.19
CA GLU B 22 -32.28 -8.55 0.13
C GLU B 22 -32.19 -9.60 -0.98
N ASN B 23 -33.24 -9.77 -1.77
CA ASN B 23 -33.21 -10.76 -2.84
C ASN B 23 -32.43 -10.29 -4.05
N ASP B 24 -31.90 -9.07 -4.02
CA ASP B 24 -30.88 -8.67 -4.99
C ASP B 24 -29.56 -9.36 -4.71
N PHE B 25 -29.32 -9.75 -3.46
CA PHE B 25 -28.04 -10.30 -3.03
C PHE B 25 -28.03 -11.82 -2.96
N TYR B 26 -29.00 -12.44 -2.28
CA TYR B 26 -28.89 -13.87 -2.00
C TYR B 26 -29.20 -14.76 -3.20
N LYS B 27 -29.44 -14.20 -4.38
CA LYS B 27 -29.68 -14.99 -5.57
C LYS B 27 -28.60 -14.77 -6.62
N LEU B 28 -27.47 -14.20 -6.23
CA LEU B 28 -26.37 -13.95 -7.15
C LEU B 28 -25.74 -15.27 -7.60
N PRO B 29 -25.12 -15.29 -8.79
CA PRO B 29 -24.39 -16.49 -9.22
C PRO B 29 -23.16 -16.72 -8.36
N GLY B 30 -23.03 -17.93 -7.84
CA GLY B 30 -21.98 -18.27 -6.92
C GLY B 30 -22.43 -18.29 -5.47
N ILE B 31 -23.48 -17.55 -5.14
CA ILE B 31 -24.00 -17.49 -3.78
C ILE B 31 -25.23 -18.39 -3.71
N LYS B 32 -26.29 -18.01 -4.42
CA LYS B 32 -27.39 -18.88 -4.85
C LYS B 32 -28.11 -19.55 -3.68
N PHE B 33 -28.73 -18.74 -2.83
CA PHE B 33 -29.56 -19.30 -1.77
C PHE B 33 -30.95 -19.62 -2.30
N THR B 34 -31.75 -20.23 -1.43
CA THR B 34 -33.19 -20.32 -1.60
C THR B 34 -33.86 -19.66 -0.41
N ASP B 35 -35.16 -19.39 -0.55
CA ASP B 35 -35.88 -18.49 0.34
C ASP B 35 -35.95 -19.04 1.76
N ALA B 36 -36.28 -20.33 1.88
CA ALA B 36 -36.27 -21.00 3.18
C ALA B 36 -34.86 -21.12 3.73
N ASN B 37 -33.88 -21.41 2.86
CA ASN B 37 -32.50 -21.52 3.32
C ASN B 37 -31.90 -20.17 3.65
N TRP B 38 -32.32 -19.10 2.95
CA TRP B 38 -31.87 -17.77 3.32
C TRP B 38 -32.45 -17.35 4.66
N GLN B 39 -33.71 -17.72 4.93
CA GLN B 39 -34.25 -17.44 6.25
C GLN B 39 -33.60 -18.28 7.32
N LYS B 40 -33.12 -19.48 6.97
CA LYS B 40 -32.34 -20.28 7.91
C LYS B 40 -30.99 -19.63 8.23
N PHE B 41 -30.30 -19.12 7.20
CA PHE B 41 -29.01 -18.46 7.40
C PHE B 41 -29.15 -17.16 8.18
N LYS B 42 -30.16 -16.35 7.84
CA LYS B 42 -30.29 -15.02 8.41
C LYS B 42 -30.68 -15.06 9.88
N ASN B 43 -31.64 -15.92 10.23
CA ASN B 43 -32.22 -15.94 11.56
C ASN B 43 -31.49 -16.85 12.53
N GLY B 44 -30.20 -17.10 12.30
CA GLY B 44 -29.35 -17.76 13.27
C GLY B 44 -29.28 -19.26 13.18
N GLY B 45 -29.87 -19.87 12.17
CA GLY B 45 -29.99 -21.31 12.12
C GLY B 45 -28.72 -22.06 11.76
N THR B 46 -28.04 -21.63 10.70
CA THR B 46 -26.91 -22.35 10.14
C THR B 46 -25.60 -21.76 10.63
N ASP B 47 -24.69 -22.63 11.08
CA ASP B 47 -23.36 -22.21 11.48
C ASP B 47 -22.49 -21.92 10.27
N ILE B 48 -21.81 -20.77 10.27
CA ILE B 48 -21.10 -20.30 9.10
C ILE B 48 -19.79 -21.02 8.85
N GLU B 49 -19.27 -21.75 9.82
CA GLU B 49 -17.93 -22.31 9.73
C GLU B 49 -17.89 -23.66 9.04
N LYS B 50 -19.03 -24.34 8.87
CA LYS B 50 -19.10 -25.63 8.21
C LYS B 50 -19.77 -25.56 6.85
N MET B 51 -19.99 -24.36 6.32
CA MET B 51 -20.56 -24.21 4.99
C MET B 51 -19.50 -24.45 3.93
N GLY B 52 -19.87 -24.24 2.67
CA GLY B 52 -18.91 -24.38 1.60
C GLY B 52 -17.93 -23.23 1.62
N ALA B 53 -16.69 -23.52 1.19
CA ALA B 53 -15.67 -22.47 1.19
C ALA B 53 -15.91 -21.48 0.06
N ALA B 54 -16.35 -21.98 -1.09
CA ALA B 54 -16.56 -21.12 -2.25
C ALA B 54 -17.74 -20.16 -2.06
N ARG B 55 -18.77 -20.56 -1.31
CA ARG B 55 -19.92 -19.69 -1.11
C ARG B 55 -19.60 -18.53 -0.17
N VAL B 56 -18.92 -18.80 0.95
CA VAL B 56 -18.56 -17.74 1.87
C VAL B 56 -17.51 -16.82 1.24
N ASN B 57 -16.59 -17.40 0.46
CA ASN B 57 -15.64 -16.54 -0.24
C ASN B 57 -16.30 -15.72 -1.34
N ALA B 58 -17.38 -16.22 -1.95
CA ALA B 58 -18.11 -15.42 -2.93
C ALA B 58 -18.86 -14.27 -2.28
N MET B 59 -19.46 -14.51 -1.11
CA MET B 59 -20.14 -13.43 -0.38
C MET B 59 -19.15 -12.34 0.03
N LEU B 60 -18.00 -12.73 0.59
CA LEU B 60 -16.99 -11.76 0.99
C LEU B 60 -16.38 -11.05 -0.21
N ASP B 61 -16.24 -11.74 -1.34
CA ASP B 61 -15.70 -11.12 -2.54
C ASP B 61 -16.69 -10.12 -3.14
N CYS B 62 -18.00 -10.38 -3.01
CA CYS B 62 -18.95 -9.40 -3.53
C CYS B 62 -19.00 -8.16 -2.66
N LEU B 63 -18.99 -8.32 -1.33
CA LEU B 63 -19.22 -7.15 -0.50
C LEU B 63 -17.97 -6.32 -0.25
N PHE B 64 -16.77 -6.85 -0.44
CA PHE B 64 -15.55 -6.17 -0.05
C PHE B 64 -14.54 -6.13 -1.19
N ASP B 65 -13.71 -5.10 -1.15
CA ASP B 65 -12.59 -4.95 -2.08
C ASP B 65 -11.48 -5.93 -1.70
N ASP B 66 -10.42 -5.99 -2.51
CA ASP B 66 -9.33 -6.90 -2.19
C ASP B 66 -8.44 -6.38 -1.08
N PHE B 67 -8.25 -5.06 -0.99
CA PHE B 67 -7.49 -4.49 0.12
C PHE B 67 -8.30 -4.53 1.41
N GLU B 68 -9.62 -4.51 1.30
CA GLU B 68 -10.48 -4.48 2.48
C GLU B 68 -10.52 -5.83 3.20
N LEU B 69 -10.30 -6.94 2.47
CA LEU B 69 -10.22 -8.23 3.14
C LEU B 69 -8.92 -8.36 3.95
N ALA B 70 -7.84 -7.76 3.44
CA ALA B 70 -6.61 -7.65 4.21
C ALA B 70 -6.80 -6.81 5.46
N MET B 71 -7.55 -5.71 5.35
CA MET B 71 -7.82 -4.90 6.52
C MET B 71 -8.75 -5.61 7.51
N ILE B 72 -9.63 -6.49 7.02
CA ILE B 72 -10.43 -7.31 7.92
C ILE B 72 -9.55 -8.25 8.72
N GLY B 73 -8.56 -8.86 8.06
CA GLY B 73 -7.62 -9.71 8.77
C GLY B 73 -6.79 -8.98 9.82
N LYS B 74 -6.34 -7.76 9.49
CA LYS B 74 -5.55 -7.00 10.45
C LYS B 74 -6.38 -6.48 11.62
N ALA B 75 -7.62 -6.09 11.36
CA ALA B 75 -8.49 -5.67 12.46
C ALA B 75 -8.92 -6.85 13.32
N GLN B 76 -9.01 -8.05 12.73
CA GLN B 76 -9.27 -9.24 13.53
C GLN B 76 -8.09 -9.58 14.41
N THR B 77 -6.87 -9.34 13.93
CA THR B 77 -5.69 -9.52 14.78
C THR B 77 -5.70 -8.55 15.95
N ASN B 78 -6.01 -7.28 15.70
CA ASN B 78 -5.95 -6.29 16.77
C ASN B 78 -7.14 -6.36 17.73
N TYR B 79 -8.29 -6.85 17.26
CA TYR B 79 -9.53 -6.78 18.05
C TYR B 79 -9.56 -7.82 19.16
N TYR B 80 -9.13 -9.04 18.88
CA TYR B 80 -9.22 -10.13 19.84
C TYR B 80 -8.07 -10.14 20.85
N ASN B 81 -7.32 -9.04 20.96
CA ASN B 81 -6.22 -8.93 21.89
C ASN B 81 -6.46 -7.80 22.89
N ASP B 82 -7.71 -7.39 23.07
CA ASP B 82 -8.02 -6.27 23.95
C ASP B 82 -9.41 -6.46 24.50
N ASN B 83 -9.57 -6.23 25.81
CA ASN B 83 -10.85 -6.46 26.46
C ASN B 83 -11.79 -5.27 26.32
N SER B 84 -11.23 -4.07 26.13
CA SER B 84 -12.05 -2.88 25.85
C SER B 84 -12.85 -3.06 24.57
N LEU B 85 -12.16 -3.44 23.49
CA LEU B 85 -12.82 -3.63 22.21
C LEU B 85 -13.72 -4.86 22.23
N LYS B 86 -13.26 -5.94 22.85
CA LYS B 86 -14.03 -7.19 22.82
C LYS B 86 -15.29 -7.11 23.67
N MET B 87 -15.27 -6.31 24.73
CA MET B 87 -16.41 -6.24 25.62
C MET B 87 -17.20 -4.95 25.50
N ASN B 88 -16.83 -4.04 24.60
CA ASN B 88 -17.61 -2.83 24.42
C ASN B 88 -18.32 -2.76 23.08
N MET B 89 -17.61 -2.91 21.97
CA MET B 89 -18.18 -2.68 20.64
C MET B 89 -18.23 -3.97 19.83
N PRO B 90 -19.20 -4.11 18.91
CA PRO B 90 -19.17 -5.24 17.98
C PRO B 90 -18.07 -5.07 16.95
N PHE B 91 -17.90 -6.10 16.12
CA PHE B 91 -16.74 -6.12 15.24
C PHE B 91 -16.89 -5.18 14.04
N TYR B 92 -18.10 -4.92 13.57
CA TYR B 92 -18.24 -4.08 12.38
C TYR B 92 -17.98 -2.61 12.70
N THR B 93 -18.25 -2.17 13.93
CA THR B 93 -17.92 -0.81 14.32
C THR B 93 -16.41 -0.62 14.43
N TYR B 94 -15.69 -1.62 14.95
CA TYR B 94 -14.23 -1.51 14.98
C TYR B 94 -13.63 -1.60 13.60
N TYR B 95 -14.26 -2.35 12.69
CA TYR B 95 -13.77 -2.39 11.32
C TYR B 95 -13.97 -1.04 10.63
N ASP B 96 -15.07 -0.34 10.95
CA ASP B 96 -15.25 1.02 10.47
C ASP B 96 -14.19 1.98 11.01
N MET B 97 -13.83 1.84 12.29
CA MET B 97 -12.79 2.69 12.88
C MET B 97 -11.42 2.44 12.24
N PHE B 98 -11.09 1.17 12.01
CA PHE B 98 -9.83 0.80 11.34
C PHE B 98 -9.77 1.36 9.92
N LYS B 99 -10.90 1.30 9.21
CA LYS B 99 -10.94 1.78 7.83
C LYS B 99 -10.77 3.29 7.75
N LYS B 100 -11.39 4.04 8.67
CA LYS B 100 -11.23 5.49 8.61
C LYS B 100 -9.86 5.92 9.12
N GLN B 101 -9.22 5.15 9.99
CA GLN B 101 -7.83 5.42 10.35
C GLN B 101 -6.90 5.30 9.14
N GLN B 102 -7.13 4.27 8.32
CA GLN B 102 -6.32 4.12 7.11
C GLN B 102 -6.58 5.25 6.10
N LEU B 103 -7.83 5.70 6.00
CA LEU B 103 -8.14 6.81 5.10
C LEU B 103 -7.48 8.12 5.56
N LEU B 104 -7.46 8.37 6.87
CA LEU B 104 -6.82 9.57 7.38
C LEU B 104 -5.31 9.53 7.20
N LYS B 105 -4.70 8.35 7.31
CA LYS B 105 -3.28 8.21 7.01
C LYS B 105 -2.99 8.50 5.53
N TRP B 106 -3.88 8.05 4.64
CA TRP B 106 -3.74 8.37 3.22
C TRP B 106 -3.82 9.87 2.95
N LEU B 107 -4.78 10.54 3.59
CA LEU B 107 -4.95 11.97 3.36
C LEU B 107 -3.83 12.79 3.95
N LYS B 108 -3.22 12.32 5.05
CA LYS B 108 -2.12 13.08 5.63
C LYS B 108 -0.83 12.89 4.85
N ASN B 109 -0.45 11.65 4.55
CA ASN B 109 0.89 11.40 4.02
C ASN B 109 1.02 11.83 2.57
N ASN B 110 0.14 11.33 1.69
CA ASN B 110 0.15 11.69 0.27
C ASN B 110 -1.23 12.13 -0.23
N ARG B 111 -1.51 13.42 -0.05
CA ARG B 111 -2.81 13.99 -0.38
C ARG B 111 -3.03 14.15 -1.88
N ASP B 112 -1.95 14.29 -2.65
CA ASP B 112 -2.08 14.61 -4.06
C ASP B 112 -2.10 13.38 -4.97
N ASP B 113 -2.32 12.19 -4.41
CA ASP B 113 -2.56 11.00 -5.22
C ASP B 113 -3.86 10.31 -4.88
N VAL B 114 -4.71 10.92 -4.09
CA VAL B 114 -6.00 10.34 -3.71
C VAL B 114 -7.02 10.67 -4.79
N ILE B 115 -7.54 9.66 -5.46
CA ILE B 115 -8.61 9.84 -6.44
C ILE B 115 -9.84 9.09 -5.95
N GLY B 116 -10.97 9.35 -6.61
CA GLY B 116 -12.22 8.76 -6.21
C GLY B 116 -13.17 8.66 -7.39
N GLY B 117 -14.29 8.00 -7.15
CA GLY B 117 -15.25 7.79 -8.22
C GLY B 117 -16.52 7.15 -7.69
N THR B 118 -17.44 6.91 -8.61
CA THR B 118 -18.76 6.36 -8.32
C THR B 118 -18.78 4.87 -8.65
N GLY B 119 -19.17 4.07 -7.67
CA GLY B 119 -19.15 2.62 -7.81
C GLY B 119 -20.49 2.04 -8.25
N ARG B 120 -20.41 0.95 -8.99
CA ARG B 120 -21.52 0.39 -9.72
C ARG B 120 -21.58 -1.11 -9.43
N MET B 121 -22.75 -1.63 -9.07
CA MET B 121 -22.86 -2.97 -8.51
C MET B 121 -23.93 -3.77 -9.24
N TYR B 122 -23.56 -4.95 -9.70
CA TYR B 122 -24.46 -5.81 -10.47
C TYR B 122 -25.36 -6.63 -9.55
N THR B 123 -26.64 -6.71 -9.90
CA THR B 123 -27.66 -7.42 -9.14
C THR B 123 -27.65 -8.88 -9.60
N ALA B 124 -28.67 -9.67 -9.28
CA ALA B 124 -28.76 -11.08 -9.64
C ALA B 124 -29.33 -11.28 -11.03
N SER B 125 -29.98 -10.25 -11.57
CA SER B 125 -30.67 -10.33 -12.84
C SER B 125 -29.88 -9.69 -13.98
N GLY B 126 -28.68 -9.18 -13.71
CA GLY B 126 -27.83 -8.60 -14.72
C GLY B 126 -27.85 -7.09 -14.78
N ASN B 127 -28.84 -6.46 -14.17
CA ASN B 127 -28.97 -5.02 -14.20
C ASN B 127 -28.21 -4.43 -13.03
N TYR B 128 -27.49 -3.34 -13.26
CA TYR B 128 -26.67 -2.86 -12.15
C TYR B 128 -27.40 -1.78 -11.36
N ILE B 129 -26.87 -1.52 -10.17
CA ILE B 129 -27.22 -0.33 -9.40
C ILE B 129 -26.18 0.72 -9.73
N ALA B 130 -26.60 1.80 -10.38
CA ALA B 130 -25.71 2.93 -10.58
C ALA B 130 -25.61 3.70 -9.28
N ASN B 131 -24.39 4.09 -8.92
CA ASN B 131 -24.04 4.79 -7.68
C ASN B 131 -24.45 3.98 -6.45
N ALA B 132 -23.75 2.85 -6.28
CA ALA B 132 -23.91 2.04 -5.08
C ALA B 132 -23.01 2.50 -3.95
N TYR B 133 -21.79 2.96 -4.25
CA TYR B 133 -20.84 3.36 -3.23
C TYR B 133 -19.88 4.40 -3.80
N LEU B 134 -18.92 4.79 -2.97
CA LEU B 134 -17.87 5.74 -3.33
C LEU B 134 -16.53 5.04 -3.29
N GLU B 135 -15.83 4.99 -4.42
CA GLU B 135 -14.51 4.38 -4.50
C GLU B 135 -13.43 5.41 -4.21
N VAL B 136 -12.46 5.05 -3.37
CA VAL B 136 -11.32 5.93 -3.06
C VAL B 136 -10.05 5.13 -3.27
N ALA B 137 -9.19 5.58 -4.18
CA ALA B 137 -7.96 4.86 -4.50
C ALA B 137 -6.76 5.79 -4.46
N LEU B 138 -5.58 5.18 -4.45
CA LEU B 138 -4.32 5.88 -4.62
C LEU B 138 -3.84 5.69 -6.04
N GLU B 139 -3.58 6.80 -6.75
CA GLU B 139 -3.29 6.74 -8.17
C GLU B 139 -1.90 6.17 -8.46
N SER B 140 -1.00 6.21 -7.49
CA SER B 140 0.34 5.67 -7.71
C SER B 140 0.34 4.15 -7.80
N SER B 141 -0.61 3.50 -7.14
CA SER B 141 -0.66 2.04 -7.08
C SER B 141 -1.56 1.44 -8.15
N SER B 142 -1.34 1.79 -9.41
CA SER B 142 -2.15 1.27 -10.49
C SER B 142 -1.48 0.06 -11.10
N LEU B 143 -2.27 -0.96 -11.43
CA LEU B 143 -1.74 -2.15 -12.08
C LEU B 143 -1.87 -2.07 -13.59
N GLY B 144 -2.95 -1.50 -14.09
CA GLY B 144 -3.22 -1.45 -15.51
C GLY B 144 -4.66 -1.91 -15.73
N SER B 145 -5.24 -1.44 -16.83
CA SER B 145 -6.62 -1.75 -17.26
C SER B 145 -7.65 -1.30 -16.24
N GLY B 146 -7.37 -0.20 -15.54
CA GLY B 146 -8.31 0.35 -14.58
C GLY B 146 -8.34 -0.33 -13.23
N SER B 147 -7.28 -1.01 -12.83
CA SER B 147 -7.21 -1.67 -11.54
C SER B 147 -6.23 -0.94 -10.65
N TYR B 148 -6.55 -0.88 -9.36
CA TYR B 148 -5.69 -0.26 -8.37
C TYR B 148 -5.42 -1.27 -7.26
N MET B 149 -4.20 -1.26 -6.75
CA MET B 149 -3.84 -2.22 -5.71
C MET B 149 -4.40 -1.79 -4.35
N LEU B 150 -4.30 -0.51 -4.02
CA LEU B 150 -4.82 0.01 -2.74
C LEU B 150 -6.08 0.81 -3.04
N GLN B 151 -7.22 0.29 -2.61
CA GLN B 151 -8.50 0.88 -2.94
C GLN B 151 -9.49 0.56 -1.84
N MET B 152 -10.26 1.56 -1.42
CA MET B 152 -11.27 1.42 -0.38
C MET B 152 -12.62 1.87 -0.93
N ARG B 153 -13.64 1.70 -0.08
CA ARG B 153 -15.03 1.69 -0.54
C ARG B 153 -15.92 2.20 0.58
N PHE B 154 -16.58 3.33 0.38
CA PHE B 154 -17.35 3.99 1.43
C PHE B 154 -18.79 4.22 0.97
N LYS B 155 -19.62 4.73 1.89
CA LYS B 155 -20.99 5.11 1.60
C LYS B 155 -21.35 6.35 2.39
N ASP B 156 -21.92 7.35 1.73
CA ASP B 156 -22.23 8.61 2.39
C ASP B 156 -23.62 8.58 3.01
N TYR B 157 -23.69 9.09 4.23
CA TYR B 157 -24.92 9.14 5.03
C TYR B 157 -25.32 10.57 5.32
N SER B 158 -25.09 11.46 4.37
CA SER B 158 -25.43 12.86 4.55
C SER B 158 -26.94 13.05 4.55
N LYS B 159 -27.38 14.16 5.13
CA LYS B 159 -28.80 14.51 5.18
C LYS B 159 -29.16 15.59 4.17
N GLY B 160 -28.19 16.14 3.47
CA GLY B 160 -28.47 17.13 2.45
C GLY B 160 -28.61 16.48 1.08
N GLN B 161 -29.42 17.10 0.24
CA GLN B 161 -29.70 16.57 -1.10
C GLN B 161 -28.79 17.24 -2.14
N GLU B 162 -27.49 17.20 -1.90
CA GLU B 162 -26.51 17.66 -2.86
C GLU B 162 -25.54 16.53 -3.15
N PRO B 163 -25.24 16.24 -4.41
CA PRO B 163 -24.39 15.09 -4.72
C PRO B 163 -22.92 15.44 -4.56
N ILE B 164 -22.10 14.40 -4.60
CA ILE B 164 -20.64 14.56 -4.58
C ILE B 164 -20.19 15.22 -5.88
N PRO B 165 -19.32 16.21 -5.84
CA PRO B 165 -18.87 16.86 -7.08
C PRO B 165 -17.84 16.02 -7.82
N SER B 166 -17.66 16.35 -9.08
CA SER B 166 -16.70 15.68 -9.94
C SER B 166 -15.44 16.51 -10.07
N GLY B 167 -14.43 15.92 -10.66
CA GLY B 167 -13.12 16.56 -10.68
C GLY B 167 -12.32 16.23 -9.44
N ARG B 168 -11.00 16.22 -9.62
CA ARG B 168 -10.09 15.76 -8.57
C ARG B 168 -10.11 16.67 -7.36
N GLN B 169 -10.01 17.97 -7.59
CA GLN B 169 -9.96 18.95 -6.53
C GLN B 169 -11.28 19.06 -5.79
N ASN B 170 -12.40 19.08 -6.52
CA ASN B 170 -13.72 19.23 -5.90
C ASN B 170 -14.10 18.00 -5.08
N ARG B 171 -13.82 16.81 -5.60
CA ARG B 171 -14.14 15.60 -4.86
C ARG B 171 -13.22 15.41 -3.66
N LEU B 172 -11.95 15.81 -3.78
CA LEU B 172 -11.05 15.76 -2.63
C LEU B 172 -11.50 16.74 -1.53
N GLU B 173 -11.98 17.91 -1.92
CA GLU B 173 -12.52 18.85 -0.94
C GLU B 173 -13.79 18.33 -0.29
N TRP B 174 -14.65 17.64 -1.05
CA TRP B 174 -15.84 17.04 -0.46
C TRP B 174 -15.48 15.94 0.52
N ILE B 175 -14.49 15.11 0.20
CA ILE B 175 -14.09 14.04 1.10
C ILE B 175 -13.49 14.61 2.37
N GLU B 176 -12.69 15.68 2.26
CA GLU B 176 -12.11 16.29 3.45
C GLU B 176 -13.14 17.02 4.29
N ASN B 177 -14.23 17.51 3.70
CA ASN B 177 -15.22 18.24 4.48
C ASN B 177 -16.28 17.34 5.12
N ASN B 178 -16.50 16.14 4.59
CA ASN B 178 -17.58 15.26 5.04
C ASN B 178 -17.04 13.99 5.69
N LEU B 179 -16.00 14.13 6.51
CA LEU B 179 -15.28 12.98 7.05
C LEU B 179 -16.02 12.28 8.19
N GLU B 180 -17.16 12.82 8.63
CA GLU B 180 -17.99 12.19 9.63
C GLU B 180 -19.26 11.61 9.05
N ASN B 181 -19.57 11.88 7.78
CA ASN B 181 -20.80 11.44 7.16
C ASN B 181 -20.64 10.20 6.32
N ILE B 182 -19.43 9.86 5.91
CA ILE B 182 -19.19 8.64 5.15
C ILE B 182 -18.86 7.53 6.13
N ARG B 183 -19.17 6.30 5.74
CA ARG B 183 -19.04 5.16 6.64
C ARG B 183 -18.88 3.87 5.86
N ASP C 3 9.89 3.08 71.86
CA ASP C 3 8.96 2.28 72.67
C ASP C 3 8.85 0.88 72.12
N LEU C 4 9.25 0.70 70.87
CA LEU C 4 9.19 -0.57 70.18
C LEU C 4 10.60 -1.03 69.84
N VAL C 5 10.78 -2.34 69.74
CA VAL C 5 12.09 -2.94 69.50
C VAL C 5 12.03 -3.77 68.23
N LEU C 6 12.97 -3.54 67.31
CA LEU C 6 13.06 -4.24 66.04
C LEU C 6 14.15 -5.30 66.12
N GLY C 7 13.90 -6.46 65.50
CA GLY C 7 14.89 -7.51 65.45
C GLY C 7 14.94 -8.22 64.11
N LEU C 8 16.16 -8.55 63.67
CA LEU C 8 16.38 -9.17 62.38
C LEU C 8 17.37 -10.32 62.51
N ASP C 9 17.03 -11.45 61.88
CA ASP C 9 17.90 -12.61 61.76
C ASP C 9 18.27 -12.74 60.29
N ILE C 10 19.55 -12.50 59.99
CA ILE C 10 20.06 -12.43 58.62
C ILE C 10 20.71 -13.76 58.28
N GLY C 11 20.26 -14.38 57.18
CA GLY C 11 20.87 -15.59 56.68
C GLY C 11 21.41 -15.46 55.27
N ILE C 12 21.67 -16.60 54.62
CA ILE C 12 22.20 -16.58 53.26
C ILE C 12 21.13 -16.14 52.26
N GLY C 13 19.96 -16.77 52.33
CA GLY C 13 18.89 -16.45 51.40
C GLY C 13 17.60 -16.06 52.08
N SER C 14 17.67 -15.71 53.35
CA SER C 14 16.45 -15.40 54.10
C SER C 14 16.77 -14.40 55.18
N VAL C 15 15.78 -13.57 55.51
CA VAL C 15 15.79 -12.80 56.75
C VAL C 15 14.47 -13.04 57.47
N GLY C 16 14.56 -13.43 58.74
CA GLY C 16 13.41 -13.49 59.63
C GLY C 16 13.38 -12.19 60.43
N VAL C 17 12.19 -11.61 60.58
CA VAL C 17 12.09 -10.28 61.17
C VAL C 17 10.92 -10.21 62.15
N GLY C 18 11.11 -9.40 63.19
CA GLY C 18 10.08 -9.24 64.20
C GLY C 18 10.18 -7.88 64.86
N ILE C 19 9.10 -7.49 65.52
CA ILE C 19 9.05 -6.23 66.24
C ILE C 19 8.08 -6.36 67.41
N LEU C 20 8.55 -5.91 68.59
CA LEU C 20 7.93 -6.05 69.90
C LEU C 20 7.81 -4.69 70.58
N ASN C 21 7.27 -4.71 71.80
CA ASN C 21 6.98 -3.51 72.59
C ASN C 21 7.74 -3.45 73.91
N LYS C 22 8.08 -4.60 74.51
CA LYS C 22 8.95 -4.87 75.66
C LYS C 22 8.42 -4.35 77.00
N VAL C 23 7.31 -3.60 77.03
CA VAL C 23 6.73 -3.19 78.30
C VAL C 23 5.60 -4.16 78.61
N THR C 24 4.95 -4.66 77.56
CA THR C 24 3.94 -5.72 77.68
C THR C 24 4.44 -7.06 77.18
N GLY C 25 5.16 -7.06 76.05
CA GLY C 25 5.69 -8.30 75.52
C GLY C 25 4.78 -9.04 74.58
N GLU C 26 3.91 -8.34 73.85
CA GLU C 26 3.11 -8.95 72.81
C GLU C 26 3.74 -8.68 71.45
N ILE C 27 3.46 -9.56 70.50
CA ILE C 27 4.09 -9.50 69.20
C ILE C 27 3.36 -8.49 68.33
N ILE C 28 4.09 -7.48 67.86
CA ILE C 28 3.49 -6.51 66.96
C ILE C 28 3.62 -6.96 65.52
N HIS C 29 4.79 -7.45 65.09
CA HIS C 29 4.83 -8.13 63.81
C HIS C 29 5.91 -9.21 63.79
N LYS C 30 5.67 -10.23 62.97
CA LYS C 30 6.61 -11.29 62.63
C LYS C 30 6.49 -11.58 61.14
N ASN C 31 7.62 -11.93 60.50
CA ASN C 31 7.62 -12.17 59.06
C ASN C 31 8.88 -12.93 58.64
N SER C 32 8.79 -13.60 57.49
CA SER C 32 9.88 -14.34 56.87
C SER C 32 10.02 -13.90 55.42
N ARG C 33 11.19 -13.37 55.06
CA ARG C 33 11.48 -12.94 53.70
C ARG C 33 12.51 -13.86 53.09
N ILE C 34 12.18 -14.43 51.91
CA ILE C 34 12.97 -15.48 51.28
C ILE C 34 13.34 -15.01 49.87
N PHE C 35 14.64 -15.00 49.57
CA PHE C 35 15.14 -14.69 48.25
C PHE C 35 16.17 -15.73 47.82
N PRO C 36 16.41 -15.88 46.51
CA PRO C 36 17.47 -16.80 46.07
C PRO C 36 18.86 -16.28 46.42
N ALA C 37 19.80 -17.23 46.43
CA ALA C 37 21.18 -16.93 46.81
C ALA C 37 21.92 -16.18 45.70
N ALA C 38 22.99 -15.51 46.10
CA ALA C 38 23.84 -14.76 45.17
C ALA C 38 24.91 -15.70 44.62
N GLN C 39 24.61 -16.35 43.50
CA GLN C 39 25.52 -17.28 42.84
C GLN C 39 26.45 -16.52 41.90
N ALA C 40 27.75 -16.72 42.04
CA ALA C 40 28.72 -16.13 41.14
C ALA C 40 29.05 -17.01 39.94
N GLU C 41 28.40 -18.16 39.80
CA GLU C 41 28.61 -19.02 38.64
C GLU C 41 27.90 -18.50 37.40
N ASN C 42 26.88 -17.68 37.58
CA ASN C 42 26.12 -17.18 36.44
C ASN C 42 26.84 -16.04 35.75
N ASN C 43 27.51 -15.18 36.52
CA ASN C 43 28.29 -14.11 35.92
C ASN C 43 29.51 -14.66 35.19
N LEU C 44 30.09 -15.75 35.70
CA LEU C 44 31.18 -16.43 35.01
C LEU C 44 30.70 -17.04 33.69
N VAL C 45 29.49 -17.60 33.68
CA VAL C 45 28.92 -18.17 32.46
C VAL C 45 28.67 -17.07 31.43
N ARG C 46 28.08 -15.95 31.86
CA ARG C 46 27.76 -14.84 30.97
C ARG C 46 29.01 -14.18 30.40
N ARG C 47 30.05 -14.01 31.23
CA ARG C 47 31.30 -13.41 30.77
C ARG C 47 32.03 -14.30 29.78
N THR C 48 32.07 -15.61 30.05
CA THR C 48 32.72 -16.56 29.16
C THR C 48 32.05 -16.59 27.80
N ASN C 49 30.72 -16.55 27.78
CA ASN C 49 29.99 -16.56 26.52
C ASN C 49 30.18 -15.26 25.74
N ARG C 50 30.22 -14.11 26.43
CA ARG C 50 30.46 -12.85 25.73
C ARG C 50 31.83 -12.80 25.06
N GLN C 51 32.87 -13.27 25.75
CA GLN C 51 34.20 -13.22 25.13
C GLN C 51 34.36 -14.27 24.03
N GLY C 52 33.71 -15.43 24.16
CA GLY C 52 33.71 -16.38 23.05
C GLY C 52 32.99 -15.87 21.81
N ARG C 53 31.89 -15.15 22.01
CA ARG C 53 31.19 -14.51 20.89
C ARG C 53 32.05 -13.47 20.21
N ARG C 54 32.85 -12.72 21.00
CA ARG C 54 33.77 -11.75 20.40
C ARG C 54 34.84 -12.42 19.55
N LEU C 55 35.37 -13.57 20.01
CA LEU C 55 36.36 -14.30 19.21
C LEU C 55 35.79 -14.80 17.89
N THR C 56 34.58 -15.37 17.93
CA THR C 56 33.91 -15.84 16.71
C THR C 56 33.63 -14.70 15.73
N ARG C 57 33.14 -13.56 16.26
CA ARG C 57 32.92 -12.35 15.46
C ARG C 57 34.20 -11.91 14.76
N ARG C 58 35.31 -11.84 15.48
CA ARG C 58 36.52 -11.26 14.88
C ARG C 58 37.16 -12.20 13.86
N LYS C 59 36.99 -13.53 14.02
CA LYS C 59 37.40 -14.45 12.96
C LYS C 59 36.62 -14.23 11.67
N LYS C 60 35.28 -14.15 11.78
CA LYS C 60 34.46 -13.90 10.60
C LYS C 60 34.76 -12.54 9.96
N HIS C 61 35.06 -11.54 10.79
CA HIS C 61 35.40 -10.22 10.24
C HIS C 61 36.75 -10.22 9.54
N ARG C 62 37.70 -11.04 9.98
CA ARG C 62 38.95 -11.18 9.24
C ARG C 62 38.70 -11.75 7.84
N ARG C 63 37.81 -12.74 7.74
CA ARG C 63 37.48 -13.28 6.42
C ARG C 63 36.76 -12.26 5.54
N VAL C 64 35.89 -11.45 6.14
CA VAL C 64 35.17 -10.40 5.40
C VAL C 64 36.12 -9.32 4.90
N ARG C 65 37.06 -8.89 5.76
CA ARG C 65 38.06 -7.89 5.36
C ARG C 65 38.96 -8.42 4.25
N LEU C 66 39.28 -9.71 4.26
CA LEU C 66 40.04 -10.29 3.17
C LEU C 66 39.25 -10.30 1.86
N ASN C 67 37.94 -10.55 1.93
CA ASN C 67 37.10 -10.45 0.73
C ASN C 67 37.07 -9.04 0.18
N ARG C 68 36.96 -8.04 1.07
CA ARG C 68 36.93 -6.64 0.64
C ARG C 68 38.25 -6.21 0.02
N LEU C 69 39.37 -6.61 0.62
CA LEU C 69 40.68 -6.31 0.04
C LEU C 69 40.87 -6.98 -1.32
N PHE C 70 40.40 -8.22 -1.46
CA PHE C 70 40.59 -8.93 -2.73
C PHE C 70 39.66 -8.42 -3.82
N GLU C 71 38.52 -7.84 -3.45
CA GLU C 71 37.60 -7.30 -4.45
C GLU C 71 37.94 -5.87 -4.83
N GLU C 72 38.48 -5.10 -3.88
CA GLU C 72 38.85 -3.72 -4.15
C GLU C 72 40.05 -3.61 -5.09
N SER C 73 41.04 -4.47 -4.93
CA SER C 73 42.18 -4.49 -5.83
C SER C 73 41.91 -5.20 -7.16
N GLY C 74 40.70 -5.73 -7.37
CA GLY C 74 40.31 -6.16 -8.70
C GLY C 74 40.82 -7.49 -9.17
N LEU C 75 41.34 -8.34 -8.28
CA LEU C 75 41.86 -9.63 -8.70
C LEU C 75 40.73 -10.58 -9.09
N ILE C 76 39.76 -10.79 -8.19
CA ILE C 76 38.64 -11.69 -8.42
C ILE C 76 37.34 -10.88 -8.33
N THR C 77 36.40 -11.18 -9.22
CA THR C 77 35.14 -10.43 -9.31
C THR C 77 34.07 -11.00 -8.38
N ASP C 78 33.70 -12.26 -8.56
CA ASP C 78 32.71 -12.91 -7.71
C ASP C 78 33.34 -14.07 -6.95
N PHE C 79 32.71 -14.44 -5.83
CA PHE C 79 33.27 -15.41 -4.92
C PHE C 79 32.36 -16.62 -4.77
N THR C 80 31.55 -16.91 -5.79
CA THR C 80 30.65 -18.06 -5.77
C THR C 80 31.19 -19.26 -6.52
N LYS C 81 32.13 -19.07 -7.45
CA LYS C 81 32.68 -20.16 -8.24
C LYS C 81 33.98 -20.70 -7.67
N ILE C 82 34.36 -20.29 -6.47
CA ILE C 82 35.60 -20.77 -5.85
C ILE C 82 35.44 -22.22 -5.43
N SER C 83 36.37 -23.06 -5.88
CA SER C 83 36.31 -24.48 -5.56
C SER C 83 36.79 -24.72 -4.14
N ILE C 84 35.96 -25.39 -3.35
CA ILE C 84 36.27 -25.61 -1.94
C ILE C 84 36.94 -26.97 -1.75
N ASN C 85 37.30 -27.63 -2.85
CA ASN C 85 37.83 -28.98 -2.80
C ASN C 85 39.27 -29.06 -3.28
N LEU C 86 40.07 -28.02 -3.02
CA LEU C 86 41.49 -28.04 -3.31
C LEU C 86 42.27 -28.04 -2.01
N ASN C 87 43.44 -28.65 -2.03
CA ASN C 87 44.27 -28.76 -0.84
C ASN C 87 45.01 -27.44 -0.61
N PRO C 88 44.75 -26.73 0.49
CA PRO C 88 45.37 -25.40 0.66
C PRO C 88 46.84 -25.46 1.02
N TYR C 89 47.28 -26.51 1.71
CA TYR C 89 48.69 -26.61 2.10
C TYR C 89 49.57 -26.92 0.90
N GLN C 90 49.01 -27.58 -0.11
CA GLN C 90 49.75 -27.88 -1.32
C GLN C 90 49.98 -26.63 -2.15
N LEU C 91 48.98 -25.74 -2.18
CA LEU C 91 49.16 -24.48 -2.90
C LEU C 91 49.99 -23.51 -2.09
N ARG C 92 50.01 -23.66 -0.76
CA ARG C 92 50.76 -22.74 0.08
C ARG C 92 52.24 -23.06 -0.01
N VAL C 93 52.58 -24.35 -0.14
CA VAL C 93 53.98 -24.71 -0.29
C VAL C 93 54.42 -24.62 -1.76
N LYS C 94 53.48 -24.71 -2.71
CA LYS C 94 53.83 -24.60 -4.12
C LYS C 94 54.10 -23.16 -4.53
N GLY C 95 53.32 -22.20 -4.01
CA GLY C 95 53.53 -20.81 -4.36
C GLY C 95 54.76 -20.15 -3.79
N LEU C 96 55.58 -20.86 -3.01
CA LEU C 96 56.84 -20.32 -2.55
C LEU C 96 57.88 -20.23 -3.67
N THR C 97 57.74 -21.05 -4.71
CA THR C 97 58.65 -21.01 -5.86
C THR C 97 57.97 -20.92 -7.22
N ASP C 98 56.68 -21.24 -7.31
CA ASP C 98 55.97 -21.32 -8.58
C ASP C 98 54.90 -20.24 -8.65
N GLU C 99 54.06 -20.30 -9.67
CA GLU C 99 53.07 -19.27 -9.94
C GLU C 99 51.68 -19.77 -9.55
N LEU C 100 51.03 -19.06 -8.63
CA LEU C 100 49.66 -19.38 -8.24
C LEU C 100 48.68 -18.65 -9.15
N SER C 101 47.64 -19.36 -9.55
CA SER C 101 46.77 -18.92 -10.64
C SER C 101 45.60 -18.07 -10.15
N ASN C 102 45.88 -17.05 -9.35
CA ASN C 102 45.01 -15.90 -9.04
C ASN C 102 43.76 -16.23 -8.25
N GLU C 103 43.47 -17.51 -8.05
CA GLU C 103 42.25 -17.97 -7.40
C GLU C 103 42.66 -18.98 -6.35
N GLU C 104 43.76 -19.68 -6.62
CA GLU C 104 44.43 -20.47 -5.59
C GLU C 104 45.24 -19.58 -4.65
N LEU C 105 45.57 -18.37 -5.09
CA LEU C 105 46.18 -17.39 -4.18
C LEU C 105 45.19 -16.94 -3.13
N PHE C 106 43.93 -16.72 -3.52
CA PHE C 106 42.89 -16.36 -2.57
C PHE C 106 42.61 -17.50 -1.61
N ILE C 107 42.66 -18.75 -2.11
CA ILE C 107 42.47 -19.93 -1.30
C ILE C 107 43.58 -20.04 -0.25
N ALA C 108 44.83 -19.84 -0.69
CA ALA C 108 45.97 -19.94 0.22
C ALA C 108 45.93 -18.85 1.29
N LEU C 109 45.59 -17.63 0.90
CA LEU C 109 45.57 -16.53 1.88
C LEU C 109 44.39 -16.65 2.84
N LYS C 110 43.25 -17.14 2.37
CA LYS C 110 42.11 -17.34 3.26
C LYS C 110 42.37 -18.45 4.27
N ASN C 111 42.98 -19.54 3.83
CA ASN C 111 43.35 -20.60 4.77
C ASN C 111 44.42 -20.15 5.74
N MET C 112 45.33 -19.27 5.31
CA MET C 112 46.35 -18.80 6.25
C MET C 112 45.77 -17.82 7.27
N VAL C 113 44.80 -17.00 6.88
CA VAL C 113 44.21 -16.08 7.84
C VAL C 113 43.19 -16.76 8.74
N LYS C 114 42.72 -17.96 8.38
CA LYS C 114 41.80 -18.68 9.26
C LYS C 114 42.51 -19.21 10.50
N HIS C 115 43.76 -19.67 10.35
CA HIS C 115 44.56 -20.18 11.46
C HIS C 115 45.87 -19.41 11.50
N ARG C 116 45.90 -18.31 12.24
CA ARG C 116 47.16 -17.67 12.57
C ARG C 116 47.69 -18.30 13.86
N GLY C 117 48.66 -17.68 14.50
CA GLY C 117 49.24 -18.35 15.64
C GLY C 117 49.17 -17.65 16.98
N ILE C 118 49.88 -18.19 17.96
CA ILE C 118 49.99 -17.55 19.26
C ILE C 118 51.06 -16.46 19.20
N SER C 119 50.96 -15.50 20.13
CA SER C 119 51.91 -14.40 20.18
C SER C 119 52.31 -13.99 21.58
N TYR C 120 51.99 -14.78 22.60
CA TYR C 120 52.40 -14.44 23.96
C TYR C 120 53.82 -14.83 24.28
N LEU C 121 54.48 -15.56 23.38
CA LEU C 121 55.81 -16.09 23.67
C LEU C 121 56.91 -15.10 23.29
N ASP C 122 56.87 -14.61 22.05
CA ASP C 122 57.88 -13.72 21.45
C ASP C 122 59.30 -14.26 21.55
N GLY C 133 54.49 -27.53 32.98
CA GLY C 133 54.58 -26.78 31.75
C GLY C 133 54.80 -27.65 30.53
N ASP C 134 54.01 -28.72 30.40
CA ASP C 134 54.13 -29.63 29.28
C ASP C 134 53.75 -28.94 27.97
N TYR C 135 52.72 -28.10 28.00
CA TYR C 135 52.30 -27.34 26.82
C TYR C 135 53.41 -26.44 26.30
N ALA C 136 54.16 -25.81 27.20
CA ALA C 136 55.29 -24.98 26.81
C ALA C 136 56.39 -25.82 26.18
N GLN C 137 56.62 -27.03 26.71
CA GLN C 137 57.64 -27.91 26.14
C GLN C 137 57.26 -28.39 24.75
N ILE C 138 55.97 -28.66 24.51
CA ILE C 138 55.54 -29.10 23.19
C ILE C 138 55.62 -27.97 22.17
N VAL C 139 55.24 -26.75 22.57
CA VAL C 139 55.33 -25.66 21.60
C VAL C 139 56.78 -25.24 21.36
N LYS C 140 57.67 -25.44 22.35
CA LYS C 140 59.08 -25.18 22.11
C LYS C 140 59.71 -26.25 21.23
N GLU C 141 59.29 -27.51 21.35
CA GLU C 141 59.73 -28.54 20.42
C GLU C 141 59.26 -28.26 19.00
N ASN C 142 58.05 -27.74 18.87
CA ASN C 142 57.53 -27.40 17.55
C ASN C 142 58.26 -26.20 16.95
N SER C 143 58.66 -25.25 17.81
CA SER C 143 59.49 -24.14 17.34
C SER C 143 60.89 -24.60 16.96
N LYS C 144 61.43 -25.58 17.70
CA LYS C 144 62.70 -26.20 17.37
C LYS C 144 62.63 -26.94 16.04
N GLN C 145 61.44 -27.39 15.65
CA GLN C 145 61.28 -27.94 14.31
C GLN C 145 61.17 -26.86 13.24
N LEU C 146 60.41 -25.78 13.51
CA LEU C 146 60.13 -24.80 12.45
C LEU C 146 61.28 -23.83 12.18
N GLU C 147 62.45 -23.97 12.82
CA GLU C 147 63.57 -23.09 12.53
C GLU C 147 64.13 -23.23 11.11
N THR C 148 63.80 -24.30 10.39
CA THR C 148 64.31 -24.50 9.03
C THR C 148 63.24 -24.51 7.95
N LYS C 149 61.96 -24.65 8.29
CA LYS C 149 60.88 -24.66 7.33
C LYS C 149 59.79 -23.67 7.74
N THR C 150 58.85 -23.44 6.85
CA THR C 150 57.64 -22.72 7.21
C THR C 150 56.64 -23.70 7.84
N PRO C 151 55.65 -23.20 8.59
CA PRO C 151 54.64 -24.11 9.14
C PRO C 151 53.76 -24.81 8.09
N GLY C 152 53.64 -24.24 6.89
CA GLY C 152 52.91 -24.94 5.83
C GLY C 152 53.62 -26.20 5.38
N GLN C 153 54.96 -26.17 5.36
CA GLN C 153 55.73 -27.36 5.03
C GLN C 153 55.60 -28.43 6.12
N ILE C 154 55.56 -28.00 7.39
CA ILE C 154 55.38 -28.92 8.51
C ILE C 154 54.02 -29.60 8.42
N GLN C 155 52.97 -28.81 8.14
CA GLN C 155 51.62 -29.37 8.11
C GLN C 155 51.42 -30.28 6.89
N LEU C 156 52.02 -29.94 5.75
CA LEU C 156 51.93 -30.85 4.60
C LEU C 156 52.72 -32.14 4.84
N GLU C 157 53.87 -32.04 5.53
CA GLU C 157 54.64 -33.25 5.85
C GLU C 157 53.87 -34.17 6.78
N ARG C 158 53.25 -33.59 7.82
CA ARG C 158 52.42 -34.39 8.73
C ARG C 158 51.22 -35.00 8.01
N TYR C 159 50.65 -34.25 7.06
CA TYR C 159 49.51 -34.74 6.30
C TYR C 159 49.89 -35.94 5.44
N GLN C 160 50.87 -35.78 4.56
CA GLN C 160 51.19 -36.86 3.64
C GLN C 160 52.09 -37.93 4.24
N THR C 161 52.47 -37.82 5.52
CA THR C 161 53.12 -38.93 6.19
C THR C 161 52.16 -39.70 7.10
N TYR C 162 51.39 -39.03 7.95
CA TYR C 162 50.55 -39.71 8.93
C TYR C 162 49.07 -39.72 8.59
N GLY C 163 48.62 -38.96 7.60
CA GLY C 163 47.22 -38.85 7.28
C GLY C 163 46.46 -37.81 8.07
N GLN C 164 46.84 -37.59 9.33
CA GLN C 164 46.22 -36.61 10.19
C GLN C 164 46.99 -35.29 10.13
N LEU C 165 46.28 -34.21 10.39
CA LEU C 165 46.87 -32.87 10.35
C LEU C 165 46.54 -32.03 11.57
N ARG C 166 45.35 -32.17 12.13
CA ARG C 166 44.78 -31.20 13.05
C ARG C 166 44.53 -31.83 14.42
N GLY C 167 44.37 -30.97 15.41
CA GLY C 167 44.16 -31.40 16.78
C GLY C 167 45.46 -31.56 17.52
N ASP C 168 45.41 -32.39 18.55
CA ASP C 168 46.61 -32.93 19.19
C ASP C 168 46.54 -34.46 19.13
N PHE C 169 47.50 -35.06 18.45
CA PHE C 169 47.44 -36.49 18.20
C PHE C 169 48.83 -37.09 18.35
N THR C 170 48.89 -38.32 18.84
CA THR C 170 50.19 -38.96 19.08
C THR C 170 50.52 -39.95 17.99
N VAL C 171 51.80 -40.04 17.64
CA VAL C 171 52.26 -40.98 16.63
C VAL C 171 53.42 -41.80 17.19
N GLU C 172 53.36 -43.11 16.93
CA GLU C 172 54.45 -44.03 17.27
C GLU C 172 55.41 -44.09 16.09
N LYS C 173 56.63 -43.61 16.29
CA LYS C 173 57.68 -43.73 15.29
C LYS C 173 58.32 -45.11 15.39
N ASP C 174 59.46 -45.27 14.74
CA ASP C 174 60.18 -46.54 14.77
C ASP C 174 60.63 -46.91 16.17
N GLY C 175 61.16 -45.95 16.93
CA GLY C 175 61.64 -46.24 18.26
C GLY C 175 61.06 -45.40 19.38
N LYS C 176 60.29 -44.36 19.05
CA LYS C 176 59.80 -43.42 20.05
C LYS C 176 58.38 -43.00 19.67
N LYS C 177 57.66 -42.47 20.66
CA LYS C 177 56.30 -41.99 20.46
C LYS C 177 56.23 -40.51 20.86
N HIS C 178 55.77 -39.66 19.95
CA HIS C 178 55.59 -38.26 20.30
C HIS C 178 54.23 -37.71 19.87
N ARG C 179 53.62 -36.94 20.78
CA ARG C 179 52.38 -36.24 20.52
C ARG C 179 52.62 -34.93 19.76
N LEU C 180 51.91 -34.77 18.66
CA LEU C 180 52.00 -33.60 17.80
C LEU C 180 50.84 -32.66 18.10
N ILE C 181 51.01 -31.40 17.68
CA ILE C 181 50.06 -30.33 17.95
C ILE C 181 50.21 -29.31 16.83
N ASN C 182 49.19 -28.47 16.68
CA ASN C 182 49.07 -27.55 15.56
C ASN C 182 49.29 -26.09 15.96
N VAL C 183 50.22 -25.83 16.87
CA VAL C 183 50.41 -24.49 17.43
C VAL C 183 51.77 -23.97 16.97
N PHE C 184 51.76 -22.86 16.26
CA PHE C 184 52.94 -22.17 15.76
C PHE C 184 52.83 -20.69 16.15
N PRO C 185 53.95 -19.98 16.23
CA PRO C 185 53.87 -18.54 16.49
C PRO C 185 53.49 -17.76 15.24
N THR C 186 53.05 -16.52 15.47
CA THR C 186 52.53 -15.68 14.38
C THR C 186 53.65 -15.20 13.45
N SER C 187 54.87 -15.10 13.98
CA SER C 187 56.02 -14.63 13.20
C SER C 187 56.33 -15.56 12.04
N ALA C 188 56.16 -16.88 12.24
CA ALA C 188 56.40 -17.84 11.17
C ALA C 188 55.38 -17.71 10.05
N TYR C 189 54.11 -17.51 10.41
CA TYR C 189 53.06 -17.30 9.42
C TYR C 189 53.29 -16.00 8.65
N ARG C 190 53.75 -14.97 9.34
CA ARG C 190 54.01 -13.69 8.69
C ARG C 190 55.20 -13.79 7.72
N SER C 191 56.24 -14.54 8.11
CA SER C 191 57.38 -14.75 7.24
C SER C 191 56.99 -15.55 5.99
N GLU C 192 56.15 -16.58 6.16
CA GLU C 192 55.71 -17.38 5.03
C GLU C 192 54.82 -16.59 4.09
N ALA C 193 53.92 -15.76 4.64
CA ALA C 193 53.05 -14.96 3.80
C ALA C 193 53.82 -13.88 3.06
N LEU C 194 54.83 -13.30 3.70
CA LEU C 194 55.69 -12.32 3.05
C LEU C 194 56.47 -12.94 1.90
N ARG C 195 56.96 -14.17 2.09
CA ARG C 195 57.69 -14.87 1.02
C ARG C 195 56.78 -15.20 -0.17
N ILE C 196 55.58 -15.72 0.11
CA ILE C 196 54.63 -16.05 -0.96
C ILE C 196 54.22 -14.79 -1.71
N LEU C 197 53.98 -13.69 -0.99
CA LEU C 197 53.54 -12.47 -1.65
C LEU C 197 54.65 -11.83 -2.47
N GLN C 198 55.91 -11.97 -2.06
CA GLN C 198 57.00 -11.44 -2.88
C GLN C 198 57.20 -12.27 -4.14
N THR C 199 57.05 -13.59 -4.06
CA THR C 199 57.16 -14.40 -5.28
C THR C 199 56.02 -14.14 -6.25
N GLN C 200 54.78 -14.03 -5.75
CA GLN C 200 53.68 -13.74 -6.65
C GLN C 200 53.71 -12.29 -7.14
N GLN C 201 54.36 -11.38 -6.40
CA GLN C 201 54.60 -10.03 -6.91
C GLN C 201 55.57 -10.08 -8.08
N GLU C 202 56.60 -10.93 -7.98
CA GLU C 202 57.49 -11.16 -9.12
C GLU C 202 56.74 -11.74 -10.31
N PHE C 203 55.69 -12.53 -10.08
CA PHE C 203 54.91 -13.04 -11.21
C PHE C 203 53.76 -12.11 -11.61
N ASN C 204 52.83 -11.82 -10.69
CA ASN C 204 51.61 -11.07 -11.02
C ASN C 204 51.76 -9.64 -10.51
N PRO C 205 51.66 -8.63 -11.38
CA PRO C 205 51.91 -7.25 -10.95
C PRO C 205 50.70 -6.48 -10.43
N GLN C 206 49.57 -7.12 -10.15
CA GLN C 206 48.46 -6.39 -9.54
C GLN C 206 48.56 -6.31 -8.03
N ILE C 207 49.48 -7.04 -7.41
CA ILE C 207 49.59 -7.04 -5.95
C ILE C 207 50.72 -6.06 -5.60
N THR C 208 50.34 -4.81 -5.39
CA THR C 208 51.24 -3.74 -5.04
C THR C 208 51.71 -3.93 -3.58
N ASP C 209 52.66 -3.10 -3.14
CA ASP C 209 53.13 -3.20 -1.76
C ASP C 209 52.07 -2.76 -0.75
N GLU C 210 51.11 -1.94 -1.16
CA GLU C 210 50.05 -1.55 -0.23
C GLU C 210 49.07 -2.70 -0.01
N PHE C 211 48.92 -3.58 -1.01
CA PHE C 211 48.21 -4.83 -0.81
C PHE C 211 48.90 -5.70 0.22
N ILE C 212 50.23 -5.74 0.21
CA ILE C 212 50.96 -6.59 1.14
C ILE C 212 50.90 -6.01 2.55
N ASN C 213 50.96 -4.68 2.68
CA ASN C 213 50.83 -4.07 4.00
C ASN C 213 49.42 -4.23 4.55
N ARG C 214 48.40 -4.14 3.69
CA ARG C 214 47.02 -4.35 4.13
C ARG C 214 46.78 -5.80 4.52
N TYR C 215 47.31 -6.75 3.75
CA TYR C 215 47.12 -8.16 4.09
C TYR C 215 47.86 -8.53 5.36
N LEU C 216 49.08 -8.05 5.54
CA LEU C 216 49.79 -8.34 6.79
C LEU C 216 49.15 -7.65 7.99
N GLU C 217 48.49 -6.51 7.77
CA GLU C 217 47.71 -5.89 8.85
C GLU C 217 46.50 -6.75 9.22
N ILE C 218 45.87 -7.38 8.22
CA ILE C 218 44.76 -8.30 8.52
C ILE C 218 45.29 -9.53 9.24
N LEU C 219 46.47 -10.03 8.83
CA LEU C 219 47.00 -11.27 9.38
C LEU C 219 47.45 -11.11 10.83
N THR C 220 48.41 -10.23 11.10
CA THR C 220 48.99 -10.18 12.44
C THR C 220 48.34 -9.14 13.34
N GLY C 221 47.22 -8.57 12.94
CA GLY C 221 46.60 -7.52 13.72
C GLY C 221 45.79 -8.01 14.90
N LYS C 222 46.16 -7.55 16.09
CA LYS C 222 45.44 -7.85 17.32
C LYS C 222 45.19 -6.56 18.07
N ARG C 223 44.25 -6.61 19.00
CA ARG C 223 44.03 -5.47 19.87
C ARG C 223 44.94 -5.54 21.08
N LYS C 224 44.93 -4.48 21.87
CA LYS C 224 45.70 -4.43 23.10
C LYS C 224 44.75 -4.69 24.26
N TYR C 225 45.30 -5.30 25.32
CA TYR C 225 44.46 -5.66 26.46
C TYR C 225 44.00 -4.45 27.24
N TYR C 226 44.62 -3.29 27.06
CA TYR C 226 44.18 -2.06 27.67
C TYR C 226 43.34 -1.19 26.75
N HIS C 227 43.16 -1.61 25.49
CA HIS C 227 42.23 -0.92 24.60
C HIS C 227 40.80 -1.35 24.86
N GLY C 228 40.50 -2.62 24.65
CA GLY C 228 39.15 -3.12 24.75
C GLY C 228 38.50 -3.24 23.38
N PRO C 229 37.19 -3.40 23.35
CA PRO C 229 36.48 -3.39 22.07
C PRO C 229 36.16 -1.96 21.64
N GLY C 230 35.68 -1.84 20.42
CA GLY C 230 35.15 -0.58 19.96
C GLY C 230 36.00 0.04 18.86
N ASN C 231 35.54 1.19 18.40
CA ASN C 231 36.17 1.97 17.35
C ASN C 231 35.88 3.42 17.65
N GLU C 232 36.31 4.32 16.75
CA GLU C 232 36.16 5.75 16.97
C GLU C 232 34.69 6.16 16.93
N LYS C 233 33.89 5.50 16.12
CA LYS C 233 32.46 5.77 15.99
C LYS C 233 31.60 4.61 16.47
N SER C 234 32.12 3.74 17.31
CA SER C 234 31.42 2.54 17.73
C SER C 234 30.93 2.57 19.19
N ARG C 235 31.59 3.32 20.07
CA ARG C 235 31.03 3.81 21.34
C ARG C 235 30.61 2.67 22.28
N THR C 236 31.61 1.95 22.78
CA THR C 236 31.40 0.86 23.71
C THR C 236 31.65 1.32 25.14
N ASP C 237 30.90 0.76 26.09
CA ASP C 237 31.19 0.91 27.51
C ASP C 237 32.12 -0.17 28.06
N TYR C 238 32.63 -1.05 27.21
CA TYR C 238 33.65 -2.00 27.59
C TYR C 238 35.02 -1.63 27.06
N GLY C 239 35.13 -0.60 26.24
CA GLY C 239 36.39 -0.23 25.62
C GLY C 239 36.79 1.20 25.90
N ARG C 240 37.86 1.66 25.26
CA ARG C 240 38.39 2.97 25.59
C ARG C 240 37.57 4.09 24.97
N TYR C 241 36.87 3.82 23.87
CA TYR C 241 36.01 4.82 23.24
C TYR C 241 34.69 4.79 23.98
N ARG C 242 34.64 5.56 25.08
CA ARG C 242 33.49 5.61 25.95
C ARG C 242 32.28 6.20 25.23
N THR C 243 31.08 5.83 25.70
CA THR C 243 29.86 6.24 25.02
C THR C 243 29.43 7.66 25.36
N SER C 244 30.19 8.38 26.19
CA SER C 244 29.91 9.76 26.54
C SER C 244 30.61 10.75 25.62
N GLY C 245 31.25 10.28 24.56
CA GLY C 245 31.88 11.13 23.56
C GLY C 245 33.38 11.26 23.67
N GLU C 246 33.94 10.95 24.85
CA GLU C 246 35.37 11.10 25.10
C GLU C 246 36.14 9.92 24.53
N THR C 247 37.41 9.79 24.93
CA THR C 247 38.25 8.67 24.55
C THR C 247 39.31 8.51 25.63
N LEU C 248 39.26 7.42 26.37
CA LEU C 248 40.32 7.10 27.31
C LEU C 248 41.57 6.65 26.57
N ASP C 249 42.69 6.67 27.29
CA ASP C 249 43.95 6.16 26.77
C ASP C 249 44.25 4.75 27.26
N ASN C 250 43.83 4.43 28.47
CA ASN C 250 44.05 3.13 29.10
C ASN C 250 42.86 2.87 30.01
N ILE C 251 42.18 1.74 29.81
CA ILE C 251 40.89 1.53 30.48
C ILE C 251 41.05 1.16 31.94
N PHE C 252 42.26 0.81 32.38
CA PHE C 252 42.54 0.59 33.79
C PHE C 252 43.01 1.86 34.46
N GLY C 253 42.73 3.02 33.88
CA GLY C 253 43.05 4.30 34.47
C GLY C 253 41.87 4.94 35.16
N ILE C 254 40.65 4.49 34.85
CA ILE C 254 39.46 4.91 35.59
C ILE C 254 39.07 3.90 36.64
N LEU C 255 39.86 2.85 36.84
CA LEU C 255 39.63 1.87 37.88
C LEU C 255 40.55 2.07 39.08
N ILE C 256 41.52 2.98 38.97
CA ILE C 256 42.44 3.25 40.08
C ILE C 256 41.66 3.92 41.20
N GLY C 257 42.03 3.59 42.44
CA GLY C 257 41.19 3.92 43.58
C GLY C 257 41.21 5.39 43.95
N LYS C 258 40.43 5.70 44.98
CA LYS C 258 40.23 7.05 45.47
C LYS C 258 41.15 7.31 46.66
N CYS C 259 41.08 8.53 47.20
CA CYS C 259 41.79 8.81 48.44
C CYS C 259 40.99 8.28 49.62
N THR C 260 41.66 8.20 50.77
CA THR C 260 41.06 7.58 51.93
C THR C 260 40.12 8.52 52.68
N PHE C 261 40.32 9.83 52.55
CA PHE C 261 39.51 10.80 53.28
C PHE C 261 38.72 11.73 52.38
N TYR C 262 39.21 12.02 51.18
CA TYR C 262 38.52 12.86 50.20
C TYR C 262 38.12 11.96 49.04
N PRO C 263 36.88 11.44 49.02
CA PRO C 263 36.52 10.40 48.05
C PRO C 263 36.12 10.92 46.66
N ASP C 264 36.93 11.82 46.12
CA ASP C 264 36.76 12.29 44.74
C ASP C 264 38.10 12.50 44.03
N GLU C 265 39.22 12.09 44.62
CA GLU C 265 40.54 12.34 44.07
C GLU C 265 41.24 11.03 43.75
N PHE C 266 41.98 11.01 42.65
CA PHE C 266 42.72 9.82 42.27
C PHE C 266 43.95 9.66 43.15
N ARG C 267 44.40 8.42 43.28
CA ARG C 267 45.56 8.10 44.11
C ARG C 267 46.86 8.49 43.40
N ALA C 268 47.95 8.37 44.14
CA ALA C 268 49.28 8.65 43.60
C ALA C 268 50.03 7.35 43.37
N ALA C 269 51.05 7.44 42.52
CA ALA C 269 51.93 6.31 42.24
C ALA C 269 52.95 6.12 43.36
N LYS C 270 53.25 4.86 43.67
CA LYS C 270 54.17 4.53 44.76
C LYS C 270 55.61 4.82 44.41
N ALA C 271 55.94 4.99 43.14
CA ALA C 271 57.33 5.04 42.67
C ALA C 271 57.76 6.44 42.25
N SER C 272 57.28 7.46 42.95
CA SER C 272 57.69 8.83 42.66
C SER C 272 58.44 9.43 43.85
N TYR C 273 58.74 10.72 43.74
CA TYR C 273 59.41 11.44 44.82
C TYR C 273 58.51 11.61 46.04
N THR C 274 57.22 11.87 45.79
CA THR C 274 56.33 12.33 46.85
C THR C 274 56.01 11.23 47.86
N ALA C 275 55.59 10.06 47.36
CA ALA C 275 55.27 8.95 48.24
C ALA C 275 56.52 8.41 48.94
N GLN C 276 57.68 8.47 48.27
CA GLN C 276 58.89 7.93 48.85
C GLN C 276 59.45 8.84 49.95
N GLU C 277 59.38 10.16 49.77
CA GLU C 277 59.77 11.06 50.85
C GLU C 277 58.77 10.98 52.01
N PHE C 278 57.48 10.74 51.71
CA PHE C 278 56.50 10.54 52.77
C PHE C 278 56.76 9.27 53.56
N ASN C 279 57.17 8.20 52.88
CA ASN C 279 57.42 6.94 53.57
C ASN C 279 58.70 6.99 54.41
N LEU C 280 59.77 7.60 53.88
CA LEU C 280 60.96 7.78 54.69
C LEU C 280 60.71 8.71 55.88
N LEU C 281 59.85 9.71 55.70
CA LEU C 281 59.49 10.57 56.83
C LEU C 281 58.68 9.82 57.87
N ASN C 282 57.79 8.92 57.45
CA ASN C 282 56.98 8.19 58.42
C ASN C 282 57.79 7.14 59.16
N ASP C 283 58.83 6.60 58.52
CA ASP C 283 59.67 5.68 59.27
C ASP C 283 60.75 6.40 60.08
N LEU C 284 61.05 7.66 59.76
CA LEU C 284 62.04 8.40 60.51
C LEU C 284 61.45 9.09 61.73
N ASN C 285 60.20 9.57 61.64
CA ASN C 285 59.57 10.28 62.74
C ASN C 285 59.09 9.39 63.87
N ASN C 286 59.01 8.08 63.67
CA ASN C 286 58.75 7.17 64.78
C ASN C 286 59.50 5.88 64.46
N SER C 297 66.31 16.98 64.91
CA SER C 297 65.02 17.00 64.25
C SER C 297 65.15 17.48 62.81
N LYS C 298 64.73 18.72 62.56
CA LYS C 298 64.47 19.19 61.19
C LYS C 298 65.75 19.30 60.38
N GLU C 299 66.84 19.76 61.03
CA GLU C 299 68.12 19.92 60.34
C GLU C 299 68.65 18.58 59.85
N GLN C 300 68.67 17.57 60.72
CA GLN C 300 69.24 16.31 60.28
C GLN C 300 68.23 15.48 59.52
N LYS C 301 66.94 15.80 59.61
CA LYS C 301 65.95 15.31 58.65
C LYS C 301 66.32 15.71 57.23
N ASN C 302 66.52 17.02 57.01
CA ASN C 302 66.92 17.49 55.68
C ASN C 302 68.31 16.99 55.29
N GLN C 303 69.19 16.79 56.27
CA GLN C 303 70.55 16.30 55.98
C GLN C 303 70.52 14.86 55.47
N ILE C 304 69.79 13.98 56.18
CA ILE C 304 69.66 12.58 55.75
C ILE C 304 68.91 12.50 54.42
N ILE C 305 67.92 13.39 54.22
CA ILE C 305 67.11 13.33 52.99
C ILE C 305 67.93 13.75 51.77
N ASN C 306 68.70 14.84 51.88
CA ASN C 306 69.53 15.22 50.73
C ASN C 306 70.70 14.27 50.54
N TYR C 307 71.19 13.64 51.62
CA TYR C 307 72.24 12.64 51.50
C TYR C 307 71.76 11.41 50.74
N VAL C 308 70.58 10.89 51.10
CA VAL C 308 70.04 9.72 50.39
C VAL C 308 69.60 10.10 48.98
N LYS C 309 69.19 11.35 48.75
CA LYS C 309 68.73 11.76 47.44
C LYS C 309 69.88 11.88 46.44
N ASN C 310 70.95 12.59 46.82
CA ASN C 310 71.96 12.96 45.84
C ASN C 310 73.16 12.04 45.79
N GLU C 311 73.46 11.30 46.86
CA GLU C 311 74.64 10.46 46.92
C GLU C 311 74.26 8.98 46.85
N LYS C 312 74.97 8.24 46.02
CA LYS C 312 74.58 6.93 45.53
C LYS C 312 75.21 5.81 46.37
N ALA C 313 75.13 4.59 45.83
CA ALA C 313 75.59 3.35 46.47
C ALA C 313 74.94 3.16 47.84
N MET C 314 73.61 3.20 47.85
CA MET C 314 72.80 3.37 49.05
C MET C 314 72.28 2.02 49.52
N GLY C 315 71.77 1.97 50.76
CA GLY C 315 71.14 0.80 51.30
C GLY C 315 70.71 0.97 52.74
N PRO C 316 69.96 -0.01 53.26
CA PRO C 316 69.45 0.13 54.64
C PRO C 316 70.52 -0.02 55.70
N ALA C 317 71.40 -1.01 55.55
CA ALA C 317 72.55 -1.14 56.44
C ALA C 317 73.46 0.07 56.31
N LYS C 318 73.61 0.61 55.09
CA LYS C 318 74.37 1.84 54.90
C LYS C 318 73.69 3.04 55.56
N LEU C 319 72.36 3.05 55.61
CA LEU C 319 71.67 4.15 56.28
C LEU C 319 71.83 4.06 57.79
N PHE C 320 71.86 2.85 58.34
CA PHE C 320 72.11 2.74 59.77
C PHE C 320 73.57 3.03 60.10
N LYS C 321 74.50 2.73 59.19
CA LYS C 321 75.88 3.17 59.36
C LYS C 321 75.99 4.68 59.27
N TYR C 322 75.15 5.34 58.49
CA TYR C 322 75.23 6.79 58.40
C TYR C 322 74.57 7.48 59.60
N ILE C 323 73.51 6.89 60.16
CA ILE C 323 72.97 7.42 61.41
C ILE C 323 73.91 7.10 62.57
N ALA C 324 74.78 6.09 62.45
CA ALA C 324 75.88 5.96 63.39
C ALA C 324 76.99 6.95 63.10
N LYS C 325 77.08 7.43 61.86
CA LYS C 325 78.17 8.34 61.47
C LYS C 325 77.94 9.75 61.99
N LEU C 326 76.78 10.35 61.65
CA LEU C 326 76.62 11.78 61.91
C LEU C 326 76.40 12.10 63.38
N LEU C 327 75.71 11.25 64.12
CA LEU C 327 75.60 11.47 65.56
C LEU C 327 76.73 10.83 66.33
N SER C 328 77.57 10.03 65.66
CA SER C 328 78.85 9.51 66.17
C SER C 328 78.64 8.63 67.40
N CYS C 329 77.60 7.80 67.37
CA CYS C 329 77.32 6.85 68.42
C CYS C 329 77.03 5.49 67.81
N ASP C 330 77.08 4.46 68.66
CA ASP C 330 76.61 3.14 68.26
C ASP C 330 75.09 3.19 68.15
N VAL C 331 74.54 2.44 67.18
CA VAL C 331 73.10 2.49 66.95
C VAL C 331 72.42 1.72 68.07
N ALA C 332 71.92 2.46 69.05
CA ALA C 332 71.13 1.94 70.15
C ALA C 332 69.94 2.87 70.34
N ASP C 333 69.13 2.55 71.36
CA ASP C 333 67.83 3.19 71.64
C ASP C 333 66.95 3.13 70.40
N ILE C 334 66.90 1.94 69.79
CA ILE C 334 66.08 1.73 68.61
C ILE C 334 64.70 1.25 69.05
N LYS C 335 63.68 2.02 68.67
CA LYS C 335 62.30 1.62 68.79
C LYS C 335 61.60 1.63 67.45
N GLY C 336 61.78 2.69 66.66
CA GLY C 336 61.11 2.83 65.38
C GLY C 336 61.77 2.09 64.25
N TYR C 337 61.57 0.77 64.20
CA TYR C 337 62.15 -0.05 63.13
C TYR C 337 61.17 -1.17 62.81
N ARG C 338 61.04 -1.47 61.52
CA ARG C 338 60.27 -2.64 61.10
C ARG C 338 61.22 -3.82 60.88
N ILE C 339 60.70 -5.01 61.09
CA ILE C 339 61.48 -6.24 60.88
C ILE C 339 60.75 -7.12 59.89
N ASP C 340 61.52 -7.89 59.14
CA ASP C 340 60.99 -8.97 58.32
C ASP C 340 61.20 -10.28 59.06
N LYS C 341 60.60 -11.35 58.53
CA LYS C 341 60.74 -12.68 59.13
C LYS C 341 62.18 -13.18 59.05
N SER C 342 62.88 -12.88 57.96
CA SER C 342 64.25 -13.35 57.78
C SER C 342 65.21 -12.59 58.70
N GLY C 343 65.21 -11.26 58.60
CA GLY C 343 66.17 -10.44 59.30
C GLY C 343 65.53 -9.29 60.04
N LYS C 344 66.06 -8.08 59.83
CA LYS C 344 65.53 -6.87 60.45
C LYS C 344 65.92 -5.68 59.58
N ALA C 345 65.75 -4.47 60.14
CA ALA C 345 66.10 -3.19 59.54
C ALA C 345 65.36 -2.95 58.21
N GLU C 346 64.04 -3.16 58.23
CA GLU C 346 63.19 -2.68 57.16
C GLU C 346 63.06 -1.17 57.27
N ILE C 347 63.68 -0.43 56.35
CA ILE C 347 63.61 1.02 56.35
C ILE C 347 63.38 1.49 54.92
N HIS C 348 62.72 2.63 54.79
CA HIS C 348 62.39 3.18 53.48
C HIS C 348 63.59 3.87 52.85
N THR C 349 63.68 3.77 51.53
CA THR C 349 64.84 4.23 50.78
C THR C 349 64.32 4.99 49.56
N PHE C 350 65.20 5.77 48.93
CA PHE C 350 64.90 6.36 47.62
C PHE C 350 65.38 5.44 46.50
N GLU C 351 64.79 4.24 46.45
CA GLU C 351 65.22 3.22 45.49
C GLU C 351 64.86 3.61 44.07
N ALA C 352 63.58 3.97 43.85
CA ALA C 352 63.12 4.38 42.53
C ALA C 352 63.80 5.67 42.08
N TYR C 353 64.03 6.59 43.01
CA TYR C 353 64.70 7.86 42.68
C TYR C 353 66.15 7.61 42.25
N ARG C 354 66.85 6.73 42.97
CA ARG C 354 68.24 6.44 42.64
C ARG C 354 68.35 5.58 41.39
N LYS C 355 67.31 4.79 41.08
CA LYS C 355 67.35 4.01 39.85
C LYS C 355 66.99 4.86 38.64
N MET C 356 66.19 5.92 38.83
CA MET C 356 65.93 6.87 37.75
C MET C 356 67.09 7.84 37.49
N LYS C 357 68.24 7.67 38.15
CA LYS C 357 69.39 8.53 37.92
C LYS C 357 70.43 7.93 37.00
N THR C 358 70.31 6.65 36.63
CA THR C 358 71.28 5.98 35.78
C THR C 358 70.91 6.10 34.30
N LEU C 359 70.05 7.04 33.96
CA LEU C 359 69.56 7.24 32.61
C LEU C 359 70.44 8.27 31.89
N GLU C 360 70.83 7.94 30.66
CA GLU C 360 71.86 8.72 29.97
C GLU C 360 71.35 10.08 29.52
N THR C 361 70.04 10.22 29.33
CA THR C 361 69.42 11.53 29.13
C THR C 361 69.26 12.23 30.47
N LEU C 362 68.96 13.54 30.40
CA LEU C 362 69.14 14.51 31.48
C LEU C 362 68.50 14.08 32.80
N ASP C 363 69.14 14.51 33.90
CA ASP C 363 68.82 14.04 35.24
C ASP C 363 67.49 14.61 35.72
N ILE C 364 67.00 14.01 36.81
CA ILE C 364 65.69 14.34 37.37
C ILE C 364 65.78 15.22 38.61
N GLU C 365 66.99 15.64 38.99
CA GLU C 365 67.17 16.39 40.22
C GLU C 365 66.57 17.79 40.13
N GLN C 366 67.02 18.56 39.13
CA GLN C 366 66.49 19.91 38.92
C GLN C 366 65.38 19.88 37.87
N MET C 367 64.33 19.13 38.22
CA MET C 367 63.06 19.15 37.51
C MET C 367 61.94 19.36 38.51
N ASP C 368 60.72 19.47 38.01
CA ASP C 368 59.57 19.84 38.82
C ASP C 368 59.11 18.65 39.66
N ARG C 369 58.10 18.88 40.48
CA ARG C 369 57.42 17.79 41.17
C ARG C 369 56.20 17.29 40.41
N GLU C 370 55.52 18.19 39.69
CA GLU C 370 54.37 17.78 38.88
C GLU C 370 54.81 16.95 37.69
N THR C 371 55.89 17.33 37.03
CA THR C 371 56.39 16.58 35.89
C THR C 371 56.98 15.25 36.32
N LEU C 372 57.68 15.22 37.47
CA LEU C 372 58.19 13.96 38.02
C LEU C 372 57.05 13.01 38.38
N ASP C 373 56.01 13.52 39.06
CA ASP C 373 54.91 12.65 39.46
C ASP C 373 54.08 12.18 38.27
N LYS C 374 53.93 12.99 37.23
CA LYS C 374 53.15 12.48 36.10
C LYS C 374 53.97 11.58 35.18
N LEU C 375 55.29 11.73 35.15
CA LEU C 375 56.12 10.71 34.52
C LEU C 375 56.03 9.40 35.30
N ALA C 376 55.93 9.48 36.63
CA ALA C 376 55.73 8.28 37.44
C ALA C 376 54.37 7.64 37.19
N TYR C 377 53.31 8.45 37.05
CA TYR C 377 51.98 7.95 36.70
C TYR C 377 52.00 7.21 35.36
N VAL C 378 52.52 7.87 34.33
CA VAL C 378 52.59 7.33 32.98
C VAL C 378 53.41 6.05 32.94
N LEU C 379 54.51 6.02 33.69
CA LEU C 379 55.36 4.83 33.66
C LEU C 379 54.83 3.71 34.54
N THR C 380 54.04 4.03 35.58
CA THR C 380 53.50 2.98 36.44
C THR C 380 52.31 2.29 35.80
N LEU C 381 51.38 3.06 35.23
CA LEU C 381 50.14 2.46 34.72
C LEU C 381 50.38 1.70 33.43
N ASN C 382 50.98 2.36 32.43
CA ASN C 382 51.25 1.69 31.17
C ASN C 382 52.40 0.70 31.32
N THR C 383 52.26 -0.47 30.67
CA THR C 383 53.21 -1.55 30.84
C THR C 383 53.97 -1.91 29.58
N GLU C 384 53.66 -1.32 28.43
CA GLU C 384 54.42 -1.60 27.22
C GLU C 384 54.53 -0.33 26.38
N ARG C 385 55.13 -0.49 25.19
CA ARG C 385 55.78 0.62 24.50
C ARG C 385 54.78 1.66 23.99
N GLU C 386 53.68 1.21 23.38
CA GLU C 386 52.76 2.15 22.75
C GLU C 386 51.96 2.94 23.77
N GLY C 387 51.56 2.31 24.87
CA GLY C 387 50.88 3.03 25.92
C GLY C 387 51.75 4.07 26.61
N ILE C 388 53.00 3.68 26.95
CA ILE C 388 53.99 4.60 27.49
C ILE C 388 54.21 5.77 26.54
N GLN C 389 54.40 5.45 25.25
CA GLN C 389 54.74 6.44 24.24
C GLN C 389 53.61 7.44 24.04
N GLU C 390 52.39 6.96 23.86
CA GLU C 390 51.30 7.89 23.60
C GLU C 390 50.79 8.58 24.86
N ALA C 391 51.05 8.04 26.05
CA ALA C 391 50.79 8.81 27.26
C ALA C 391 51.82 9.93 27.44
N LEU C 392 53.09 9.65 27.12
CA LEU C 392 54.10 10.71 27.19
C LEU C 392 53.90 11.76 26.11
N GLU C 393 53.37 11.37 24.96
CA GLU C 393 53.13 12.32 23.88
C GLU C 393 51.83 13.08 24.05
N HIS C 394 50.86 12.51 24.76
CA HIS C 394 49.51 13.06 24.76
C HIS C 394 49.11 13.73 26.06
N GLU C 395 49.62 13.28 27.21
CA GLU C 395 49.23 13.90 28.46
C GLU C 395 50.10 15.10 28.83
N PHE C 396 51.42 15.01 28.63
CA PHE C 396 52.29 16.15 28.86
C PHE C 396 52.07 17.18 27.76
N ALA C 397 51.20 18.15 28.03
CA ALA C 397 50.78 19.11 27.01
C ALA C 397 51.94 20.02 26.62
N ASP C 398 52.18 20.10 25.30
CA ASP C 398 53.31 20.82 24.70
C ASP C 398 54.65 20.36 25.29
N GLY C 399 54.77 19.05 25.48
CA GLY C 399 55.97 18.51 26.09
C GLY C 399 57.16 18.52 25.15
N SER C 400 56.91 18.19 23.87
CA SER C 400 57.90 18.14 22.79
C SER C 400 59.08 17.23 23.13
N PHE C 401 58.78 16.06 23.70
CA PHE C 401 59.81 15.10 24.05
C PHE C 401 60.41 14.48 22.79
N SER C 402 61.69 14.12 22.87
CA SER C 402 62.37 13.48 21.76
C SER C 402 62.02 12.00 21.71
N GLN C 403 62.54 11.31 20.70
CA GLN C 403 62.31 9.87 20.57
C GLN C 403 63.33 9.05 21.34
N LYS C 404 64.53 9.60 21.52
CA LYS C 404 65.62 8.89 22.21
C LYS C 404 65.27 8.66 23.67
N GLN C 405 64.77 9.69 24.35
CA GLN C 405 64.42 9.54 25.75
C GLN C 405 63.18 8.65 25.92
N VAL C 406 62.27 8.66 24.93
CA VAL C 406 61.12 7.76 24.94
C VAL C 406 61.57 6.31 24.86
N ASP C 407 62.51 6.02 23.94
CA ASP C 407 63.03 4.66 23.79
C ASP C 407 63.79 4.22 25.04
N GLU C 408 64.54 5.13 25.66
CA GLU C 408 65.27 4.72 26.87
C GLU C 408 64.33 4.58 28.07
N LEU C 409 63.22 5.33 28.12
CA LEU C 409 62.23 5.07 29.15
C LEU C 409 61.48 3.78 28.93
N VAL C 410 61.29 3.39 27.66
CA VAL C 410 60.71 2.07 27.34
C VAL C 410 61.61 0.96 27.86
N GLN C 411 62.90 1.04 27.56
CA GLN C 411 63.83 0.03 28.05
C GLN C 411 64.02 0.11 29.56
N PHE C 412 63.81 1.29 30.15
CA PHE C 412 63.91 1.46 31.59
C PHE C 412 62.71 0.82 32.31
N ARG C 413 61.50 1.00 31.77
CA ARG C 413 60.33 0.34 32.32
C ARG C 413 60.40 -1.16 32.11
N LYS C 414 60.98 -1.60 30.99
CA LYS C 414 61.21 -3.03 30.76
C LYS C 414 62.24 -3.59 31.73
N ALA C 415 63.19 -2.77 32.18
CA ALA C 415 64.25 -3.26 33.05
C ALA C 415 63.77 -3.50 34.48
N ASN C 416 62.86 -2.67 34.98
CA ASN C 416 62.34 -2.80 36.35
C ASN C 416 60.83 -3.04 36.29
N SER C 417 60.43 -4.30 36.36
CA SER C 417 59.01 -4.62 36.45
C SER C 417 58.58 -4.97 37.87
N SER C 418 59.49 -5.52 38.68
CA SER C 418 59.15 -5.91 40.04
C SER C 418 59.17 -4.71 40.98
N ILE C 419 59.95 -3.69 40.66
CA ILE C 419 60.06 -2.51 41.50
C ILE C 419 59.06 -1.44 41.06
N PHE C 420 58.91 -1.24 39.76
CA PHE C 420 58.14 -0.11 39.26
C PHE C 420 56.66 -0.45 39.08
N GLY C 421 56.32 -1.72 38.90
CA GLY C 421 54.94 -2.15 38.87
C GLY C 421 54.48 -2.62 40.24
N LYS C 422 54.94 -1.90 41.28
CA LYS C 422 54.67 -2.28 42.66
C LYS C 422 53.19 -2.12 43.00
N GLY C 423 52.62 -0.96 42.69
CA GLY C 423 51.23 -0.71 43.03
C GLY C 423 50.92 0.76 42.90
N TRP C 424 49.96 1.20 43.71
CA TRP C 424 49.57 2.59 43.78
C TRP C 424 49.44 2.99 45.24
N HIS C 425 49.93 4.18 45.56
CA HIS C 425 49.93 4.64 46.95
C HIS C 425 48.51 4.97 47.39
N ASN C 426 48.16 4.57 48.62
CA ASN C 426 46.80 4.69 49.12
C ASN C 426 46.35 6.13 49.35
N PHE C 427 47.25 7.09 49.29
CA PHE C 427 46.92 8.50 49.40
C PHE C 427 46.90 9.16 48.03
N SER C 428 46.50 10.42 48.03
CA SER C 428 46.39 11.24 46.84
C SER C 428 47.40 12.38 46.92
N VAL C 429 47.62 13.04 45.79
CA VAL C 429 48.65 14.08 45.76
C VAL C 429 48.13 15.37 46.37
N LYS C 430 46.82 15.55 46.47
CA LYS C 430 46.26 16.75 47.09
C LYS C 430 46.49 16.75 48.60
N LEU C 431 46.10 15.67 49.28
CA LEU C 431 46.32 15.54 50.72
C LEU C 431 47.81 15.47 51.07
N MET C 432 48.60 14.85 50.20
CA MET C 432 50.01 14.74 50.52
C MET C 432 50.74 16.06 50.30
N MET C 433 50.36 16.82 49.28
CA MET C 433 50.84 18.20 49.17
C MET C 433 50.27 19.10 50.26
N GLU C 434 49.14 18.72 50.86
CA GLU C 434 48.71 19.38 52.09
C GLU C 434 49.65 19.07 53.25
N LEU C 435 50.34 17.91 53.22
CA LEU C 435 50.95 17.42 54.45
C LEU C 435 52.49 17.31 54.45
N ILE C 436 53.18 17.26 53.28
CA ILE C 436 54.65 17.11 53.29
C ILE C 436 55.42 18.24 53.96
N PRO C 437 55.10 19.53 53.77
CA PRO C 437 55.79 20.56 54.60
C PRO C 437 55.55 20.41 56.10
N GLU C 438 54.30 20.21 56.51
CA GLU C 438 53.92 20.08 57.92
C GLU C 438 54.64 18.94 58.65
N LEU C 439 54.98 17.84 57.97
CA LEU C 439 55.62 16.68 58.58
C LEU C 439 56.92 16.98 59.33
N TYR C 440 57.62 18.06 58.98
CA TYR C 440 59.02 18.22 59.36
C TYR C 440 59.19 18.90 60.70
N GLU C 441 58.36 19.91 60.98
CA GLU C 441 58.62 20.82 62.09
C GLU C 441 58.35 20.16 63.43
N THR C 442 57.46 19.17 63.46
CA THR C 442 57.13 18.47 64.69
C THR C 442 57.25 16.97 64.42
N SER C 443 57.69 16.22 65.42
CA SER C 443 57.59 14.76 65.38
C SER C 443 56.19 14.33 65.77
N GLU C 444 55.36 14.07 64.76
CA GLU C 444 53.94 13.80 64.94
C GLU C 444 53.51 12.74 63.93
N GLU C 445 52.55 11.92 64.33
CA GLU C 445 52.12 10.78 63.54
C GLU C 445 50.79 11.08 62.84
N GLN C 446 50.49 10.26 61.83
CA GLN C 446 49.60 10.65 60.74
C GLN C 446 48.14 10.72 61.20
N MET C 447 47.71 9.74 61.99
CA MET C 447 46.33 9.72 62.45
C MET C 447 46.07 10.79 63.50
N THR C 448 47.07 11.11 64.33
CA THR C 448 46.90 12.20 65.28
C THR C 448 47.03 13.55 64.59
N ILE C 449 47.83 13.62 63.53
CA ILE C 449 47.90 14.83 62.70
C ILE C 449 46.54 15.10 62.06
N LEU C 450 45.91 14.06 61.49
CA LEU C 450 44.60 14.24 60.89
C LEU C 450 43.50 14.42 61.93
N THR C 451 43.71 13.97 63.16
CA THR C 451 42.83 14.37 64.27
C THR C 451 42.98 15.87 64.55
N ARG C 452 44.21 16.36 64.52
CA ARG C 452 44.52 17.75 64.87
C ARG C 452 44.13 18.74 63.79
N LEU C 453 44.15 18.33 62.52
CA LEU C 453 43.69 19.19 61.44
C LEU C 453 42.22 19.02 61.13
N GLY C 454 41.58 17.97 61.65
CA GLY C 454 40.16 17.77 61.45
C GLY C 454 39.82 17.30 60.05
N LYS C 464 18.36 11.50 49.83
CA LYS C 464 17.49 10.99 50.89
C LYS C 464 17.45 11.95 52.08
N THR C 465 16.23 12.29 52.51
CA THR C 465 16.03 13.21 53.61
C THR C 465 15.37 12.60 54.84
N LYS C 466 14.63 11.51 54.69
CA LYS C 466 14.14 10.77 55.84
C LYS C 466 14.49 9.29 55.76
N TYR C 467 14.48 8.71 54.57
CA TYR C 467 14.87 7.32 54.37
C TYR C 467 16.39 7.20 54.36
N ILE C 468 16.85 5.95 54.32
CA ILE C 468 18.25 5.64 54.51
C ILE C 468 18.83 5.15 53.18
N ASP C 469 20.13 5.38 53.03
CA ASP C 469 20.75 5.41 51.71
C ASP C 469 21.06 4.00 51.22
N GLU C 470 21.37 3.91 49.93
CA GLU C 470 21.93 2.71 49.35
C GLU C 470 23.41 2.91 48.98
N LYS C 471 23.96 4.09 49.28
CA LYS C 471 25.39 4.38 49.13
C LYS C 471 26.29 3.32 49.78
N LEU C 472 26.19 3.21 51.11
CA LEU C 472 27.10 2.38 51.90
C LEU C 472 26.94 0.90 51.57
N LEU C 473 25.71 0.46 51.32
CA LEU C 473 25.44 -0.96 51.11
C LEU C 473 25.76 -1.41 49.69
N THR C 474 25.83 -0.49 48.73
CA THR C 474 26.32 -0.82 47.39
C THR C 474 27.83 -0.67 47.28
N GLU C 475 28.45 0.17 48.12
CA GLU C 475 29.91 0.29 48.05
C GLU C 475 30.59 -0.86 48.78
N GLU C 476 30.31 -1.01 50.08
CA GLU C 476 31.01 -2.01 50.89
C GLU C 476 30.45 -3.39 50.55
N ILE C 477 31.17 -4.10 49.68
CA ILE C 477 30.82 -5.45 49.28
C ILE C 477 31.98 -6.36 49.68
N TYR C 478 31.71 -7.28 50.61
CA TYR C 478 32.68 -8.31 50.96
C TYR C 478 32.49 -9.56 50.12
N ASN C 479 31.26 -10.04 50.04
CA ASN C 479 30.86 -11.11 49.14
C ASN C 479 29.62 -10.63 48.41
N PRO C 480 29.23 -11.32 47.32
CA PRO C 480 27.89 -11.05 46.76
C PRO C 480 26.76 -11.47 47.69
N VAL C 481 26.97 -12.52 48.48
CA VAL C 481 25.93 -13.03 49.37
C VAL C 481 25.67 -12.05 50.51
N VAL C 482 26.74 -11.53 51.12
CA VAL C 482 26.61 -10.55 52.20
C VAL C 482 25.98 -9.27 51.69
N ALA C 483 26.35 -8.86 50.47
CA ALA C 483 25.81 -7.64 49.88
C ALA C 483 24.30 -7.75 49.67
N LYS C 484 23.88 -8.85 49.03
CA LYS C 484 22.46 -9.11 48.80
C LYS C 484 21.67 -9.16 50.11
N SER C 485 22.11 -10.00 51.05
CA SER C 485 21.35 -10.23 52.28
C SER C 485 21.23 -8.95 53.12
N VAL C 486 22.31 -8.18 53.23
CA VAL C 486 22.26 -6.95 54.01
C VAL C 486 21.42 -5.87 53.32
N ARG C 487 21.38 -5.84 51.97
CA ARG C 487 20.56 -4.81 51.36
C ARG C 487 19.07 -5.17 51.38
N GLN C 488 18.71 -6.45 51.27
CA GLN C 488 17.32 -6.83 51.43
C GLN C 488 16.85 -6.62 52.87
N ALA C 489 17.74 -6.88 53.84
CA ALA C 489 17.41 -6.61 55.23
C ALA C 489 17.25 -5.11 55.48
N ILE C 490 18.02 -4.26 54.80
CA ILE C 490 17.88 -2.83 55.03
C ILE C 490 16.60 -2.30 54.37
N LYS C 491 16.15 -2.96 53.30
CA LYS C 491 14.84 -2.61 52.73
C LYS C 491 13.71 -2.97 53.70
N ILE C 492 13.82 -4.13 54.34
CA ILE C 492 12.88 -4.53 55.40
C ILE C 492 12.87 -3.49 56.53
N VAL C 493 14.06 -3.08 56.96
CA VAL C 493 14.21 -2.12 58.05
C VAL C 493 13.51 -0.81 57.72
N ASN C 494 13.74 -0.29 56.52
CA ASN C 494 13.23 1.04 56.24
C ASN C 494 11.73 0.99 55.92
N ALA C 495 11.23 -0.15 55.42
CA ALA C 495 9.78 -0.31 55.31
C ALA C 495 9.12 -0.33 56.69
N ALA C 496 9.75 -1.00 57.67
CA ALA C 496 9.19 -1.05 59.01
C ALA C 496 9.25 0.31 59.70
N ILE C 497 10.32 1.07 59.50
CA ILE C 497 10.36 2.40 60.10
C ILE C 497 9.47 3.40 59.37
N LYS C 498 9.11 3.14 58.11
CA LYS C 498 8.11 3.98 57.47
C LYS C 498 6.70 3.68 58.02
N GLU C 499 6.38 2.39 58.18
CA GLU C 499 5.03 2.00 58.59
C GLU C 499 4.69 2.46 60.01
N TYR C 500 5.50 2.06 61.00
CA TYR C 500 5.08 2.24 62.39
C TYR C 500 5.49 3.59 62.96
N GLY C 501 6.79 3.87 63.03
CA GLY C 501 7.23 5.13 63.58
C GLY C 501 8.69 5.18 63.98
N ASP C 502 8.94 5.63 65.21
CA ASP C 502 10.30 5.79 65.72
C ASP C 502 10.76 4.50 66.39
N PHE C 503 12.05 4.46 66.71
CA PHE C 503 12.65 3.29 67.35
C PHE C 503 13.66 3.73 68.40
N ASP C 504 14.05 2.78 69.25
CA ASP C 504 15.21 2.97 70.11
C ASP C 504 16.14 1.77 70.13
N ASN C 505 15.62 0.56 69.89
CA ASN C 505 16.42 -0.65 69.90
C ASN C 505 16.25 -1.42 68.60
N ILE C 506 17.36 -1.63 67.89
CA ILE C 506 17.42 -2.44 66.67
C ILE C 506 18.44 -3.54 66.91
N VAL C 507 18.08 -4.77 66.58
CA VAL C 507 18.92 -5.94 66.84
C VAL C 507 19.19 -6.63 65.51
N ILE C 508 20.47 -6.96 65.26
CA ILE C 508 20.88 -7.68 64.06
C ILE C 508 21.64 -8.93 64.48
N GLU C 509 21.16 -10.10 64.06
CA GLU C 509 21.98 -11.30 64.20
C GLU C 509 22.97 -11.37 63.04
N SER C 691 29.16 -6.25 59.65
CA SER C 691 28.98 -6.19 61.10
C SER C 691 29.03 -4.75 61.58
N ARG C 692 30.25 -4.23 61.72
CA ARG C 692 30.45 -2.89 62.24
C ARG C 692 30.16 -1.81 61.21
N VAL C 693 30.20 -2.16 59.91
CA VAL C 693 29.86 -1.22 58.85
C VAL C 693 28.38 -0.81 58.93
N VAL C 694 27.48 -1.80 59.04
CA VAL C 694 26.06 -1.50 59.17
C VAL C 694 25.77 -0.83 60.49
N LEU C 695 26.56 -1.17 61.52
CA LEU C 695 26.39 -0.58 62.85
C LEU C 695 26.67 0.92 62.83
N ASN C 696 27.87 1.32 62.39
CA ASN C 696 28.15 2.75 62.39
C ASN C 696 27.39 3.50 61.31
N ALA C 697 26.94 2.80 60.24
CA ALA C 697 26.02 3.38 59.27
C ALA C 697 24.72 3.83 59.94
N LEU C 698 24.05 2.89 60.62
CA LEU C 698 22.79 3.21 61.29
C LEU C 698 22.99 4.20 62.43
N GLN C 699 24.12 4.09 63.15
CA GLN C 699 24.39 4.98 64.26
C GLN C 699 24.63 6.41 63.80
N GLU C 700 25.33 6.60 62.69
CA GLU C 700 25.55 7.95 62.20
C GLU C 700 24.33 8.53 61.52
N HIS C 701 23.52 7.70 60.85
CA HIS C 701 22.26 8.20 60.31
C HIS C 701 21.33 8.65 61.44
N PHE C 702 21.28 7.90 62.54
CA PHE C 702 20.38 8.27 63.63
C PHE C 702 20.91 9.45 64.45
N ARG C 703 22.23 9.63 64.55
CA ARG C 703 22.75 10.85 65.17
C ARG C 703 22.56 12.05 64.25
N ALA C 704 22.73 11.86 62.94
CA ALA C 704 22.52 12.96 62.00
C ALA C 704 21.06 13.32 61.84
N HIS C 705 20.15 12.39 62.12
CA HIS C 705 18.72 12.66 62.12
C HIS C 705 18.20 12.92 63.53
N LYS C 706 19.11 13.01 64.51
CA LYS C 706 18.83 13.42 65.90
C LYS C 706 17.86 12.47 66.59
N ILE C 707 18.07 11.17 66.40
CA ILE C 707 17.23 10.13 66.97
C ILE C 707 18.11 9.20 67.79
N ASP C 708 17.82 9.08 69.08
CA ASP C 708 18.55 8.15 69.95
C ASP C 708 17.99 6.76 69.69
N THR C 709 18.69 5.98 68.86
CA THR C 709 18.34 4.59 68.59
C THR C 709 19.60 3.75 68.72
N LYS C 710 19.53 2.70 69.53
CA LYS C 710 20.66 1.81 69.77
C LYS C 710 20.55 0.61 68.83
N VAL C 711 21.52 0.48 67.93
CA VAL C 711 21.64 -0.67 67.04
C VAL C 711 22.71 -1.58 67.62
N SER C 712 22.42 -2.87 67.69
CA SER C 712 23.37 -3.81 68.28
C SER C 712 23.41 -5.09 67.46
N VAL C 713 24.63 -5.53 67.16
CA VAL C 713 24.86 -6.72 66.33
C VAL C 713 24.93 -7.98 67.18
N HIS C 736 9.09 -19.79 59.03
CA HIS C 736 8.79 -20.16 60.41
C HIS C 736 9.98 -19.87 61.32
N HIS C 737 11.07 -20.59 61.07
CA HIS C 737 12.15 -20.74 62.04
C HIS C 737 12.90 -19.43 62.28
N HIS C 738 13.30 -18.75 61.20
CA HIS C 738 14.03 -17.50 61.36
C HIS C 738 13.13 -16.37 61.84
N ALA C 739 11.82 -16.45 61.57
CA ALA C 739 10.88 -15.48 62.14
C ALA C 739 10.78 -15.65 63.65
N VAL C 740 10.68 -16.89 64.12
CA VAL C 740 10.66 -17.19 65.55
C VAL C 740 11.97 -16.77 66.21
N ASP C 741 13.10 -17.00 65.53
CA ASP C 741 14.40 -16.65 66.11
C ASP C 741 14.59 -15.14 66.19
N ALA C 742 14.09 -14.40 65.20
CA ALA C 742 14.14 -12.94 65.27
C ALA C 742 13.21 -12.41 66.35
N LEU C 743 12.07 -13.05 66.55
CA LEU C 743 11.18 -12.71 67.66
C LEU C 743 11.86 -12.96 69.01
N ILE C 744 12.61 -14.06 69.10
CA ILE C 744 13.29 -14.43 70.34
C ILE C 744 14.41 -13.45 70.67
N ILE C 745 15.19 -13.06 69.67
CA ILE C 745 16.27 -12.11 69.95
C ILE C 745 15.74 -10.68 70.07
N ALA C 746 14.55 -10.40 69.53
CA ALA C 746 13.92 -9.12 69.82
C ALA C 746 13.42 -9.07 71.26
N ALA C 747 13.03 -10.23 71.81
CA ALA C 747 12.74 -10.31 73.24
C ALA C 747 14.00 -10.26 74.09
N SER C 748 15.12 -10.73 73.56
CA SER C 748 16.38 -10.76 74.30
C SER C 748 17.16 -9.46 74.22
N SER C 749 16.65 -8.45 73.52
CA SER C 749 17.29 -7.14 73.37
C SER C 749 17.57 -6.42 74.68
N ASP C 806 0.76 -20.67 63.89
CA ASP C 806 0.80 -20.73 62.43
C ASP C 806 -0.03 -19.61 61.81
N SER C 807 0.13 -18.40 62.34
CA SER C 807 -0.39 -17.19 61.74
C SER C 807 0.72 -16.36 61.10
N ILE C 808 1.85 -16.99 60.79
CA ILE C 808 3.02 -16.32 60.22
C ILE C 808 2.77 -16.04 58.74
N LEU C 809 3.25 -14.90 58.28
CA LEU C 809 3.20 -14.51 56.87
C LEU C 809 4.57 -14.65 56.23
N PHE C 810 4.61 -15.11 54.99
CA PHE C 810 5.83 -15.22 54.21
C PHE C 810 5.90 -14.11 53.17
N SER C 811 7.09 -13.95 52.59
CA SER C 811 7.31 -12.98 51.53
C SER C 811 8.40 -13.49 50.59
N TYR C 812 8.05 -13.73 49.34
CA TYR C 812 8.97 -14.25 48.34
C TYR C 812 9.39 -13.14 47.37
N GLN C 813 10.37 -13.46 46.55
CA GLN C 813 10.87 -12.55 45.52
C GLN C 813 10.48 -13.07 44.15
N VAL C 814 10.10 -12.17 43.26
CA VAL C 814 9.54 -12.51 41.97
C VAL C 814 10.67 -12.57 40.95
N ASP C 815 10.55 -13.47 39.98
CA ASP C 815 11.54 -13.69 38.94
C ASP C 815 10.89 -13.37 37.59
N SER C 816 11.13 -12.17 37.07
CA SER C 816 10.42 -11.70 35.89
C SER C 816 11.35 -11.15 34.81
N LYS C 817 12.59 -11.61 34.78
CA LYS C 817 13.55 -11.17 33.78
C LYS C 817 13.26 -11.89 32.48
N PHE C 818 13.53 -11.22 31.35
CA PHE C 818 13.02 -11.73 30.08
C PHE C 818 14.06 -12.30 29.14
N ASN C 819 15.31 -11.86 29.19
CA ASN C 819 16.32 -12.37 28.29
C ASN C 819 17.28 -13.22 29.10
N ARG C 820 17.02 -14.53 29.14
CA ARG C 820 17.87 -15.49 29.81
C ARG C 820 18.26 -16.57 28.81
N LYS C 821 18.82 -17.66 29.32
CA LYS C 821 19.31 -18.75 28.49
C LYS C 821 18.15 -19.41 27.76
N ILE C 822 18.12 -19.28 26.43
CA ILE C 822 16.95 -19.74 25.69
C ILE C 822 17.01 -21.24 25.46
N SER C 823 18.21 -21.83 25.38
CA SER C 823 18.40 -23.24 25.07
C SER C 823 19.86 -23.57 25.34
N ASP C 824 20.21 -24.82 25.07
CA ASP C 824 21.61 -25.19 24.97
C ASP C 824 22.21 -24.59 23.71
N ALA C 825 23.53 -24.47 23.69
CA ALA C 825 24.23 -24.09 22.48
C ALA C 825 24.72 -25.30 21.70
N THR C 826 24.33 -26.50 22.12
CA THR C 826 24.77 -27.74 21.50
C THR C 826 23.86 -28.09 20.33
N ILE C 827 24.47 -28.43 19.21
CA ILE C 827 23.75 -28.71 17.96
C ILE C 827 23.59 -30.22 17.84
N TYR C 828 22.34 -30.68 17.85
CA TYR C 828 22.03 -32.11 17.82
C TYR C 828 21.62 -32.54 16.41
N ALA C 829 21.64 -33.85 16.19
CA ALA C 829 21.25 -34.44 14.92
C ALA C 829 20.12 -35.43 15.14
N THR C 830 19.21 -35.49 14.18
CA THR C 830 18.09 -36.42 14.21
C THR C 830 18.12 -37.28 12.95
N ARG C 831 17.56 -38.48 13.06
CA ARG C 831 17.28 -39.33 11.90
C ARG C 831 15.85 -39.82 11.98
N GLN C 832 15.32 -40.27 10.86
CA GLN C 832 14.01 -40.92 10.83
C GLN C 832 14.17 -42.42 10.70
N ALA C 833 13.68 -43.16 11.69
CA ALA C 833 13.94 -44.58 11.72
C ALA C 833 12.77 -45.32 12.39
N LYS C 834 12.97 -46.62 12.58
CA LYS C 834 12.00 -47.54 13.16
C LYS C 834 12.68 -48.23 14.33
N VAL C 835 12.29 -47.89 15.57
CA VAL C 835 13.00 -48.36 16.76
C VAL C 835 11.97 -48.78 17.81
N GLY C 836 12.05 -50.02 18.25
CA GLY C 836 11.29 -50.48 19.41
C GLY C 836 9.94 -51.05 19.03
N LYS C 837 8.90 -50.23 19.13
CA LYS C 837 7.52 -50.66 18.94
C LYS C 837 6.94 -49.78 17.84
N ASP C 838 7.64 -49.71 16.71
CA ASP C 838 7.29 -48.74 15.68
C ASP C 838 6.31 -49.32 14.67
N LYS C 839 5.25 -48.56 14.43
CA LYS C 839 4.32 -48.80 13.33
C LYS C 839 4.52 -47.82 12.19
N ALA C 840 5.28 -46.75 12.43
CA ALA C 840 5.66 -45.80 11.40
C ALA C 840 7.10 -45.34 11.68
N ASP C 841 7.63 -44.51 10.79
CA ASP C 841 8.90 -43.86 11.08
C ASP C 841 8.72 -42.82 12.17
N GLU C 842 9.82 -42.51 12.85
CA GLU C 842 9.78 -41.39 13.78
C GLU C 842 11.15 -40.73 13.82
N THR C 843 11.15 -39.48 14.29
CA THR C 843 12.38 -38.71 14.43
C THR C 843 13.05 -39.02 15.76
N TYR C 844 14.35 -39.29 15.70
CA TYR C 844 15.14 -39.70 16.85
C TYR C 844 16.34 -38.78 16.94
N VAL C 845 16.51 -38.18 18.12
CA VAL C 845 17.76 -37.52 18.44
C VAL C 845 18.85 -38.58 18.56
N LEU C 846 19.93 -38.37 17.83
CA LEU C 846 21.10 -39.24 17.84
C LEU C 846 21.97 -38.95 19.06
N GLY C 847 22.88 -39.89 19.32
CA GLY C 847 23.88 -39.73 20.35
C GLY C 847 25.21 -40.24 19.84
N LYS C 848 26.20 -40.25 20.71
CA LYS C 848 27.53 -40.68 20.31
C LYS C 848 28.31 -41.14 21.53
N ILE C 849 28.92 -42.31 21.43
CA ILE C 849 29.98 -42.72 22.36
C ILE C 849 31.27 -42.09 21.86
N LYS C 850 31.88 -41.24 22.69
CA LYS C 850 32.97 -40.39 22.22
C LYS C 850 34.22 -41.21 21.90
N ASP C 851 34.54 -42.20 22.73
CA ASP C 851 35.66 -43.10 22.51
C ASP C 851 35.45 -44.38 23.31
N ILE C 852 35.72 -45.52 22.68
CA ILE C 852 35.33 -46.79 23.27
C ILE C 852 36.45 -47.41 24.08
N TYR C 853 37.69 -46.95 23.92
CA TYR C 853 38.83 -47.56 24.59
C TYR C 853 39.04 -47.04 26.00
N THR C 854 38.32 -46.01 26.41
CA THR C 854 38.39 -45.57 27.80
C THR C 854 37.50 -46.46 28.67
N GLN C 855 37.45 -46.14 29.97
CA GLN C 855 36.63 -46.92 30.89
C GLN C 855 35.14 -46.60 30.73
N ASP C 856 34.82 -45.38 30.32
CA ASP C 856 33.42 -44.97 30.21
C ASP C 856 32.77 -45.44 28.91
N GLY C 857 33.55 -45.48 27.82
CA GLY C 857 32.98 -45.83 26.52
C GLY C 857 32.57 -47.29 26.44
N TYR C 858 33.34 -48.18 27.05
CA TYR C 858 32.96 -49.58 27.11
C TYR C 858 31.71 -49.80 27.94
N ASP C 859 31.58 -49.05 29.04
CA ASP C 859 30.42 -49.20 29.91
C ASP C 859 29.16 -48.68 29.21
N ALA C 860 29.28 -47.56 28.50
CA ALA C 860 28.14 -47.05 27.72
C ALA C 860 27.79 -48.00 26.57
N PHE C 861 28.81 -48.62 25.96
CA PHE C 861 28.56 -49.57 24.89
C PHE C 861 27.79 -50.79 25.37
N MET C 862 28.22 -51.36 26.49
CA MET C 862 27.52 -52.55 26.99
C MET C 862 26.17 -52.20 27.59
N LYS C 863 25.98 -50.96 28.08
CA LYS C 863 24.65 -50.54 28.51
C LYS C 863 23.68 -50.49 27.34
N ILE C 864 24.11 -49.87 26.22
CA ILE C 864 23.27 -49.84 25.02
C ILE C 864 23.07 -51.25 24.47
N TYR C 865 24.10 -52.09 24.55
CA TYR C 865 24.03 -53.44 23.99
C TYR C 865 23.07 -54.33 24.79
N LYS C 866 23.08 -54.21 26.12
CA LYS C 866 22.15 -54.97 26.94
C LYS C 866 20.76 -54.36 26.98
N LYS C 867 20.60 -53.10 26.54
CA LYS C 867 19.24 -52.60 26.34
C LYS C 867 18.67 -53.08 25.00
N ASP C 868 19.30 -52.68 23.90
CA ASP C 868 18.78 -53.00 22.57
C ASP C 868 19.91 -52.96 21.55
N LYS C 869 19.99 -53.98 20.71
CA LYS C 869 21.09 -54.13 19.78
C LYS C 869 20.91 -53.34 18.50
N SER C 870 19.67 -53.01 18.14
CA SER C 870 19.38 -52.36 16.86
C SER C 870 19.42 -50.84 16.96
N LYS C 871 19.82 -50.30 18.11
CA LYS C 871 19.96 -48.86 18.25
C LYS C 871 21.20 -48.34 17.54
N PHE C 872 22.24 -49.16 17.42
CA PHE C 872 23.47 -48.74 16.76
C PHE C 872 23.25 -48.56 15.27
N LEU C 873 23.84 -47.50 14.71
CA LEU C 873 23.68 -47.23 13.29
C LEU C 873 24.52 -48.17 12.44
N MET C 874 25.60 -48.71 13.01
CA MET C 874 26.42 -49.68 12.27
C MET C 874 25.72 -51.03 12.19
N TYR C 875 24.86 -51.34 13.17
CA TYR C 875 24.04 -52.53 13.13
C TYR C 875 23.11 -52.56 11.93
N ARG C 876 22.68 -51.39 11.45
CA ARG C 876 21.78 -51.31 10.33
C ARG C 876 22.46 -50.91 9.03
N HIS C 877 23.65 -50.33 9.08
CA HIS C 877 24.28 -49.88 7.86
C HIS C 877 25.60 -50.56 7.53
N ASP C 878 26.15 -51.39 8.42
CA ASP C 878 27.35 -52.17 8.12
C ASP C 878 27.38 -53.38 9.04
N PRO C 879 26.66 -54.45 8.72
CA PRO C 879 26.43 -55.52 9.72
C PRO C 879 27.64 -56.41 9.98
N GLN C 880 28.43 -56.72 8.96
CA GLN C 880 29.53 -57.66 9.14
C GLN C 880 30.65 -57.04 9.98
N THR C 881 30.83 -55.72 9.89
CA THR C 881 31.74 -55.04 10.81
C THR C 881 31.23 -55.14 12.24
N PHE C 882 29.92 -55.13 12.44
CA PHE C 882 29.40 -55.33 13.79
C PHE C 882 29.62 -56.77 14.26
N GLU C 883 29.62 -57.74 13.35
CA GLU C 883 30.00 -59.10 13.72
C GLU C 883 31.46 -59.17 14.15
N LYS C 884 32.33 -58.43 13.46
CA LYS C 884 33.73 -58.36 13.87
C LYS C 884 33.95 -57.41 15.05
N VAL C 885 32.91 -56.71 15.49
CA VAL C 885 32.94 -56.01 16.78
C VAL C 885 32.55 -56.95 17.91
N ILE C 886 31.65 -57.91 17.65
CA ILE C 886 31.22 -58.77 18.76
C ILE C 886 32.04 -60.05 18.86
N GLU C 887 32.92 -60.33 17.88
CA GLU C 887 33.91 -61.37 18.12
C GLU C 887 34.93 -61.02 19.23
N PRO C 888 35.42 -59.75 19.36
CA PRO C 888 36.21 -59.43 20.57
C PRO C 888 35.45 -59.53 21.88
N ILE C 889 34.18 -59.10 21.94
CA ILE C 889 33.46 -59.10 23.21
C ILE C 889 33.09 -60.52 23.65
N LEU C 890 33.18 -61.49 22.75
CA LEU C 890 33.07 -62.90 23.13
C LEU C 890 34.26 -63.33 23.98
N GLU C 891 35.48 -63.13 23.50
CA GLU C 891 36.66 -63.73 24.10
C GLU C 891 37.57 -62.64 24.70
N ASN C 892 37.23 -62.24 25.92
CA ASN C 892 38.10 -61.47 26.83
C ASN C 892 37.55 -61.59 28.24
N PRO C 909 38.13 -54.83 27.27
CA PRO C 909 38.15 -55.75 26.14
C PRO C 909 38.72 -55.10 24.88
N PHE C 910 38.11 -53.97 24.49
CA PHE C 910 38.65 -53.20 23.37
C PHE C 910 40.05 -52.67 23.67
N LEU C 911 40.31 -52.32 24.93
CA LEU C 911 41.65 -51.89 25.33
C LEU C 911 42.67 -53.01 25.22
N LYS C 912 42.26 -54.25 25.48
CA LYS C 912 43.17 -55.39 25.34
C LYS C 912 43.49 -55.64 23.86
N TYR C 913 42.48 -55.53 23.00
CA TYR C 913 42.66 -55.57 21.56
C TYR C 913 43.56 -54.44 21.09
N LYS C 914 43.49 -53.28 21.73
CA LYS C 914 44.34 -52.16 21.32
C LYS C 914 45.79 -52.40 21.73
N GLU C 915 46.02 -52.89 22.95
CA GLU C 915 47.39 -53.10 23.40
C GLU C 915 48.03 -54.35 22.79
N GLU C 916 47.26 -55.24 22.17
CA GLU C 916 47.89 -56.30 21.37
C GLU C 916 47.93 -55.97 19.88
N HIS C 917 46.77 -55.77 19.26
CA HIS C 917 46.65 -55.74 17.81
C HIS C 917 46.48 -54.35 17.21
N GLY C 918 46.31 -53.31 18.01
CA GLY C 918 46.13 -51.97 17.49
C GLY C 918 44.67 -51.56 17.39
N TYR C 919 44.43 -50.58 16.52
CA TYR C 919 43.09 -50.03 16.34
C TYR C 919 42.15 -51.04 15.68
N ILE C 920 40.90 -51.03 16.13
CA ILE C 920 39.87 -51.93 15.61
C ILE C 920 39.46 -51.40 14.25
N ARG C 921 40.03 -51.94 13.18
CA ARG C 921 39.63 -51.51 11.86
C ARG C 921 38.34 -52.21 11.46
N LYS C 922 37.74 -51.76 10.37
CA LYS C 922 36.45 -52.28 9.94
C LYS C 922 36.62 -53.62 9.21
N TYR C 923 35.56 -54.05 8.53
CA TYR C 923 35.67 -55.15 7.61
C TYR C 923 36.16 -54.63 6.27
N SER C 924 37.10 -55.36 5.67
CA SER C 924 37.50 -55.11 4.30
C SER C 924 38.04 -56.41 3.71
N LYS C 925 38.45 -56.33 2.45
CA LYS C 925 39.17 -57.43 1.83
C LYS C 925 40.56 -57.56 2.45
N LYS C 926 41.23 -56.44 2.65
CA LYS C 926 42.59 -56.38 3.17
C LYS C 926 42.57 -55.64 4.49
N GLY C 927 43.75 -55.47 5.08
CA GLY C 927 43.85 -54.67 6.28
C GLY C 927 44.04 -53.20 5.93
N ASN C 928 43.01 -52.56 5.36
CA ASN C 928 43.13 -51.15 4.98
C ASN C 928 41.86 -50.35 5.26
N GLY C 929 40.92 -50.86 6.03
CA GLY C 929 39.73 -50.11 6.37
C GLY C 929 40.05 -49.04 7.40
N PRO C 930 39.16 -48.07 7.57
CA PRO C 930 39.38 -47.04 8.57
C PRO C 930 39.22 -47.59 9.98
N GLU C 931 39.78 -46.86 10.94
CA GLU C 931 39.72 -47.27 12.33
C GLU C 931 38.39 -46.86 12.94
N ILE C 932 38.06 -47.50 14.06
CA ILE C 932 36.79 -47.29 14.73
C ILE C 932 37.11 -46.77 16.13
N LYS C 933 36.75 -45.52 16.37
CA LYS C 933 36.91 -44.91 17.69
C LYS C 933 35.60 -44.49 18.32
N SER C 934 34.59 -44.17 17.53
CA SER C 934 33.31 -43.68 18.03
C SER C 934 32.17 -44.42 17.33
N LEU C 935 30.99 -44.36 17.93
CA LEU C 935 29.82 -45.05 17.41
C LEU C 935 28.57 -44.24 17.73
N LYS C 936 27.75 -44.00 16.72
CA LYS C 936 26.49 -43.28 16.89
C LYS C 936 25.34 -44.26 17.07
N TYR C 937 24.27 -43.77 17.69
CA TYR C 937 23.09 -44.61 17.92
C TYR C 937 21.85 -43.72 17.97
N TYR C 938 20.69 -44.37 18.08
CA TYR C 938 19.41 -43.68 18.20
C TYR C 938 19.13 -43.45 19.68
N ASP C 939 19.42 -42.24 20.16
CA ASP C 939 19.32 -41.98 21.59
C ASP C 939 17.88 -41.88 22.04
N SER C 940 17.14 -40.88 21.58
CA SER C 940 15.83 -40.65 22.20
C SER C 940 14.85 -40.07 21.19
N LYS C 941 13.61 -39.88 21.64
CA LYS C 941 12.61 -39.25 20.79
C LYS C 941 12.62 -37.74 21.00
N LEU C 942 12.14 -37.03 19.97
CA LEU C 942 12.24 -35.58 19.94
C LEU C 942 11.15 -34.95 20.80
N GLY C 943 11.56 -34.02 21.67
CA GLY C 943 10.64 -33.31 22.52
C GLY C 943 10.58 -31.83 22.17
N ASN C 944 10.74 -30.96 23.17
CA ASN C 944 10.80 -29.53 22.92
C ASN C 944 12.10 -29.18 22.22
N HIS C 945 12.01 -28.44 21.12
CA HIS C 945 13.20 -28.10 20.37
C HIS C 945 13.02 -26.79 19.63
N ILE C 946 14.05 -26.41 18.88
CA ILE C 946 14.06 -25.27 17.97
C ILE C 946 14.69 -25.77 16.68
N ASP C 947 13.97 -25.65 15.57
CA ASP C 947 14.41 -26.20 14.30
C ASP C 947 15.38 -25.23 13.63
N ILE C 948 16.67 -25.56 13.66
CA ILE C 948 17.69 -24.67 13.11
C ILE C 948 18.36 -25.32 11.91
N THR C 949 17.58 -26.08 11.14
CA THR C 949 18.09 -26.82 9.98
C THR C 949 18.66 -25.88 8.93
N PRO C 950 19.86 -26.14 8.40
CA PRO C 950 20.41 -25.29 7.34
C PRO C 950 19.67 -25.36 6.02
N LYS C 951 20.17 -24.63 5.02
CA LYS C 951 19.45 -24.50 3.76
C LYS C 951 19.52 -25.80 2.96
N ASP C 952 20.72 -26.28 2.68
CA ASP C 952 20.91 -27.47 1.84
C ASP C 952 21.04 -28.73 2.66
N SER C 953 20.16 -28.97 3.63
CA SER C 953 20.30 -30.12 4.52
C SER C 953 19.29 -31.20 4.15
N ASN C 954 19.45 -32.35 4.78
CA ASN C 954 18.63 -33.52 4.46
C ASN C 954 17.80 -34.04 5.63
N ASN C 955 18.31 -33.96 6.85
CA ASN C 955 17.55 -34.31 8.03
C ASN C 955 17.37 -33.07 8.89
N LYS C 956 16.59 -33.22 9.94
CA LYS C 956 16.34 -32.12 10.84
C LYS C 956 17.53 -31.91 11.77
N VAL C 957 17.74 -30.66 12.18
CA VAL C 957 18.81 -30.25 13.09
C VAL C 957 18.19 -29.35 14.14
N VAL C 958 18.38 -29.68 15.43
CA VAL C 958 17.61 -29.04 16.50
C VAL C 958 18.53 -28.50 17.58
N LEU C 959 17.94 -27.72 18.49
CA LEU C 959 18.52 -27.32 19.76
C LEU C 959 17.55 -27.69 20.87
N GLN C 960 18.04 -28.30 21.94
CA GLN C 960 17.19 -28.80 23.01
C GLN C 960 17.29 -27.93 24.25
N SER C 961 16.61 -28.37 25.31
CA SER C 961 16.60 -27.76 26.65
C SER C 961 16.02 -26.34 26.63
N VAL C 962 14.76 -26.24 26.22
CA VAL C 962 14.07 -24.97 26.03
C VAL C 962 13.24 -24.67 27.27
N SER C 963 13.52 -23.53 27.93
CA SER C 963 13.01 -23.23 29.26
C SER C 963 11.73 -22.41 29.19
N PRO C 964 10.85 -22.51 30.20
CA PRO C 964 9.66 -21.66 30.23
C PRO C 964 9.85 -20.39 31.05
N TRP C 965 9.05 -19.37 30.71
CA TRP C 965 9.18 -18.06 31.31
C TRP C 965 7.97 -17.66 32.15
N ARG C 966 6.77 -17.62 31.57
CA ARG C 966 5.61 -17.09 32.28
C ARG C 966 4.34 -17.73 31.74
N ALA C 967 3.22 -17.44 32.40
CA ALA C 967 1.93 -17.95 31.99
C ALA C 967 0.93 -16.81 31.90
N ASP C 968 0.04 -16.86 30.91
CA ASP C 968 -1.09 -15.95 30.81
C ASP C 968 -2.36 -16.75 31.02
N VAL C 969 -3.22 -16.30 31.94
CA VAL C 969 -4.42 -17.05 32.30
C VAL C 969 -5.63 -16.38 31.67
N TYR C 970 -6.35 -17.13 30.83
CA TYR C 970 -7.55 -16.66 30.17
C TYR C 970 -8.77 -17.37 30.72
N PHE C 971 -9.94 -16.80 30.44
CA PHE C 971 -11.19 -17.31 30.98
C PHE C 971 -12.31 -16.96 30.02
N ASN C 972 -13.10 -17.95 29.63
CA ASN C 972 -14.25 -17.71 28.77
C ASN C 972 -15.54 -17.97 29.55
N LYS C 973 -16.60 -17.30 29.15
CA LYS C 973 -17.87 -17.40 29.84
C LYS C 973 -18.79 -18.47 29.26
N THR C 974 -18.57 -18.89 28.02
CA THR C 974 -19.49 -19.84 27.41
C THR C 974 -19.23 -21.27 27.84
N THR C 975 -18.11 -21.53 28.50
CA THR C 975 -17.85 -22.80 29.15
C THR C 975 -17.70 -22.68 30.66
N GLY C 976 -17.26 -21.52 31.16
CA GLY C 976 -17.14 -21.30 32.58
C GLY C 976 -15.96 -22.03 33.19
N LYS C 977 -14.80 -21.90 32.57
CA LYS C 977 -13.59 -22.54 33.05
C LYS C 977 -12.40 -21.77 32.52
N TYR C 978 -11.22 -22.05 33.08
CA TYR C 978 -10.02 -21.30 32.75
C TYR C 978 -9.20 -22.04 31.70
N GLU C 979 -8.47 -21.27 30.91
CA GLU C 979 -7.47 -21.80 29.97
C GLU C 979 -6.14 -21.12 30.29
N ILE C 980 -5.04 -21.81 30.00
CA ILE C 980 -3.73 -21.38 30.47
C ILE C 980 -2.74 -21.45 29.32
N LEU C 981 -2.06 -20.33 29.07
CA LEU C 981 -1.02 -20.22 28.07
C LEU C 981 0.35 -20.57 28.66
N GLY C 982 1.37 -20.59 27.81
CA GLY C 982 2.73 -20.68 28.29
C GLY C 982 3.73 -20.08 27.32
N LEU C 983 4.51 -19.12 27.80
CA LEU C 983 5.54 -18.48 26.98
C LEU C 983 6.91 -18.97 27.42
N LYS C 984 7.79 -19.16 26.45
CA LYS C 984 9.16 -19.56 26.73
C LYS C 984 10.08 -18.36 26.59
N TYR C 985 11.36 -18.56 26.90
CA TYR C 985 12.32 -17.49 26.69
C TYR C 985 12.59 -17.27 25.21
N ALA C 986 12.47 -18.32 24.40
CA ALA C 986 12.78 -18.28 22.99
C ALA C 986 11.58 -17.90 22.14
N ASP C 987 10.48 -17.47 22.74
CA ASP C 987 9.34 -16.98 21.99
C ASP C 987 9.43 -15.48 21.70
N LEU C 988 10.43 -14.80 22.23
CA LEU C 988 10.64 -13.38 21.99
C LEU C 988 11.76 -13.20 20.98
N GLN C 989 11.96 -11.97 20.52
CA GLN C 989 12.84 -11.77 19.39
C GLN C 989 13.30 -10.31 19.37
N PHE C 990 14.51 -10.09 18.89
CA PHE C 990 14.90 -8.76 18.44
C PHE C 990 14.26 -8.50 17.09
N GLU C 991 13.54 -7.39 16.96
CA GLU C 991 12.71 -7.18 15.79
C GLU C 991 13.47 -6.46 14.68
N LYS C 992 12.84 -6.37 13.52
CA LYS C 992 13.54 -6.19 12.26
C LYS C 992 13.68 -4.74 11.82
N GLY C 993 13.16 -3.77 12.55
CA GLY C 993 13.34 -2.41 12.09
C GLY C 993 14.06 -1.52 13.06
N THR C 994 13.87 -1.79 14.34
CA THR C 994 14.37 -0.94 15.40
C THR C 994 15.14 -1.70 16.47
N GLY C 995 15.18 -3.02 16.42
CA GLY C 995 15.96 -3.78 17.36
C GLY C 995 15.37 -3.86 18.75
N THR C 996 14.05 -3.83 18.86
CA THR C 996 13.42 -3.95 20.17
C THR C 996 13.16 -5.42 20.47
N TYR C 997 13.05 -5.73 21.75
CA TYR C 997 12.84 -7.09 22.22
C TYR C 997 11.37 -7.26 22.56
N LYS C 998 10.65 -8.00 21.71
CA LYS C 998 9.22 -8.18 21.88
C LYS C 998 8.76 -9.36 21.05
N ILE C 999 7.49 -9.73 21.23
CA ILE C 999 6.83 -10.73 20.41
C ILE C 999 5.69 -10.06 19.67
N SER C 1000 5.48 -10.46 18.41
CA SER C 1000 4.43 -9.89 17.59
C SER C 1000 3.05 -10.36 18.09
N GLN C 1001 2.00 -9.80 17.49
CA GLN C 1001 0.66 -10.23 17.86
C GLN C 1001 0.21 -11.47 17.11
N GLU C 1002 0.76 -11.71 15.93
CA GLU C 1002 0.34 -12.87 15.12
C GLU C 1002 0.98 -14.16 15.63
N LYS C 1003 2.26 -14.10 16.01
CA LYS C 1003 2.88 -15.25 16.67
C LYS C 1003 2.21 -15.54 18.01
N TYR C 1004 1.77 -14.50 18.70
CA TYR C 1004 1.01 -14.69 19.92
C TYR C 1004 -0.36 -15.31 19.65
N ASN C 1005 -0.95 -15.03 18.49
CA ASN C 1005 -2.19 -15.71 18.12
C ASN C 1005 -1.95 -17.18 17.81
N ASP C 1006 -0.79 -17.51 17.24
CA ASP C 1006 -0.45 -18.93 17.03
C ASP C 1006 -0.24 -19.66 18.34
N ILE C 1007 0.44 -19.01 19.30
CA ILE C 1007 0.62 -19.61 20.62
C ILE C 1007 -0.71 -19.74 21.36
N LYS C 1008 -1.63 -18.79 21.17
CA LYS C 1008 -2.97 -18.91 21.74
C LYS C 1008 -3.76 -20.05 21.11
N LYS C 1009 -3.58 -20.26 19.80
CA LYS C 1009 -4.30 -21.32 19.10
C LYS C 1009 -3.81 -22.69 19.52
N LYS C 1010 -2.50 -22.85 19.71
CA LYS C 1010 -1.94 -24.15 20.05
C LYS C 1010 -2.34 -24.59 21.44
N GLU C 1011 -2.35 -23.68 22.41
CA GLU C 1011 -2.67 -24.01 23.79
C GLU C 1011 -4.16 -24.16 24.05
N GLY C 1012 -5.02 -23.94 23.05
CA GLY C 1012 -6.42 -24.20 23.20
C GLY C 1012 -7.25 -23.04 23.71
N VAL C 1013 -6.70 -21.83 23.75
CA VAL C 1013 -7.44 -20.67 24.23
C VAL C 1013 -8.37 -20.20 23.12
N ASP C 1014 -9.63 -19.96 23.47
CA ASP C 1014 -10.60 -19.43 22.53
C ASP C 1014 -10.31 -17.95 22.26
N SER C 1015 -10.77 -17.47 21.10
CA SER C 1015 -10.52 -16.09 20.70
C SER C 1015 -11.26 -15.08 21.58
N ASP C 1016 -12.43 -15.43 22.08
CA ASP C 1016 -13.27 -14.50 22.84
C ASP C 1016 -13.19 -14.72 24.34
N SER C 1017 -12.01 -15.02 24.86
CA SER C 1017 -11.80 -15.12 26.30
C SER C 1017 -11.27 -13.81 26.84
N GLU C 1018 -11.44 -13.60 28.14
CA GLU C 1018 -11.00 -12.39 28.80
C GLU C 1018 -9.68 -12.64 29.52
N PHE C 1019 -8.68 -11.82 29.23
CA PHE C 1019 -7.36 -11.97 29.83
C PHE C 1019 -7.40 -11.53 31.29
N LYS C 1020 -7.03 -12.43 32.19
CA LYS C 1020 -7.13 -12.13 33.62
C LYS C 1020 -5.83 -11.56 34.18
N PHE C 1021 -4.76 -12.35 34.17
CA PHE C 1021 -3.46 -11.90 34.65
C PHE C 1021 -2.37 -12.79 34.06
N THR C 1022 -1.13 -12.47 34.41
CA THR C 1022 0.04 -13.24 34.03
C THR C 1022 0.86 -13.58 35.27
N LEU C 1023 1.46 -14.77 35.25
CA LEU C 1023 2.15 -15.35 36.39
C LEU C 1023 3.60 -15.59 36.05
N TYR C 1024 4.49 -15.12 36.91
CA TYR C 1024 5.91 -15.41 36.85
C TYR C 1024 6.23 -16.47 37.90
N LYS C 1025 7.51 -16.85 37.98
CA LYS C 1025 7.93 -17.80 38.99
C LYS C 1025 7.98 -17.12 40.36
N ASN C 1026 7.65 -17.91 41.39
CA ASN C 1026 7.45 -17.46 42.77
C ASN C 1026 6.43 -16.33 42.86
N ASP C 1027 5.30 -16.51 42.19
CA ASP C 1027 4.20 -15.57 42.23
C ASP C 1027 3.02 -16.26 42.90
N LEU C 1028 2.42 -15.57 43.87
CA LEU C 1028 1.51 -16.23 44.80
C LEU C 1028 0.12 -16.38 44.20
N LEU C 1029 -0.33 -17.63 44.10
CA LEU C 1029 -1.59 -17.98 43.46
C LEU C 1029 -2.60 -18.36 44.54
N LEU C 1030 -3.86 -18.05 44.31
CA LEU C 1030 -4.94 -18.40 45.23
C LEU C 1030 -5.98 -19.20 44.46
N VAL C 1031 -6.26 -20.42 44.92
CA VAL C 1031 -7.28 -21.26 44.32
C VAL C 1031 -8.44 -21.40 45.29
N LYS C 1032 -9.63 -21.02 44.84
CA LYS C 1032 -10.86 -21.11 45.62
C LYS C 1032 -11.84 -21.97 44.83
N ASP C 1033 -12.76 -22.60 45.55
CA ASP C 1033 -13.76 -23.45 44.90
C ASP C 1033 -15.12 -22.76 44.91
N THR C 1034 -16.07 -23.36 44.19
CA THR C 1034 -17.36 -22.77 43.93
C THR C 1034 -18.51 -23.48 44.63
N GLU C 1035 -18.39 -24.79 44.84
CA GLU C 1035 -19.42 -25.59 45.49
C GLU C 1035 -19.17 -25.78 46.99
N THR C 1036 -17.94 -26.13 47.38
CA THR C 1036 -17.54 -26.19 48.77
C THR C 1036 -16.46 -25.13 48.98
N LYS C 1037 -16.77 -24.13 49.81
CA LYS C 1037 -15.97 -22.90 49.86
C LYS C 1037 -14.64 -23.15 50.58
N GLU C 1038 -13.68 -23.68 49.83
CA GLU C 1038 -12.35 -23.94 50.32
C GLU C 1038 -11.36 -22.97 49.70
N GLN C 1039 -10.21 -22.81 50.35
CA GLN C 1039 -9.16 -21.92 49.88
C GLN C 1039 -7.81 -22.60 50.03
N GLN C 1040 -7.04 -22.60 48.95
CA GLN C 1040 -5.66 -23.09 48.94
C GLN C 1040 -4.79 -22.01 48.33
N LEU C 1041 -3.54 -21.95 48.76
CA LEU C 1041 -2.60 -20.97 48.27
C LEU C 1041 -1.35 -21.68 47.78
N PHE C 1042 -0.91 -21.33 46.58
CA PHE C 1042 0.23 -21.97 45.94
C PHE C 1042 1.28 -20.93 45.57
N ARG C 1043 2.46 -21.42 45.21
CA ARG C 1043 3.44 -20.70 44.40
C ARG C 1043 3.46 -21.31 43.00
N PHE C 1044 3.51 -20.46 41.99
CA PHE C 1044 3.62 -20.91 40.62
C PHE C 1044 5.06 -21.30 40.33
N LEU C 1045 5.26 -22.35 39.53
CA LEU C 1045 6.61 -22.62 39.05
C LEU C 1045 6.71 -22.52 37.53
N SER C 1046 5.94 -23.29 36.78
CA SER C 1046 6.14 -23.38 35.34
C SER C 1046 4.87 -23.94 34.70
N ARG C 1047 4.99 -24.40 33.46
CA ARG C 1047 3.87 -24.75 32.60
C ARG C 1047 4.13 -26.14 31.98
N THR C 1048 4.34 -27.11 32.87
CA THR C 1048 4.85 -28.43 32.52
C THR C 1048 3.85 -29.23 31.69
N MET C 1049 4.35 -30.37 31.18
CA MET C 1049 3.68 -31.38 30.36
C MET C 1049 3.02 -30.78 29.12
N PRO C 1050 3.79 -30.41 28.10
CA PRO C 1050 3.21 -29.75 26.93
C PRO C 1050 2.65 -30.70 25.88
N LYS C 1051 1.93 -31.75 26.28
CA LYS C 1051 1.19 -32.57 25.33
C LYS C 1051 -0.30 -32.39 25.50
N GLN C 1052 -0.84 -32.60 26.69
CA GLN C 1052 -2.19 -32.18 27.01
C GLN C 1052 -2.16 -30.90 27.83
N LYS C 1053 -3.30 -30.22 27.86
CA LYS C 1053 -3.36 -28.79 28.07
C LYS C 1053 -3.64 -28.42 29.52
N HIS C 1054 -3.29 -27.17 29.85
CA HIS C 1054 -3.63 -26.43 31.06
C HIS C 1054 -2.96 -26.95 32.32
N TYR C 1055 -2.00 -27.86 32.20
CA TYR C 1055 -1.30 -28.38 33.38
C TYR C 1055 -0.27 -27.37 33.87
N VAL C 1056 -0.25 -27.14 35.18
CA VAL C 1056 0.59 -26.15 35.82
C VAL C 1056 1.32 -26.83 36.98
N GLU C 1057 2.62 -26.57 37.09
CA GLU C 1057 3.41 -27.06 38.23
C GLU C 1057 3.40 -26.03 39.35
N LEU C 1058 3.07 -26.50 40.55
CA LEU C 1058 2.94 -25.63 41.71
C LEU C 1058 3.90 -26.07 42.82
N LYS C 1059 4.11 -25.17 43.76
CA LYS C 1059 4.99 -25.37 44.90
C LYS C 1059 4.30 -24.83 46.14
N PRO C 1060 4.68 -25.30 47.34
CA PRO C 1060 4.02 -24.83 48.56
C PRO C 1060 4.34 -23.39 48.89
N TYR C 1061 3.64 -22.90 49.91
CA TYR C 1061 3.78 -21.53 50.40
C TYR C 1061 4.60 -21.47 51.69
N ASP C 1062 4.62 -22.55 52.46
CA ASP C 1062 5.32 -22.62 53.74
C ASP C 1062 6.69 -23.27 53.63
N LYS C 1063 6.80 -24.35 52.87
CA LYS C 1063 8.01 -25.14 52.75
C LYS C 1063 8.51 -25.08 51.31
N GLN C 1064 9.48 -25.93 50.99
CA GLN C 1064 10.07 -25.95 49.67
C GLN C 1064 9.66 -27.16 48.82
N LYS C 1065 9.00 -28.15 49.39
CA LYS C 1065 8.72 -29.39 48.67
C LYS C 1065 7.33 -29.90 49.02
N PHE C 1066 6.88 -30.88 48.24
CA PHE C 1066 5.58 -31.53 48.37
C PHE C 1066 5.75 -33.05 48.42
N GLU C 1067 6.65 -33.51 49.28
CA GLU C 1067 6.93 -34.94 49.39
C GLU C 1067 5.74 -35.68 49.99
N GLY C 1068 5.40 -36.82 49.38
CA GLY C 1068 4.35 -37.69 49.86
C GLY C 1068 3.12 -37.63 48.96
N GLY C 1069 2.11 -38.40 49.36
CA GLY C 1069 0.79 -38.31 48.77
C GLY C 1069 -0.10 -37.38 49.56
N GLU C 1070 0.42 -36.20 49.87
CA GLU C 1070 -0.28 -35.23 50.70
C GLU C 1070 -1.46 -34.62 49.95
N ALA C 1071 -2.59 -34.50 50.64
CA ALA C 1071 -3.79 -33.91 50.07
C ALA C 1071 -3.75 -32.40 50.21
N LEU C 1072 -4.34 -31.70 49.22
CA LEU C 1072 -4.32 -30.25 49.21
C LEU C 1072 -5.71 -29.67 49.40
N ILE C 1073 -6.63 -29.93 48.48
CA ILE C 1073 -8.04 -29.58 48.59
C ILE C 1073 -8.85 -30.67 47.91
N LYS C 1074 -10.17 -30.50 47.87
CA LYS C 1074 -11.06 -31.58 47.46
C LYS C 1074 -10.93 -31.90 45.97
N VAL C 1075 -10.98 -30.87 45.11
CA VAL C 1075 -11.15 -31.11 43.69
C VAL C 1075 -9.82 -31.39 42.99
N LEU C 1076 -8.69 -30.95 43.55
CA LEU C 1076 -7.41 -31.21 42.92
C LEU C 1076 -7.00 -32.67 43.09
N GLY C 1077 -6.79 -33.11 44.33
CA GLY C 1077 -6.39 -34.48 44.58
C GLY C 1077 -5.21 -34.58 45.52
N ASN C 1078 -4.36 -35.57 45.28
CA ASN C 1078 -3.17 -35.80 46.09
C ASN C 1078 -1.92 -35.71 45.22
N VAL C 1079 -0.83 -35.26 45.83
CA VAL C 1079 0.46 -35.19 45.15
C VAL C 1079 0.93 -36.60 44.81
N ALA C 1080 1.67 -36.73 43.71
CA ALA C 1080 2.18 -38.02 43.25
C ALA C 1080 3.28 -38.55 44.19
N ASN C 1081 3.81 -39.71 43.83
CA ASN C 1081 4.79 -40.38 44.69
C ASN C 1081 6.16 -39.71 44.67
N SER C 1082 6.47 -38.94 43.63
CA SER C 1082 7.77 -38.29 43.57
C SER C 1082 7.82 -37.05 44.48
N GLY C 1083 6.80 -36.21 44.40
CA GLY C 1083 6.76 -35.02 45.22
C GLY C 1083 6.48 -33.76 44.41
N GLN C 1084 6.07 -33.94 43.17
CA GLN C 1084 5.86 -32.85 42.23
C GLN C 1084 4.36 -32.63 42.06
N CYS C 1085 3.96 -31.35 42.01
CA CYS C 1085 2.55 -30.96 41.98
C CYS C 1085 2.19 -30.47 40.59
N LYS C 1086 1.89 -31.41 39.70
CA LYS C 1086 1.55 -31.11 38.31
C LYS C 1086 0.03 -31.24 38.16
N LYS C 1087 -0.67 -30.14 38.39
CA LYS C 1087 -2.13 -30.17 38.40
C LYS C 1087 -2.70 -29.67 37.08
N GLY C 1088 -3.99 -29.96 36.86
CA GLY C 1088 -4.69 -29.38 35.73
C GLY C 1088 -5.74 -28.39 36.17
N LEU C 1089 -5.47 -27.10 36.00
CA LEU C 1089 -6.38 -26.06 36.44
C LEU C 1089 -7.38 -25.65 35.36
N GLY C 1090 -7.42 -26.37 34.25
CA GLY C 1090 -8.40 -26.10 33.21
C GLY C 1090 -9.67 -26.92 33.39
N LYS C 1091 -10.46 -26.56 34.39
CA LYS C 1091 -11.62 -27.33 34.79
C LYS C 1091 -12.71 -26.37 35.22
N SER C 1092 -13.94 -26.87 35.30
CA SER C 1092 -15.01 -26.09 35.91
C SER C 1092 -14.94 -26.22 37.43
N ASN C 1093 -15.84 -25.48 38.10
CA ASN C 1093 -15.98 -25.46 39.56
C ASN C 1093 -14.70 -24.96 40.25
N ILE C 1094 -14.01 -24.01 39.63
CA ILE C 1094 -12.72 -23.53 40.11
C ILE C 1094 -12.69 -22.01 40.01
N SER C 1095 -11.79 -21.38 40.76
CA SER C 1095 -11.67 -19.93 40.77
C SER C 1095 -10.26 -19.56 41.21
N ILE C 1096 -9.67 -18.57 40.55
CA ILE C 1096 -8.26 -18.22 40.74
C ILE C 1096 -8.13 -16.73 41.01
N TYR C 1097 -7.37 -16.37 42.04
CA TYR C 1097 -6.94 -15.01 42.30
C TYR C 1097 -5.42 -14.96 42.31
N LYS C 1098 -4.88 -13.76 42.23
CA LYS C 1098 -3.45 -13.53 42.34
C LYS C 1098 -3.19 -12.67 43.57
N VAL C 1099 -2.14 -13.01 44.31
CA VAL C 1099 -1.79 -12.34 45.55
C VAL C 1099 -0.51 -11.56 45.31
N ARG C 1100 -0.53 -10.28 45.68
CA ARG C 1100 0.62 -9.39 45.56
C ARG C 1100 0.92 -8.92 46.98
N THR C 1101 1.97 -9.48 47.57
CA THR C 1101 2.33 -9.20 48.93
C THR C 1101 3.18 -7.94 49.02
N ASP C 1102 3.28 -7.40 50.23
CA ASP C 1102 4.23 -6.36 50.53
C ASP C 1102 5.54 -7.04 50.91
N VAL C 1103 6.57 -6.26 51.24
CA VAL C 1103 7.80 -6.87 51.71
C VAL C 1103 7.65 -7.34 53.16
N LEU C 1104 6.67 -6.81 53.89
CA LEU C 1104 6.29 -7.27 55.22
C LEU C 1104 5.24 -8.38 55.19
N GLY C 1105 4.69 -8.72 54.03
CA GLY C 1105 3.79 -9.85 53.92
C GLY C 1105 2.31 -9.52 53.80
N ASN C 1106 1.94 -8.26 53.65
CA ASN C 1106 0.54 -7.86 53.56
C ASN C 1106 -0.01 -8.30 52.22
N GLN C 1107 -0.78 -9.39 52.22
CA GLN C 1107 -1.33 -9.95 50.99
C GLN C 1107 -2.44 -9.06 50.45
N HIS C 1108 -2.26 -8.54 49.24
CA HIS C 1108 -3.34 -7.85 48.54
C HIS C 1108 -3.81 -8.71 47.37
N ILE C 1109 -5.12 -8.85 47.22
CA ILE C 1109 -5.70 -9.78 46.26
C ILE C 1109 -6.20 -9.00 45.06
N ILE C 1110 -5.88 -9.48 43.85
CA ILE C 1110 -6.33 -8.83 42.63
C ILE C 1110 -7.17 -9.81 41.83
N LYS C 1111 -7.97 -9.27 40.92
CA LYS C 1111 -8.76 -10.09 40.00
C LYS C 1111 -8.54 -9.75 38.54
N ASN C 1112 -8.32 -8.47 38.21
CA ASN C 1112 -7.99 -8.05 36.86
C ASN C 1112 -6.71 -7.24 36.90
N GLU C 1113 -5.74 -7.60 36.05
CA GLU C 1113 -4.49 -6.87 35.99
C GLU C 1113 -4.62 -5.62 35.13
N GLY C 1114 -4.95 -5.79 33.85
CA GLY C 1114 -5.07 -4.67 32.93
C GLY C 1114 -6.03 -4.99 31.81
N ASP C 1115 -5.71 -4.49 30.61
CA ASP C 1115 -6.54 -4.71 29.43
C ASP C 1115 -5.97 -5.73 28.47
N LYS C 1116 -4.66 -5.89 28.45
CA LYS C 1116 -3.97 -6.71 27.47
C LYS C 1116 -2.67 -7.18 28.09
N PRO C 1117 -2.14 -8.33 27.67
CA PRO C 1117 -0.85 -8.76 28.21
C PRO C 1117 0.29 -7.93 27.67
N LYS C 1118 1.33 -7.78 28.50
CA LYS C 1118 2.49 -7.00 28.13
C LYS C 1118 3.33 -7.80 27.13
N LEU C 1119 3.51 -7.25 25.92
CA LEU C 1119 4.25 -7.95 24.89
C LEU C 1119 5.48 -7.23 24.40
N ASP C 1120 5.65 -5.94 24.70
CA ASP C 1120 6.78 -5.15 24.25
C ASP C 1120 7.64 -4.75 25.44
N PHE C 1121 8.95 -4.97 25.33
CA PHE C 1121 9.87 -4.73 26.44
C PHE C 1121 11.05 -3.83 26.06
N ASP F 3 -9.72 -3.01 -71.83
CA ASP F 3 -10.20 -4.29 -72.35
C ASP F 3 -11.39 -4.80 -71.55
N LEU F 4 -11.55 -4.26 -70.34
CA LEU F 4 -12.60 -4.63 -69.42
C LEU F 4 -13.52 -3.43 -69.20
N VAL F 5 -14.78 -3.71 -68.88
CA VAL F 5 -15.79 -2.67 -68.71
C VAL F 5 -16.38 -2.80 -67.31
N LEU F 6 -16.41 -1.67 -66.58
CA LEU F 6 -16.93 -1.61 -65.22
C LEU F 6 -18.32 -0.99 -65.24
N GLY F 7 -19.21 -1.51 -64.39
CA GLY F 7 -20.55 -0.98 -64.28
C GLY F 7 -21.06 -0.93 -62.85
N LEU F 8 -21.76 0.16 -62.51
CA LEU F 8 -22.26 0.37 -61.17
C LEU F 8 -23.70 0.85 -61.20
N ASP F 9 -24.54 0.25 -60.36
CA ASP F 9 -25.92 0.66 -60.13
C ASP F 9 -26.00 1.24 -58.73
N ILE F 10 -26.23 2.55 -58.63
CA ILE F 10 -26.19 3.29 -57.38
C ILE F 10 -27.61 3.49 -56.88
N GLY F 11 -27.87 3.06 -55.64
CA GLY F 11 -29.15 3.28 -55.00
C GLY F 11 -29.07 4.09 -53.73
N ILE F 12 -30.12 4.04 -52.92
CA ILE F 12 -30.15 4.78 -51.67
C ILE F 12 -29.22 4.14 -50.64
N GLY F 13 -29.35 2.83 -50.44
CA GLY F 13 -28.55 2.14 -49.45
C GLY F 13 -27.78 0.97 -50.03
N SER F 14 -27.65 0.91 -51.34
CA SER F 14 -26.99 -0.23 -51.97
C SER F 14 -26.33 0.21 -53.26
N VAL F 15 -25.24 -0.47 -53.59
CA VAL F 15 -24.68 -0.42 -54.95
C VAL F 15 -24.49 -1.84 -55.44
N GLY F 16 -25.04 -2.12 -56.62
CA GLY F 16 -24.77 -3.36 -57.32
C GLY F 16 -23.67 -3.08 -58.34
N VAL F 17 -22.70 -4.00 -58.45
CA VAL F 17 -21.51 -3.74 -59.25
C VAL F 17 -21.12 -4.96 -60.07
N GLY F 18 -20.59 -4.70 -61.25
CA GLY F 18 -20.16 -5.77 -62.14
C GLY F 18 -19.05 -5.32 -63.05
N ILE F 19 -18.36 -6.30 -63.62
CA ILE F 19 -17.27 -6.03 -64.56
C ILE F 19 -17.17 -7.18 -65.55
N LEU F 20 -17.08 -6.81 -66.83
CA LEU F 20 -17.12 -7.67 -68.01
C LEU F 20 -15.92 -7.42 -68.90
N ASN F 21 -15.88 -8.16 -70.02
CA ASN F 21 -14.77 -8.14 -70.98
C ASN F 21 -15.16 -7.67 -72.37
N LYS F 22 -16.42 -7.86 -72.78
CA LYS F 22 -17.13 -7.38 -73.97
C LYS F 22 -16.62 -7.93 -75.31
N VAL F 23 -15.52 -8.67 -75.33
CA VAL F 23 -15.08 -9.30 -76.57
C VAL F 23 -15.58 -10.74 -76.56
N THR F 24 -15.67 -11.33 -75.36
CA THR F 24 -16.27 -12.63 -75.16
C THR F 24 -17.63 -12.56 -74.48
N GLY F 25 -17.77 -11.70 -73.48
CA GLY F 25 -19.04 -11.55 -72.80
C GLY F 25 -19.27 -12.48 -71.63
N GLU F 26 -18.20 -12.90 -70.94
CA GLU F 26 -18.33 -13.65 -69.71
C GLU F 26 -18.16 -12.72 -68.52
N ILE F 27 -18.75 -13.13 -67.40
CA ILE F 27 -18.77 -12.28 -66.21
C ILE F 27 -17.46 -12.43 -65.46
N ILE F 28 -16.75 -11.32 -65.28
CA ILE F 28 -15.52 -11.36 -64.51
C ILE F 28 -15.80 -11.14 -63.02
N HIS F 29 -16.64 -10.16 -62.67
CA HIS F 29 -17.13 -10.13 -61.30
C HIS F 29 -18.51 -9.51 -61.22
N LYS F 30 -19.27 -9.93 -60.20
CA LYS F 30 -20.55 -9.38 -59.80
C LYS F 30 -20.59 -9.33 -58.28
N ASN F 31 -21.25 -8.30 -57.73
CA ASN F 31 -21.31 -8.12 -56.28
C ASN F 31 -22.43 -7.15 -55.90
N SER F 32 -22.86 -7.26 -54.64
CA SER F 32 -23.88 -6.39 -54.04
C SER F 32 -23.35 -5.84 -52.73
N ARG F 33 -23.26 -4.52 -52.62
CA ARG F 33 -22.81 -3.85 -51.41
C ARG F 33 -23.98 -3.12 -50.76
N ILE F 34 -24.23 -3.41 -49.48
CA ILE F 34 -25.41 -2.94 -48.77
C ILE F 34 -24.95 -2.17 -47.54
N PHE F 35 -25.39 -0.93 -47.40
CA PHE F 35 -25.13 -0.10 -46.23
C PHE F 35 -26.42 0.56 -45.75
N PRO F 36 -26.50 0.95 -44.48
CA PRO F 36 -27.68 1.69 -44.02
C PRO F 36 -27.78 3.08 -44.62
N ALA F 37 -29.00 3.61 -44.58
CA ALA F 37 -29.29 4.91 -45.18
C ALA F 37 -28.74 6.05 -44.33
N ALA F 38 -28.58 7.20 -44.97
CA ALA F 38 -28.10 8.41 -44.30
C ALA F 38 -29.30 9.17 -43.73
N GLN F 39 -29.65 8.86 -42.49
CA GLN F 39 -30.76 9.50 -41.80
C GLN F 39 -30.29 10.78 -41.13
N ALA F 40 -30.99 11.88 -41.40
CA ALA F 40 -30.71 13.16 -40.75
C ALA F 40 -31.48 13.37 -39.46
N GLU F 41 -32.29 12.39 -39.03
CA GLU F 41 -33.01 12.50 -37.77
C GLU F 41 -32.11 12.27 -36.56
N ASN F 42 -30.99 11.58 -36.75
CA ASN F 42 -30.11 11.26 -35.64
C ASN F 42 -29.25 12.46 -35.27
N ASN F 43 -28.81 13.23 -36.26
CA ASN F 43 -28.06 14.44 -35.96
C ASN F 43 -28.93 15.49 -35.31
N LEU F 44 -30.21 15.55 -35.68
CA LEU F 44 -31.15 16.43 -35.01
C LEU F 44 -31.37 16.03 -33.57
N VAL F 45 -31.43 14.72 -33.30
CA VAL F 45 -31.58 14.22 -31.93
C VAL F 45 -30.36 14.57 -31.09
N ARG F 46 -29.16 14.33 -31.65
CA ARG F 46 -27.91 14.60 -30.94
C ARG F 46 -27.72 16.08 -30.66
N ARG F 47 -28.04 16.95 -31.64
CA ARG F 47 -27.91 18.39 -31.45
C ARG F 47 -28.88 18.92 -30.40
N THR F 48 -30.14 18.45 -30.45
CA THR F 48 -31.15 18.88 -29.49
C THR F 48 -30.75 18.51 -28.07
N ASN F 49 -30.21 17.30 -27.89
CA ASN F 49 -29.79 16.86 -26.57
C ASN F 49 -28.58 17.64 -26.07
N ARG F 50 -27.62 17.95 -26.95
CA ARG F 50 -26.47 18.74 -26.53
C ARG F 50 -26.86 20.14 -26.05
N GLN F 51 -27.76 20.80 -26.77
CA GLN F 51 -28.14 22.15 -26.36
C GLN F 51 -29.03 22.14 -25.11
N GLY F 52 -29.86 21.11 -24.94
CA GLY F 52 -30.60 20.97 -23.70
C GLY F 52 -29.71 20.73 -22.49
N ARG F 53 -28.66 19.92 -22.67
CA ARG F 53 -27.68 19.71 -21.60
C ARG F 53 -26.96 21.00 -21.24
N ARG F 54 -26.67 21.85 -22.23
CA ARG F 54 -26.05 23.15 -21.94
C ARG F 54 -26.97 24.05 -21.13
N LEU F 55 -28.27 24.05 -21.44
CA LEU F 55 -29.23 24.85 -20.65
C LEU F 55 -29.30 24.38 -19.20
N THR F 56 -29.38 23.06 -18.99
CA THR F 56 -29.41 22.51 -17.63
C THR F 56 -28.13 22.85 -16.85
N ARG F 57 -26.97 22.70 -17.50
CA ARG F 57 -25.69 23.07 -16.92
C ARG F 57 -25.66 24.52 -16.47
N ARG F 58 -26.11 25.44 -17.33
CA ARG F 58 -25.96 26.85 -17.00
C ARG F 58 -26.95 27.30 -15.92
N LYS F 59 -28.12 26.65 -15.81
CA LYS F 59 -28.99 26.90 -14.66
C LYS F 59 -28.32 26.50 -13.34
N LYS F 60 -27.76 25.28 -13.30
CA LYS F 60 -27.08 24.83 -12.09
C LYS F 60 -25.88 25.70 -11.75
N HIS F 61 -25.17 26.18 -12.78
CA HIS F 61 -24.03 27.05 -12.53
C HIS F 61 -24.43 28.42 -12.01
N ARG F 62 -25.61 28.93 -12.42
CA ARG F 62 -26.12 30.16 -11.82
C ARG F 62 -26.37 29.99 -10.32
N ARG F 63 -26.93 28.84 -9.93
CA ARG F 63 -27.15 28.60 -8.50
C ARG F 63 -25.83 28.44 -7.74
N VAL F 64 -24.83 27.82 -8.37
CA VAL F 64 -23.51 27.67 -7.75
C VAL F 64 -22.82 29.02 -7.57
N ARG F 65 -22.88 29.87 -8.60
CA ARG F 65 -22.29 31.21 -8.53
C ARG F 65 -22.97 32.06 -7.46
N LEU F 66 -24.28 31.88 -7.27
CA LEU F 66 -24.96 32.58 -6.19
C LEU F 66 -24.51 32.10 -4.82
N ASN F 67 -24.26 30.80 -4.68
CA ASN F 67 -23.71 30.28 -3.42
C ASN F 67 -22.33 30.85 -3.14
N ARG F 68 -21.48 30.94 -4.18
CA ARG F 68 -20.14 31.48 -4.00
C ARG F 68 -20.16 32.96 -3.64
N LEU F 69 -21.03 33.74 -4.29
CA LEU F 69 -21.16 35.15 -3.95
C LEU F 69 -21.70 35.34 -2.53
N PHE F 70 -22.63 34.49 -2.10
CA PHE F 70 -23.21 34.65 -0.77
C PHE F 70 -22.25 34.18 0.32
N GLU F 71 -21.34 33.27 0.01
CA GLU F 71 -20.37 32.80 1.00
C GLU F 71 -19.14 33.68 1.06
N GLU F 72 -18.75 34.28 -0.07
CA GLU F 72 -17.59 35.15 -0.10
C GLU F 72 -17.82 36.46 0.65
N SER F 73 -19.01 37.04 0.51
CA SER F 73 -19.35 38.25 1.26
C SER F 73 -19.73 38.00 2.72
N GLY F 74 -19.75 36.74 3.16
CA GLY F 74 -19.83 36.47 4.59
C GLY F 74 -21.18 36.56 5.23
N LEU F 75 -22.26 36.57 4.44
CA LEU F 75 -23.59 36.67 5.03
C LEU F 75 -23.99 35.37 5.72
N ILE F 76 -23.93 34.24 5.00
CA ILE F 76 -24.31 32.94 5.54
C ILE F 76 -23.09 32.03 5.47
N THR F 77 -22.89 31.21 6.51
CA THR F 77 -21.73 30.34 6.61
C THR F 77 -21.95 28.99 5.95
N ASP F 78 -22.95 28.23 6.40
CA ASP F 78 -23.28 26.94 5.81
C ASP F 78 -24.68 26.97 5.20
N PHE F 79 -24.91 26.06 4.26
CA PHE F 79 -26.13 26.06 3.46
C PHE F 79 -26.92 24.76 3.66
N THR F 80 -26.75 24.12 4.81
CA THR F 80 -27.46 22.88 5.11
C THR F 80 -28.69 23.09 5.99
N LYS F 81 -28.74 24.19 6.74
CA LYS F 81 -29.86 24.46 7.64
C LYS F 81 -30.92 25.36 7.03
N ILE F 82 -30.83 25.63 5.72
CA ILE F 82 -31.81 26.48 5.05
C ILE F 82 -33.13 25.75 4.94
N SER F 83 -34.21 26.38 5.40
CA SER F 83 -35.53 25.78 5.36
C SER F 83 -36.10 25.86 3.96
N ILE F 84 -36.49 24.73 3.41
CA ILE F 84 -36.99 24.67 2.04
C ILE F 84 -38.51 24.78 2.01
N ASN F 85 -39.12 25.07 3.16
CA ASN F 85 -40.56 25.07 3.29
C ASN F 85 -41.12 26.45 3.59
N LEU F 86 -40.50 27.50 3.06
CA LEU F 86 -41.02 28.85 3.16
C LEU F 86 -41.47 29.34 1.79
N ASN F 87 -42.47 30.21 1.78
CA ASN F 87 -43.03 30.71 0.53
C ASN F 87 -42.14 31.80 -0.03
N PRO F 88 -41.51 31.62 -1.19
CA PRO F 88 -40.55 32.61 -1.68
C PRO F 88 -41.19 33.88 -2.20
N TYR F 89 -42.41 33.79 -2.74
CA TYR F 89 -43.08 34.96 -3.28
C TYR F 89 -43.54 35.89 -2.16
N GLN F 90 -43.81 35.32 -0.99
CA GLN F 90 -44.24 36.12 0.15
C GLN F 90 -43.06 36.92 0.70
N LEU F 91 -41.87 36.34 0.71
CA LEU F 91 -40.69 37.07 1.14
C LEU F 91 -40.22 38.03 0.08
N ARG F 92 -40.52 37.74 -1.19
CA ARG F 92 -40.06 38.60 -2.27
C ARG F 92 -40.91 39.86 -2.32
N VAL F 93 -42.19 39.76 -2.00
CA VAL F 93 -43.04 40.95 -1.96
C VAL F 93 -42.94 41.64 -0.60
N LYS F 94 -42.55 40.92 0.46
CA LYS F 94 -42.41 41.54 1.77
C LYS F 94 -41.14 42.38 1.87
N GLY F 95 -40.03 41.90 1.29
CA GLY F 95 -38.79 42.64 1.36
C GLY F 95 -38.72 43.90 0.53
N LEU F 96 -39.78 44.25 -0.20
CA LEU F 96 -39.82 45.53 -0.92
C LEU F 96 -39.99 46.71 0.02
N THR F 97 -40.54 46.50 1.22
CA THR F 97 -40.72 47.55 2.21
C THR F 97 -40.21 47.20 3.60
N ASP F 98 -40.01 45.93 3.91
CA ASP F 98 -39.67 45.48 5.26
C ASP F 98 -38.26 44.90 5.26
N GLU F 99 -37.87 44.29 6.37
CA GLU F 99 -36.52 43.79 6.57
C GLU F 99 -36.50 42.27 6.45
N LEU F 100 -35.72 41.75 5.51
CA LEU F 100 -35.54 40.32 5.36
C LEU F 100 -34.40 39.84 6.24
N SER F 101 -34.61 38.70 6.90
CA SER F 101 -33.74 38.26 7.99
C SER F 101 -32.58 37.40 7.51
N ASN F 102 -31.84 37.88 6.50
CA ASN F 102 -30.50 37.42 6.10
C ASN F 102 -30.43 36.00 5.55
N GLU F 103 -31.53 35.25 5.62
CA GLU F 103 -31.57 33.85 5.23
C GLU F 103 -32.78 33.68 4.33
N GLU F 104 -33.80 34.50 4.58
CA GLU F 104 -34.89 34.63 3.63
C GLU F 104 -34.50 35.52 2.46
N LEU F 105 -33.46 36.33 2.62
CA LEU F 105 -32.90 37.07 1.49
C LEU F 105 -32.25 36.13 0.50
N PHE F 106 -31.51 35.13 1.00
CA PHE F 106 -30.91 34.12 0.14
C PHE F 106 -31.98 33.28 -0.55
N ILE F 107 -33.07 32.98 0.16
CA ILE F 107 -34.19 32.23 -0.40
C ILE F 107 -34.84 33.03 -1.54
N ALA F 108 -35.08 34.32 -1.31
CA ALA F 108 -35.70 35.17 -2.31
C ALA F 108 -34.82 35.33 -3.55
N LEU F 109 -33.51 35.52 -3.36
CA LEU F 109 -32.62 35.70 -4.50
C LEU F 109 -32.40 34.40 -5.27
N LYS F 110 -32.37 33.26 -4.58
CA LYS F 110 -32.23 31.98 -5.27
C LYS F 110 -33.47 31.65 -6.10
N ASN F 111 -34.65 31.90 -5.54
CA ASN F 111 -35.87 31.69 -6.30
C ASN F 111 -35.98 32.66 -7.46
N MET F 112 -35.47 33.88 -7.33
CA MET F 112 -35.53 34.81 -8.45
C MET F 112 -34.54 34.44 -9.55
N VAL F 113 -33.38 33.90 -9.20
CA VAL F 113 -32.42 33.51 -10.23
C VAL F 113 -32.77 32.17 -10.85
N LYS F 114 -33.65 31.38 -10.23
CA LYS F 114 -34.07 30.12 -10.84
C LYS F 114 -34.99 30.36 -12.04
N HIS F 115 -35.86 31.37 -11.97
CA HIS F 115 -36.77 31.72 -13.06
C HIS F 115 -36.56 33.19 -13.41
N ARG F 116 -35.65 33.47 -14.33
CA ARG F 116 -35.58 34.79 -14.92
C ARG F 116 -36.51 34.81 -16.13
N GLY F 117 -36.39 35.81 -16.98
CA GLY F 117 -37.36 35.89 -18.05
C GLY F 117 -36.84 35.83 -19.47
N ILE F 118 -37.74 36.11 -20.43
CA ILE F 118 -37.35 36.21 -21.83
C ILE F 118 -36.74 37.57 -22.10
N SER F 119 -35.94 37.64 -23.17
CA SER F 119 -35.29 38.91 -23.53
C SER F 119 -35.23 39.15 -25.03
N TYR F 120 -35.97 38.40 -25.85
CA TYR F 120 -35.98 38.63 -27.28
C TYR F 120 -36.91 39.75 -27.69
N LEU F 121 -37.73 40.26 -26.78
CA LEU F 121 -38.74 41.24 -27.13
C LEU F 121 -38.20 42.66 -27.08
N ASP F 122 -37.59 43.04 -25.94
CA ASP F 122 -37.08 44.38 -25.65
C ASP F 122 -38.12 45.48 -25.83
N GLY F 133 -49.89 34.28 -33.97
CA GLY F 133 -49.09 34.87 -32.91
C GLY F 133 -49.82 34.98 -31.59
N ASP F 134 -50.49 33.90 -31.18
CA ASP F 134 -51.23 33.90 -29.93
C ASP F 134 -50.30 34.03 -28.72
N TYR F 135 -49.13 33.38 -28.78
CA TYR F 135 -48.14 33.48 -27.71
C TYR F 135 -47.66 34.92 -27.50
N ALA F 136 -47.48 35.65 -28.60
CA ALA F 136 -47.09 37.06 -28.51
C ALA F 136 -48.20 37.89 -27.87
N GLN F 137 -49.46 37.57 -28.20
CA GLN F 137 -50.58 38.30 -27.63
C GLN F 137 -50.71 38.04 -26.13
N ILE F 138 -50.45 36.81 -25.69
CA ILE F 138 -50.53 36.50 -24.26
C ILE F 138 -49.40 37.17 -23.49
N VAL F 139 -48.18 37.17 -24.05
CA VAL F 139 -47.09 37.81 -23.31
C VAL F 139 -47.24 39.33 -23.34
N LYS F 140 -47.87 39.90 -24.38
CA LYS F 140 -48.13 41.33 -24.36
C LYS F 140 -49.25 41.70 -23.39
N GLU F 141 -50.26 40.84 -23.23
CA GLU F 141 -51.26 41.05 -22.19
C GLU F 141 -50.64 40.98 -20.80
N ASN F 142 -49.69 40.07 -20.61
CA ASN F 142 -49.03 39.96 -19.32
C ASN F 142 -48.12 41.16 -19.04
N SER F 143 -47.51 41.71 -20.10
CA SER F 143 -46.74 42.95 -19.96
C SER F 143 -47.65 44.14 -19.67
N LYS F 144 -48.85 44.15 -20.29
CA LYS F 144 -49.86 45.16 -20.01
C LYS F 144 -50.34 45.08 -18.57
N GLN F 145 -50.26 43.90 -17.96
CA GLN F 145 -50.55 43.81 -16.54
C GLN F 145 -49.37 44.28 -15.68
N LEU F 146 -48.14 43.93 -16.03
CA LEU F 146 -47.00 44.21 -15.15
C LEU F 146 -46.51 45.65 -15.19
N GLU F 147 -47.16 46.55 -15.94
CA GLU F 147 -46.73 47.95 -15.97
C GLU F 147 -46.90 48.67 -14.63
N THR F 148 -47.67 48.13 -13.69
CA THR F 148 -47.88 48.77 -12.40
C THR F 148 -47.35 47.99 -11.20
N LYS F 149 -47.05 46.70 -11.35
CA LYS F 149 -46.52 45.88 -10.27
C LYS F 149 -45.26 45.16 -10.72
N THR F 150 -44.57 44.53 -9.77
CA THR F 150 -43.51 43.62 -10.09
C THR F 150 -44.11 42.24 -10.42
N PRO F 151 -43.37 41.37 -11.11
CA PRO F 151 -43.89 40.01 -11.35
C PRO F 151 -44.07 39.16 -10.10
N GLY F 152 -43.36 39.46 -9.00
CA GLY F 152 -43.60 38.75 -7.76
C GLY F 152 -44.96 39.03 -7.18
N GLN F 153 -45.44 40.27 -7.34
CA GLN F 153 -46.79 40.63 -6.89
C GLN F 153 -47.84 39.93 -7.75
N ILE F 154 -47.59 39.81 -9.05
CA ILE F 154 -48.51 39.12 -9.95
C ILE F 154 -48.61 37.64 -9.58
N GLN F 155 -47.46 37.02 -9.31
CA GLN F 155 -47.46 35.59 -9.01
C GLN F 155 -48.07 35.30 -7.64
N LEU F 156 -47.84 36.18 -6.66
CA LEU F 156 -48.51 35.99 -5.36
C LEU F 156 -50.01 36.23 -5.46
N GLU F 157 -50.45 37.18 -6.29
CA GLU F 157 -51.88 37.41 -6.48
C GLU F 157 -52.54 36.21 -7.13
N ARG F 158 -51.92 35.64 -8.16
CA ARG F 158 -52.44 34.44 -8.80
C ARG F 158 -52.46 33.26 -7.83
N TYR F 159 -51.44 33.16 -6.98
CA TYR F 159 -51.38 32.09 -5.99
C TYR F 159 -52.51 32.17 -5.00
N GLN F 160 -52.62 33.29 -4.29
CA GLN F 160 -53.62 33.37 -3.24
C GLN F 160 -55.02 33.71 -3.75
N THR F 161 -55.21 33.87 -5.05
CA THR F 161 -56.56 33.94 -5.59
C THR F 161 -57.02 32.62 -6.21
N TYR F 162 -56.21 32.00 -7.07
CA TYR F 162 -56.64 30.81 -7.79
C TYR F 162 -56.06 29.51 -7.28
N GLY F 163 -55.06 29.55 -6.40
CA GLY F 163 -54.40 28.35 -5.93
C GLY F 163 -53.25 27.88 -6.80
N GLN F 164 -53.34 28.08 -8.11
CA GLN F 164 -52.31 27.69 -9.05
C GLN F 164 -51.39 28.87 -9.33
N LEU F 165 -50.17 28.56 -9.69
CA LEU F 165 -49.15 29.58 -9.96
C LEU F 165 -48.41 29.35 -11.26
N ARG F 166 -48.14 28.09 -11.63
CA ARG F 166 -47.16 27.74 -12.63
C ARG F 166 -47.81 27.05 -13.82
N GLY F 167 -47.08 27.03 -14.93
CA GLY F 167 -47.56 26.42 -16.16
C GLY F 167 -48.30 27.43 -17.01
N ASP F 168 -49.17 26.90 -17.87
CA ASP F 168 -50.19 27.69 -18.54
C ASP F 168 -51.56 27.10 -18.20
N PHE F 169 -52.39 27.89 -17.55
CA PHE F 169 -53.66 27.38 -17.03
C PHE F 169 -54.74 28.42 -17.25
N THR F 170 -55.96 27.96 -17.51
CA THR F 170 -57.06 28.87 -17.79
C THR F 170 -57.96 29.03 -16.58
N VAL F 171 -58.48 30.24 -16.40
CA VAL F 171 -59.40 30.51 -15.29
C VAL F 171 -60.65 31.19 -15.83
N GLU F 172 -61.80 30.72 -15.35
CA GLU F 172 -63.10 31.32 -15.64
C GLU F 172 -63.37 32.40 -14.60
N LYS F 173 -63.41 33.66 -15.04
CA LYS F 173 -63.79 34.77 -14.17
C LYS F 173 -65.32 34.84 -14.10
N ASP F 174 -65.82 35.95 -13.58
CA ASP F 174 -67.26 36.16 -13.46
C ASP F 174 -67.94 36.18 -14.82
N GLY F 175 -67.35 36.88 -15.80
CA GLY F 175 -67.96 36.96 -17.11
C GLY F 175 -67.11 36.52 -18.28
N LYS F 176 -65.82 36.25 -18.05
CA LYS F 176 -64.90 35.94 -19.13
C LYS F 176 -63.93 34.86 -18.67
N LYS F 177 -63.30 34.20 -19.63
CA LYS F 177 -62.32 33.16 -19.36
C LYS F 177 -61.00 33.54 -20.00
N HIS F 178 -59.91 33.59 -19.21
CA HIS F 178 -58.60 33.86 -19.79
C HIS F 178 -57.54 32.88 -19.30
N ARG F 179 -56.72 32.42 -20.25
CA ARG F 179 -55.56 31.58 -19.96
C ARG F 179 -54.36 32.39 -19.49
N LEU F 180 -53.81 32.00 -18.36
CA LEU F 180 -52.66 32.66 -17.75
C LEU F 180 -51.40 31.87 -18.07
N ILE F 181 -50.26 32.54 -17.90
CA ILE F 181 -48.95 32.01 -18.24
C ILE F 181 -47.93 32.70 -17.35
N ASN F 182 -46.76 32.08 -17.22
CA ASN F 182 -45.73 32.52 -16.28
C ASN F 182 -44.53 33.16 -16.96
N VAL F 183 -44.75 33.93 -18.02
CA VAL F 183 -43.66 34.48 -18.83
C VAL F 183 -43.64 35.99 -18.66
N PHE F 184 -42.52 36.51 -18.16
CA PHE F 184 -42.27 37.92 -17.94
C PHE F 184 -40.94 38.27 -18.58
N PRO F 185 -40.70 39.54 -18.94
CA PRO F 185 -39.39 39.93 -19.44
C PRO F 185 -38.37 40.07 -18.31
N THR F 186 -37.09 40.07 -18.70
CA THR F 186 -36.00 40.09 -17.72
C THR F 186 -35.86 41.44 -17.05
N SER F 187 -36.30 42.51 -17.74
CA SER F 187 -36.21 43.87 -17.20
C SER F 187 -37.03 44.05 -15.94
N ALA F 188 -38.20 43.38 -15.88
CA ALA F 188 -39.04 43.48 -14.69
C ALA F 188 -38.41 42.78 -13.49
N TYR F 189 -37.79 41.62 -13.72
CA TYR F 189 -37.07 40.92 -12.67
C TYR F 189 -35.88 41.72 -12.18
N ARG F 190 -35.18 42.39 -13.10
CA ARG F 190 -34.03 43.20 -12.72
C ARG F 190 -34.45 44.42 -11.92
N SER F 191 -35.58 45.04 -12.29
CA SER F 191 -36.10 46.18 -11.53
C SER F 191 -36.52 45.76 -10.13
N GLU F 192 -37.18 44.60 -10.01
CA GLU F 192 -37.61 44.13 -8.70
C GLU F 192 -36.44 43.76 -7.82
N ALA F 193 -35.41 43.12 -8.39
CA ALA F 193 -34.23 42.76 -7.61
C ALA F 193 -33.44 43.98 -7.17
N LEU F 194 -33.37 45.00 -8.04
CA LEU F 194 -32.71 46.25 -7.68
C LEU F 194 -33.44 46.96 -6.55
N ARG F 195 -34.78 46.94 -6.56
CA ARG F 195 -35.56 47.56 -5.51
C ARG F 195 -35.38 46.84 -4.17
N ILE F 196 -35.44 45.50 -4.19
CA ILE F 196 -35.25 44.70 -2.97
C ILE F 196 -33.85 44.91 -2.40
N LEU F 197 -32.84 44.95 -3.28
CA LEU F 197 -31.47 45.09 -2.80
C LEU F 197 -31.20 46.49 -2.26
N GLN F 198 -31.85 47.52 -2.79
CA GLN F 198 -31.67 48.86 -2.23
C GLN F 198 -32.35 48.98 -0.87
N THR F 199 -33.53 48.36 -0.69
CA THR F 199 -34.17 48.40 0.62
C THR F 199 -33.37 47.62 1.67
N GLN F 200 -32.87 46.43 1.32
CA GLN F 200 -32.07 45.70 2.29
C GLN F 200 -30.69 46.32 2.49
N GLN F 201 -30.19 47.10 1.52
CA GLN F 201 -28.99 47.90 1.75
C GLN F 201 -29.25 48.98 2.77
N GLU F 202 -30.44 49.61 2.71
CA GLU F 202 -30.84 50.55 3.74
C GLU F 202 -30.95 49.89 5.11
N PHE F 203 -31.29 48.60 5.16
CA PHE F 203 -31.34 47.90 6.44
C PHE F 203 -30.00 47.26 6.82
N ASN F 204 -29.50 46.33 5.99
CA ASN F 204 -28.31 45.54 6.32
C ASN F 204 -27.12 46.09 5.56
N PRO F 205 -26.05 46.51 6.23
CA PRO F 205 -24.92 47.14 5.52
C PRO F 205 -23.82 46.21 5.02
N GLN F 206 -24.02 44.89 5.01
CA GLN F 206 -23.01 44.03 4.43
C GLN F 206 -23.16 43.86 2.93
N ILE F 207 -24.25 44.33 2.33
CA ILE F 207 -24.47 44.18 0.90
C ILE F 207 -24.04 45.49 0.25
N THR F 208 -22.77 45.54 -0.14
CA THR F 208 -22.17 46.69 -0.80
C THR F 208 -22.71 46.77 -2.24
N ASP F 209 -22.35 47.86 -2.94
CA ASP F 209 -22.78 48.00 -4.32
C ASP F 209 -22.12 47.00 -5.25
N GLU F 210 -20.94 46.49 -4.89
CA GLU F 210 -20.31 45.48 -5.73
C GLU F 210 -21.02 44.13 -5.61
N PHE F 211 -21.63 43.87 -4.46
CA PHE F 211 -22.55 42.73 -4.34
C PHE F 211 -23.73 42.87 -5.28
N ILE F 212 -24.27 44.09 -5.42
CA ILE F 212 -25.44 44.28 -6.27
C ILE F 212 -25.05 44.17 -7.74
N ASN F 213 -23.87 44.67 -8.11
CA ASN F 213 -23.43 44.52 -9.50
C ASN F 213 -23.10 43.07 -9.83
N ARG F 214 -22.54 42.33 -8.87
CA ARG F 214 -22.26 40.91 -9.10
C ARG F 214 -23.55 40.10 -9.18
N TYR F 215 -24.53 40.40 -8.32
CA TYR F 215 -25.79 39.66 -8.37
C TYR F 215 -26.57 39.97 -9.64
N LEU F 216 -26.61 41.24 -10.06
CA LEU F 216 -27.30 41.55 -11.30
C LEU F 216 -26.57 40.99 -12.52
N GLU F 217 -25.25 40.83 -12.44
CA GLU F 217 -24.52 40.13 -13.50
C GLU F 217 -24.89 38.65 -13.55
N ILE F 218 -25.10 38.03 -12.39
CA ILE F 218 -25.58 36.63 -12.38
C ILE F 218 -27.00 36.55 -12.92
N LEU F 219 -27.84 37.53 -12.59
CA LEU F 219 -29.25 37.48 -12.96
C LEU F 219 -29.45 37.68 -14.45
N THR F 220 -29.03 38.83 -15.00
CA THR F 220 -29.37 39.13 -16.38
C THR F 220 -28.28 38.74 -17.37
N GLY F 221 -27.29 37.98 -16.94
CA GLY F 221 -26.19 37.64 -17.82
C GLY F 221 -26.48 36.51 -18.79
N LYS F 222 -26.34 36.78 -20.08
CA LYS F 222 -26.50 35.79 -21.12
C LYS F 222 -25.31 35.89 -22.06
N ARG F 223 -25.11 34.83 -22.84
CA ARG F 223 -24.08 34.87 -23.87
C ARG F 223 -24.65 35.45 -25.16
N LYS F 224 -23.76 35.68 -26.11
CA LYS F 224 -24.16 36.17 -27.41
C LYS F 224 -24.19 35.00 -28.38
N TYR F 225 -25.08 35.10 -29.37
CA TYR F 225 -25.24 33.98 -30.30
C TYR F 225 -24.04 33.83 -31.24
N TYR F 226 -23.19 34.86 -31.34
CA TYR F 226 -21.97 34.78 -32.12
C TYR F 226 -20.74 34.47 -31.26
N HIS F 227 -20.91 34.39 -29.94
CA HIS F 227 -19.81 33.96 -29.08
C HIS F 227 -19.70 32.43 -29.08
N GLY F 228 -20.73 31.75 -28.61
CA GLY F 228 -20.68 30.32 -28.44
C GLY F 228 -20.40 29.94 -27.00
N PRO F 229 -20.04 28.69 -26.77
CA PRO F 229 -19.60 28.27 -25.44
C PRO F 229 -18.12 28.56 -25.24
N GLY F 230 -17.67 28.38 -24.01
CA GLY F 230 -16.26 28.42 -23.71
C GLY F 230 -15.88 29.63 -22.87
N ASN F 231 -14.59 29.69 -22.57
CA ASN F 231 -14.00 30.74 -21.77
C ASN F 231 -12.58 30.94 -22.28
N GLU F 232 -11.82 31.81 -21.62
CA GLU F 232 -10.46 32.13 -22.09
C GLU F 232 -9.52 30.94 -21.95
N LYS F 233 -9.73 30.11 -20.92
CA LYS F 233 -8.93 28.93 -20.66
C LYS F 233 -9.72 27.64 -20.81
N SER F 234 -10.84 27.67 -21.54
CA SER F 234 -11.72 26.51 -21.65
C SER F 234 -11.69 25.81 -23.01
N ARG F 235 -11.35 26.52 -24.09
CA ARG F 235 -10.85 25.94 -25.35
C ARG F 235 -11.85 24.98 -26.01
N THR F 236 -12.95 25.56 -26.48
CA THR F 236 -13.99 24.81 -27.16
C THR F 236 -13.83 24.93 -28.68
N ASP F 237 -14.18 23.86 -29.41
CA ASP F 237 -14.33 23.94 -30.86
C ASP F 237 -15.73 24.30 -31.31
N TYR F 238 -16.63 24.61 -30.38
CA TYR F 238 -17.94 25.14 -30.71
C TYR F 238 -18.06 26.64 -30.44
N GLY F 239 -17.05 27.25 -29.84
CA GLY F 239 -17.10 28.65 -29.46
C GLY F 239 -15.97 29.47 -30.04
N ARG F 240 -15.87 30.73 -29.64
CA ARG F 240 -14.91 31.62 -30.27
C ARG F 240 -13.49 31.38 -29.76
N TYR F 241 -13.35 30.85 -28.54
CA TYR F 241 -12.04 30.52 -28.00
C TYR F 241 -11.65 29.16 -28.56
N ARG F 242 -11.06 29.18 -29.76
CA ARG F 242 -10.69 27.98 -30.49
C ARG F 242 -9.61 27.21 -29.73
N THR F 243 -9.54 25.90 -29.97
CA THR F 243 -8.62 25.04 -29.22
C THR F 243 -7.20 25.10 -29.77
N SER F 244 -6.94 25.89 -30.80
CA SER F 244 -5.59 26.05 -31.35
C SER F 244 -4.84 27.21 -30.72
N GLY F 245 -5.38 27.84 -29.68
CA GLY F 245 -4.71 28.88 -28.95
C GLY F 245 -5.18 30.29 -29.28
N GLU F 246 -5.82 30.48 -30.43
CA GLU F 246 -6.25 31.79 -30.88
C GLU F 246 -7.56 32.20 -30.21
N THR F 247 -8.19 33.24 -30.75
CA THR F 247 -9.51 33.69 -30.27
C THR F 247 -10.18 34.41 -31.42
N LEU F 248 -11.26 33.83 -31.94
CA LEU F 248 -12.06 34.53 -32.93
C LEU F 248 -12.85 35.66 -32.29
N ASP F 249 -13.35 36.56 -33.13
CA ASP F 249 -14.23 37.62 -32.70
C ASP F 249 -15.69 37.31 -32.96
N ASN F 250 -15.97 36.58 -34.03
CA ASN F 250 -17.33 36.22 -34.43
C ASN F 250 -17.23 34.87 -35.12
N ILE F 251 -17.98 33.88 -34.63
CA ILE F 251 -17.77 32.51 -35.09
C ILE F 251 -18.35 32.25 -36.46
N PHE F 252 -19.18 33.15 -36.98
CA PHE F 252 -19.67 33.08 -38.35
C PHE F 252 -18.76 33.83 -39.31
N GLY F 253 -17.52 34.09 -38.90
CA GLY F 253 -16.53 34.73 -39.75
C GLY F 253 -15.58 33.74 -40.40
N ILE F 254 -15.50 32.53 -39.85
CA ILE F 254 -14.76 31.45 -40.51
C ILE F 254 -15.66 30.53 -41.30
N LEU F 255 -16.95 30.86 -41.39
CA LEU F 255 -17.89 30.11 -42.21
C LEU F 255 -18.20 30.80 -43.53
N ILE F 256 -17.73 32.03 -43.71
CA ILE F 256 -17.95 32.77 -44.95
C ILE F 256 -17.19 32.08 -46.08
N GLY F 257 -17.77 32.07 -47.27
CA GLY F 257 -17.31 31.22 -48.34
C GLY F 257 -16.00 31.67 -48.97
N LYS F 258 -15.55 30.87 -49.93
CA LYS F 258 -14.29 31.08 -50.63
C LYS F 258 -14.54 31.80 -51.95
N CYS F 259 -13.46 32.06 -52.69
CA CYS F 259 -13.63 32.58 -54.03
C CYS F 259 -13.95 31.45 -54.99
N THR F 260 -14.42 31.83 -56.18
CA THR F 260 -14.92 30.84 -57.14
C THR F 260 -13.78 30.18 -57.92
N PHE F 261 -12.64 30.84 -58.06
CA PHE F 261 -11.53 30.30 -58.83
C PHE F 261 -10.27 30.07 -58.02
N TYR F 262 -10.04 30.84 -56.97
CA TYR F 262 -8.89 30.69 -56.08
C TYR F 262 -9.42 30.23 -54.73
N PRO F 263 -9.44 28.91 -54.47
CA PRO F 263 -10.13 28.38 -53.28
C PRO F 263 -9.33 28.45 -51.98
N ASP F 264 -8.74 29.62 -51.71
CA ASP F 264 -8.10 29.88 -50.43
C ASP F 264 -8.30 31.31 -49.95
N GLU F 265 -9.18 32.08 -50.59
CA GLU F 265 -9.37 33.49 -50.27
C GLU F 265 -10.81 33.73 -49.80
N PHE F 266 -10.97 34.60 -48.81
CA PHE F 266 -12.29 34.94 -48.32
C PHE F 266 -13.02 35.84 -49.31
N ARG F 267 -14.34 35.80 -49.27
CA ARG F 267 -15.18 36.60 -50.15
C ARG F 267 -15.22 38.05 -49.70
N ALA F 268 -15.83 38.89 -50.54
CA ALA F 268 -16.01 40.29 -50.23
C ALA F 268 -17.46 40.58 -49.86
N ALA F 269 -17.66 41.70 -49.18
CA ALA F 269 -18.99 42.15 -48.82
C ALA F 269 -19.68 42.81 -50.01
N LYS F 270 -20.99 42.59 -50.12
CA LYS F 270 -21.77 43.11 -51.23
C LYS F 270 -22.01 44.62 -51.13
N ALA F 271 -21.83 45.21 -49.96
CA ALA F 271 -22.24 46.58 -49.69
C ALA F 271 -21.06 47.55 -49.60
N SER F 272 -20.02 47.33 -50.39
CA SER F 272 -18.90 48.24 -50.41
C SER F 272 -18.78 48.93 -51.77
N TYR F 273 -17.68 49.68 -51.94
CA TYR F 273 -17.42 50.35 -53.21
C TYR F 273 -17.07 49.35 -54.30
N THR F 274 -16.32 48.31 -53.96
CA THR F 274 -15.68 47.46 -54.96
C THR F 274 -16.70 46.59 -55.70
N ALA F 275 -17.54 45.89 -54.95
CA ALA F 275 -18.56 45.05 -55.57
C ALA F 275 -19.61 45.88 -56.31
N GLN F 276 -19.90 47.08 -55.81
CA GLN F 276 -20.93 47.90 -56.44
C GLN F 276 -20.44 48.52 -57.75
N GLU F 277 -19.18 48.96 -57.80
CA GLU F 277 -18.63 49.43 -59.06
C GLU F 277 -18.47 48.28 -60.05
N PHE F 278 -18.17 47.06 -59.55
CA PHE F 278 -18.10 45.90 -60.43
C PHE F 278 -19.47 45.55 -61.00
N ASN F 279 -20.53 45.67 -60.20
CA ASN F 279 -21.87 45.33 -60.67
C ASN F 279 -22.40 46.36 -61.66
N LEU F 280 -22.18 47.65 -61.39
CA LEU F 280 -22.57 48.67 -62.37
C LEU F 280 -21.77 48.54 -63.66
N LEU F 281 -20.49 48.14 -63.56
CA LEU F 281 -19.71 47.91 -64.76
C LEU F 281 -20.22 46.70 -65.55
N ASN F 282 -20.65 45.65 -64.85
CA ASN F 282 -21.14 44.47 -65.57
C ASN F 282 -22.49 44.71 -66.21
N ASP F 283 -23.31 45.59 -65.63
CA ASP F 283 -24.58 45.91 -66.29
C ASP F 283 -24.41 46.99 -67.35
N LEU F 284 -23.33 47.77 -67.30
CA LEU F 284 -23.11 48.81 -68.29
C LEU F 284 -22.40 48.28 -69.53
N ASN F 285 -21.48 47.32 -69.37
CA ASN F 285 -20.72 46.79 -70.50
C ASN F 285 -21.50 45.82 -71.38
N ASN F 286 -22.65 45.33 -70.92
CA ASN F 286 -23.52 44.57 -71.81
C ASN F 286 -24.95 44.86 -71.37
N SER F 297 -17.38 54.95 -74.68
CA SER F 297 -16.80 53.87 -73.87
C SER F 297 -16.23 54.43 -72.57
N LYS F 298 -14.89 54.53 -72.50
CA LYS F 298 -14.21 54.70 -71.22
C LYS F 298 -14.48 56.08 -70.61
N GLU F 299 -14.55 57.12 -71.46
CA GLU F 299 -14.81 58.47 -70.99
C GLU F 299 -16.18 58.58 -70.32
N GLN F 300 -17.21 58.07 -70.99
CA GLN F 300 -18.54 58.24 -70.42
C GLN F 300 -18.82 57.16 -69.38
N LYS F 301 -18.06 56.07 -69.37
CA LYS F 301 -18.02 55.17 -68.22
C LYS F 301 -17.62 55.92 -66.95
N ASN F 302 -16.45 56.60 -67.00
CA ASN F 302 -16.01 57.38 -65.84
C ASN F 302 -16.95 58.54 -65.55
N GLN F 303 -17.58 59.11 -66.57
CA GLN F 303 -18.51 60.23 -66.37
C GLN F 303 -19.75 59.79 -65.61
N ILE F 304 -20.38 58.69 -66.04
CA ILE F 304 -21.55 58.15 -65.36
C ILE F 304 -21.19 57.67 -63.96
N ILE F 305 -19.98 57.11 -63.79
CA ILE F 305 -19.58 56.58 -62.49
C ILE F 305 -19.35 57.71 -61.47
N ASN F 306 -18.65 58.77 -61.87
CA ASN F 306 -18.47 59.89 -60.93
C ASN F 306 -19.77 60.66 -60.71
N TYR F 307 -20.66 60.68 -61.72
CA TYR F 307 -21.96 61.32 -61.56
C TYR F 307 -22.82 60.58 -60.53
N VAL F 308 -22.89 59.26 -60.64
CA VAL F 308 -23.67 58.48 -59.67
C VAL F 308 -22.99 58.46 -58.30
N LYS F 309 -21.66 58.58 -58.26
CA LYS F 309 -20.95 58.53 -56.99
C LYS F 309 -21.15 59.81 -56.19
N ASN F 310 -20.95 60.97 -56.82
CA ASN F 310 -20.86 62.21 -56.06
C ASN F 310 -22.16 63.00 -55.99
N GLU F 311 -23.08 62.82 -56.94
CA GLU F 311 -24.31 63.60 -56.99
C GLU F 311 -25.51 62.74 -56.61
N LYS F 312 -26.36 63.28 -55.75
CA LYS F 312 -27.35 62.55 -54.99
C LYS F 312 -28.71 62.58 -55.68
N ALA F 313 -29.76 62.18 -54.92
CA ALA F 313 -31.14 62.04 -55.39
C ALA F 313 -31.24 61.13 -56.61
N MET F 314 -30.70 59.92 -56.45
CA MET F 314 -30.38 59.03 -57.56
C MET F 314 -31.49 57.97 -57.70
N GLY F 315 -31.48 57.26 -58.83
CA GLY F 315 -32.40 56.18 -59.06
C GLY F 315 -32.25 55.57 -60.45
N PRO F 316 -32.92 54.44 -60.70
CA PRO F 316 -32.77 53.76 -61.99
C PRO F 316 -33.45 54.50 -63.14
N ALA F 317 -34.67 54.99 -62.92
CA ALA F 317 -35.33 55.84 -63.91
C ALA F 317 -34.55 57.13 -64.12
N LYS F 318 -33.96 57.67 -63.05
CA LYS F 318 -33.10 58.84 -63.18
C LYS F 318 -31.83 58.52 -63.95
N LEU F 319 -31.31 57.30 -63.83
CA LEU F 319 -30.13 56.91 -64.59
C LEU F 319 -30.45 56.76 -66.07
N PHE F 320 -31.64 56.26 -66.40
CA PHE F 320 -32.01 56.19 -67.81
C PHE F 320 -32.34 57.57 -68.37
N LYS F 321 -32.85 58.48 -67.53
CA LYS F 321 -32.99 59.87 -67.95
C LYS F 321 -31.63 60.53 -68.17
N TYR F 322 -30.62 60.13 -67.41
CA TYR F 322 -29.29 60.73 -67.60
C TYR F 322 -28.57 60.15 -68.81
N ILE F 323 -28.78 58.86 -69.11
CA ILE F 323 -28.25 58.32 -70.36
C ILE F 323 -29.03 58.86 -71.56
N ALA F 324 -30.27 59.32 -71.36
CA ALA F 324 -30.92 60.12 -72.39
C ALA F 324 -30.40 61.55 -72.43
N LYS F 325 -29.84 62.03 -71.32
CA LYS F 325 -29.36 63.40 -71.24
C LYS F 325 -28.04 63.60 -71.98
N LEU F 326 -27.02 62.81 -71.61
CA LEU F 326 -25.67 63.11 -72.10
C LEU F 326 -25.48 62.76 -73.57
N LEU F 327 -26.09 61.69 -74.05
CA LEU F 327 -26.01 61.40 -75.48
C LEU F 327 -27.13 62.07 -76.26
N SER F 328 -28.10 62.68 -75.56
CA SER F 328 -29.12 63.58 -76.12
C SER F 328 -30.00 62.85 -77.14
N CYS F 329 -30.36 61.61 -76.83
CA CYS F 329 -31.26 60.81 -77.65
C CYS F 329 -32.33 60.19 -76.76
N ASP F 330 -33.40 59.73 -77.41
CA ASP F 330 -34.37 58.89 -76.72
C ASP F 330 -33.75 57.53 -76.44
N VAL F 331 -34.11 56.95 -75.29
CA VAL F 331 -33.50 55.69 -74.88
C VAL F 331 -34.08 54.58 -75.74
N ALA F 332 -33.34 54.22 -76.78
CA ALA F 332 -33.64 53.10 -77.66
C ALA F 332 -32.37 52.29 -77.86
N ASP F 333 -32.48 51.26 -78.70
CA ASP F 333 -31.44 50.24 -78.92
C ASP F 333 -31.02 49.64 -77.59
N ILE F 334 -32.00 49.27 -76.78
CA ILE F 334 -31.75 48.67 -75.49
C ILE F 334 -31.71 47.15 -75.65
N LYS F 335 -30.58 46.57 -75.29
CA LYS F 335 -30.44 45.13 -75.17
C LYS F 335 -30.00 44.74 -73.76
N GLY F 336 -29.01 45.42 -73.22
CA GLY F 336 -28.47 45.10 -71.91
C GLY F 336 -29.27 45.65 -70.75
N TYR F 337 -30.39 45.01 -70.44
CA TYR F 337 -31.23 45.44 -69.33
C TYR F 337 -31.84 44.21 -68.68
N ARG F 338 -31.93 44.22 -67.35
CA ARG F 338 -32.66 43.18 -66.64
C ARG F 338 -34.06 43.68 -66.33
N ILE F 339 -34.99 42.74 -66.25
CA ILE F 339 -36.38 43.07 -65.92
C ILE F 339 -36.80 42.27 -64.70
N ASP F 340 -37.71 42.85 -63.93
CA ASP F 340 -38.39 42.13 -62.86
C ASP F 340 -39.77 41.72 -63.38
N LYS F 341 -40.46 40.89 -62.57
CA LYS F 341 -41.80 40.44 -62.95
C LYS F 341 -42.80 41.60 -62.96
N SER F 342 -42.65 42.55 -62.04
CA SER F 342 -43.57 43.68 -61.96
C SER F 342 -43.35 44.65 -63.10
N GLY F 343 -42.13 45.14 -63.25
CA GLY F 343 -41.82 46.18 -64.20
C GLY F 343 -40.61 45.86 -65.05
N LYS F 344 -39.68 46.81 -65.14
CA LYS F 344 -38.45 46.64 -65.89
C LYS F 344 -37.39 47.58 -65.32
N ALA F 345 -36.28 47.74 -66.06
CA ALA F 345 -35.16 48.63 -65.73
C ALA F 345 -34.50 48.28 -64.40
N GLU F 346 -34.20 46.99 -64.22
CA GLU F 346 -33.31 46.57 -63.15
C GLU F 346 -31.89 46.97 -63.51
N ILE F 347 -31.33 47.96 -62.82
CA ILE F 347 -29.97 48.41 -63.09
C ILE F 347 -29.28 48.62 -61.74
N HIS F 348 -27.96 48.45 -61.74
CA HIS F 348 -27.18 48.58 -60.52
C HIS F 348 -26.92 50.04 -60.19
N THR F 349 -26.88 50.34 -58.89
CA THR F 349 -26.81 51.70 -58.39
C THR F 349 -25.77 51.71 -57.28
N PHE F 350 -25.30 52.91 -56.91
CA PHE F 350 -24.49 53.08 -55.70
C PHE F 350 -25.38 53.40 -54.51
N GLU F 351 -26.25 52.44 -54.16
CA GLU F 351 -27.23 52.67 -53.09
C GLU F 351 -26.56 52.73 -51.74
N ALA F 352 -25.72 51.73 -51.43
CA ALA F 352 -25.01 51.70 -50.16
C ALA F 352 -24.03 52.85 -50.04
N TYR F 353 -23.37 53.21 -51.15
CA TYR F 353 -22.44 54.33 -51.13
C TYR F 353 -23.15 55.65 -50.86
N ARG F 354 -24.30 55.85 -51.48
CA ARG F 354 -25.06 57.09 -51.28
C ARG F 354 -25.74 57.11 -49.91
N LYS F 355 -26.04 55.95 -49.35
CA LYS F 355 -26.61 55.93 -48.01
C LYS F 355 -25.55 56.13 -46.93
N MET F 356 -24.31 55.73 -47.21
CA MET F 356 -23.20 56.03 -46.30
C MET F 356 -22.71 57.48 -46.37
N LYS F 357 -23.38 58.35 -47.12
CA LYS F 357 -23.00 59.75 -47.20
C LYS F 357 -23.84 60.67 -46.32
N THR F 358 -24.91 60.17 -45.72
CA THR F 358 -25.79 60.99 -44.89
C THR F 358 -25.36 60.96 -43.43
N LEU F 359 -24.13 60.56 -43.16
CA LEU F 359 -23.60 60.44 -41.81
C LEU F 359 -22.90 61.73 -41.41
N GLU F 360 -23.18 62.20 -40.20
CA GLU F 360 -22.79 63.55 -39.80
C GLU F 360 -21.28 63.64 -39.54
N THR F 361 -20.64 62.53 -39.21
CA THR F 361 -19.19 62.45 -39.18
C THR F 361 -18.64 62.31 -40.60
N LEU F 362 -17.31 62.51 -40.73
CA LEU F 362 -16.62 62.82 -41.98
C LEU F 362 -16.94 61.84 -43.11
N ASP F 363 -16.92 62.37 -44.33
CA ASP F 363 -17.40 61.67 -45.51
C ASP F 363 -16.43 60.55 -45.92
N ILE F 364 -16.92 59.69 -46.81
CA ILE F 364 -16.21 58.50 -47.25
C ILE F 364 -15.59 58.67 -48.63
N GLU F 365 -15.69 59.85 -49.23
CA GLU F 365 -15.23 60.06 -50.60
C GLU F 365 -13.71 60.02 -50.68
N GLN F 366 -13.05 60.88 -49.91
CA GLN F 366 -11.59 60.92 -49.88
C GLN F 366 -11.06 60.08 -48.72
N MET F 367 -11.40 58.79 -48.79
CA MET F 367 -10.81 57.76 -47.94
C MET F 367 -10.32 56.62 -48.81
N ASP F 368 -9.69 55.63 -48.18
CA ASP F 368 -9.02 54.56 -48.89
C ASP F 368 -10.05 53.56 -49.44
N ARG F 369 -9.56 52.56 -50.16
CA ARG F 369 -10.39 51.43 -50.55
C ARG F 369 -10.27 50.28 -49.56
N GLU F 370 -9.12 50.10 -48.94
CA GLU F 370 -8.96 49.05 -47.94
C GLU F 370 -9.75 49.37 -46.68
N THR F 371 -9.71 50.63 -46.24
CA THR F 371 -10.47 51.04 -45.05
C THR F 371 -11.96 51.02 -45.30
N LEU F 372 -12.39 51.44 -46.50
CA LEU F 372 -13.79 51.37 -46.88
C LEU F 372 -14.30 49.92 -46.91
N ASP F 373 -13.52 49.03 -47.53
CA ASP F 373 -13.94 47.63 -47.63
C ASP F 373 -13.92 46.91 -46.28
N LYS F 374 -13.00 47.26 -45.39
CA LYS F 374 -13.03 46.57 -44.09
C LYS F 374 -14.06 47.18 -43.15
N LEU F 375 -14.41 48.45 -43.30
CA LEU F 375 -15.58 48.97 -42.61
C LEU F 375 -16.85 48.29 -43.12
N ALA F 376 -16.89 47.97 -44.42
CA ALA F 376 -18.02 47.22 -44.97
C ALA F 376 -18.07 45.79 -44.43
N TYR F 377 -16.90 45.13 -44.32
CA TYR F 377 -16.82 43.80 -43.72
C TYR F 377 -17.35 43.80 -42.28
N VAL F 378 -16.80 44.70 -41.46
CA VAL F 378 -17.17 44.81 -40.05
C VAL F 378 -18.65 45.13 -39.88
N LEU F 379 -19.18 46.00 -40.74
CA LEU F 379 -20.58 46.36 -40.61
C LEU F 379 -21.53 45.31 -41.20
N THR F 380 -21.07 44.52 -42.17
CA THR F 380 -21.93 43.49 -42.76
C THR F 380 -22.03 42.27 -41.85
N LEU F 381 -20.90 41.80 -41.32
CA LEU F 381 -20.93 40.54 -40.56
C LEU F 381 -21.56 40.73 -39.19
N ASN F 382 -21.06 41.69 -38.41
CA ASN F 382 -21.61 41.94 -37.10
C ASN F 382 -22.98 42.61 -37.21
N THR F 383 -23.91 42.20 -36.34
CA THR F 383 -25.29 42.66 -36.43
C THR F 383 -25.76 43.47 -35.23
N GLU F 384 -24.96 43.59 -34.18
CA GLU F 384 -25.35 44.41 -33.04
C GLU F 384 -24.12 45.12 -32.47
N ARG F 385 -24.34 45.83 -31.36
CA ARG F 385 -23.48 46.95 -30.96
C ARG F 385 -22.10 46.49 -30.53
N GLU F 386 -22.01 45.44 -29.73
CA GLU F 386 -20.73 45.03 -29.15
C GLU F 386 -19.83 44.40 -30.19
N GLY F 387 -20.40 43.60 -31.10
CA GLY F 387 -19.60 43.03 -32.18
C GLY F 387 -19.07 44.07 -33.14
N ILE F 388 -19.93 45.02 -33.55
CA ILE F 388 -19.52 46.16 -34.38
C ILE F 388 -18.43 46.95 -33.69
N GLN F 389 -18.63 47.25 -32.40
CA GLN F 389 -17.72 48.10 -31.64
C GLN F 389 -16.36 47.45 -31.48
N GLU F 390 -16.31 46.19 -31.07
CA GLU F 390 -15.02 45.56 -30.84
C GLU F 390 -14.34 45.11 -32.13
N ALA F 391 -15.08 44.94 -33.22
CA ALA F 391 -14.43 44.74 -34.51
C ALA F 391 -13.81 46.04 -35.02
N LEU F 392 -14.50 47.18 -34.82
CA LEU F 392 -13.93 48.47 -35.21
C LEU F 392 -12.75 48.85 -34.32
N GLU F 393 -12.77 48.44 -33.06
CA GLU F 393 -11.68 48.75 -32.16
C GLU F 393 -10.51 47.79 -32.30
N HIS F 394 -10.76 46.57 -32.76
CA HIS F 394 -9.75 45.52 -32.68
C HIS F 394 -9.13 45.15 -34.02
N GLU F 395 -9.88 45.26 -35.12
CA GLU F 395 -9.31 44.89 -36.42
C GLU F 395 -8.58 46.04 -37.10
N PHE F 396 -9.14 47.24 -37.06
CA PHE F 396 -8.45 48.41 -37.60
C PHE F 396 -7.30 48.77 -36.68
N ALA F 397 -6.10 48.27 -37.01
CA ALA F 397 -4.94 48.40 -36.14
C ALA F 397 -4.49 49.86 -36.07
N ASP F 398 -4.35 50.36 -34.83
CA ASP F 398 -4.05 51.75 -34.52
C ASP F 398 -5.04 52.71 -35.18
N GLY F 399 -6.32 52.33 -35.14
CA GLY F 399 -7.34 53.13 -35.79
C GLY F 399 -7.65 54.40 -35.02
N SER F 400 -7.71 54.29 -33.68
CA SER F 400 -8.00 55.38 -32.75
C SER F 400 -9.32 56.08 -33.06
N PHE F 401 -10.35 55.28 -33.36
CA PHE F 401 -11.66 55.83 -33.65
C PHE F 401 -12.30 56.40 -32.39
N SER F 402 -13.13 57.43 -32.57
CA SER F 402 -13.83 58.03 -31.46
C SER F 402 -15.05 57.20 -31.09
N GLN F 403 -15.77 57.62 -30.05
CA GLN F 403 -16.98 56.92 -29.63
C GLN F 403 -18.21 57.42 -30.36
N LYS F 404 -18.17 58.69 -30.79
CA LYS F 404 -19.32 59.30 -31.47
C LYS F 404 -19.59 58.64 -32.81
N GLN F 405 -18.54 58.42 -33.60
CA GLN F 405 -18.72 57.78 -34.90
C GLN F 405 -19.08 56.31 -34.74
N VAL F 406 -18.61 55.66 -33.67
CA VAL F 406 -19.00 54.28 -33.36
C VAL F 406 -20.50 54.21 -33.08
N ASP F 407 -21.00 55.13 -32.25
CA ASP F 407 -22.42 55.16 -31.92
C ASP F 407 -23.27 55.47 -33.15
N GLU F 408 -22.80 56.36 -34.02
CA GLU F 408 -23.59 56.66 -35.20
C GLU F 408 -23.52 55.54 -36.24
N LEU F 409 -22.42 54.77 -36.29
CA LEU F 409 -22.40 53.58 -37.13
C LEU F 409 -23.28 52.47 -36.56
N VAL F 410 -23.41 52.39 -35.25
CA VAL F 410 -24.36 51.46 -34.63
C VAL F 410 -25.79 51.79 -35.04
N GLN F 411 -26.17 53.07 -34.92
CA GLN F 411 -27.51 53.48 -35.33
C GLN F 411 -27.69 53.40 -36.85
N PHE F 412 -26.59 53.51 -37.60
CA PHE F 412 -26.65 53.39 -39.06
C PHE F 412 -26.87 51.95 -39.49
N ARG F 413 -26.18 51.00 -38.85
CA ARG F 413 -26.42 49.58 -39.12
C ARG F 413 -27.81 49.16 -38.65
N LYS F 414 -28.29 49.74 -37.55
CA LYS F 414 -29.65 49.49 -37.10
C LYS F 414 -30.68 50.06 -38.07
N ALA F 415 -30.34 51.14 -38.77
CA ALA F 415 -31.29 51.79 -39.67
C ALA F 415 -31.51 50.99 -40.95
N ASN F 416 -30.46 50.35 -41.49
CA ASN F 416 -30.56 49.58 -42.73
C ASN F 416 -30.20 48.12 -42.44
N SER F 417 -31.21 47.29 -42.23
CA SER F 417 -30.99 45.86 -42.08
C SER F 417 -31.32 45.09 -43.34
N SER F 418 -32.27 45.58 -44.14
CA SER F 418 -32.65 44.88 -45.36
C SER F 418 -31.68 45.15 -46.50
N ILE F 419 -31.00 46.28 -46.47
CA ILE F 419 -30.05 46.64 -47.52
C ILE F 419 -28.64 46.19 -47.16
N PHE F 420 -28.24 46.36 -45.90
CA PHE F 420 -26.86 46.13 -45.52
C PHE F 420 -26.58 44.70 -45.10
N GLY F 421 -27.60 43.97 -44.65
CA GLY F 421 -27.47 42.55 -44.37
C GLY F 421 -27.90 41.72 -45.56
N LYS F 422 -27.54 42.20 -46.76
CA LYS F 422 -27.94 41.57 -48.01
C LYS F 422 -27.29 40.20 -48.18
N GLY F 423 -25.98 40.14 -48.02
CA GLY F 423 -25.26 38.90 -48.21
C GLY F 423 -23.78 39.14 -48.33
N TRP F 424 -23.11 38.27 -49.08
CA TRP F 424 -21.69 38.39 -49.34
C TRP F 424 -21.46 38.15 -50.82
N HIS F 425 -20.59 38.95 -51.42
CA HIS F 425 -20.35 38.86 -52.86
C HIS F 425 -19.56 37.59 -53.16
N ASN F 426 -19.94 36.91 -54.24
CA ASN F 426 -19.38 35.61 -54.60
C ASN F 426 -17.92 35.66 -55.01
N PHE F 427 -17.37 36.84 -55.25
CA PHE F 427 -15.96 37.00 -55.56
C PHE F 427 -15.17 37.48 -54.34
N SER F 428 -13.86 37.55 -54.53
CA SER F 428 -12.93 37.96 -53.50
C SER F 428 -12.28 39.27 -53.92
N VAL F 429 -11.62 39.92 -52.96
CA VAL F 429 -11.04 41.23 -53.24
C VAL F 429 -9.74 41.10 -54.02
N LYS F 430 -9.09 39.94 -53.97
CA LYS F 430 -7.86 39.73 -54.73
C LYS F 430 -8.13 39.67 -56.23
N LEU F 431 -9.06 38.81 -56.65
CA LEU F 431 -9.43 38.70 -58.06
C LEU F 431 -10.10 39.97 -58.56
N MET F 432 -10.86 40.65 -57.71
CA MET F 432 -11.54 41.84 -58.18
C MET F 432 -10.58 43.01 -58.30
N MET F 433 -9.60 43.12 -57.39
CA MET F 433 -8.51 44.07 -57.59
C MET F 433 -7.60 43.66 -58.75
N GLU F 434 -7.60 42.38 -59.12
CA GLU F 434 -6.97 42.00 -60.38
C GLU F 434 -7.76 42.52 -61.58
N LEU F 435 -9.08 42.75 -61.43
CA LEU F 435 -9.91 42.92 -62.61
C LEU F 435 -10.59 44.30 -62.80
N ILE F 436 -10.75 45.12 -61.74
CA ILE F 436 -11.45 46.41 -61.89
C ILE F 436 -10.79 47.41 -62.85
N PRO F 437 -9.45 47.60 -62.87
CA PRO F 437 -8.87 48.44 -63.95
C PRO F 437 -9.09 47.89 -65.35
N GLU F 438 -8.86 46.59 -65.56
CA GLU F 438 -9.01 45.94 -66.86
C GLU F 438 -10.41 46.07 -67.46
N LEU F 439 -11.47 46.12 -66.63
CA LEU F 439 -12.86 46.18 -67.11
C LEU F 439 -13.16 47.34 -68.05
N TYR F 440 -12.39 48.44 -67.99
CA TYR F 440 -12.81 49.70 -68.56
C TYR F 440 -12.42 49.84 -70.02
N GLU F 441 -11.21 49.40 -70.37
CA GLU F 441 -10.62 49.76 -71.65
C GLU F 441 -11.28 49.02 -72.81
N THR F 442 -11.86 47.86 -72.55
CA THR F 442 -12.53 47.08 -73.57
C THR F 442 -13.91 46.71 -73.04
N SER F 443 -14.89 46.66 -73.94
CA SER F 443 -16.20 46.08 -73.63
C SER F 443 -16.11 44.55 -73.75
N GLU F 444 -15.90 43.89 -72.62
CA GLU F 444 -15.64 42.45 -72.57
C GLU F 444 -16.33 41.88 -71.34
N GLU F 445 -16.77 40.63 -71.45
CA GLU F 445 -17.56 39.97 -70.43
C GLU F 445 -16.69 38.99 -69.63
N GLN F 446 -17.20 38.62 -68.46
CA GLN F 446 -16.38 38.13 -67.35
C GLN F 446 -15.83 36.75 -67.63
N MET F 447 -16.66 35.85 -68.17
CA MET F 447 -16.23 34.50 -68.44
C MET F 447 -15.26 34.45 -69.63
N THR F 448 -15.45 35.32 -70.61
CA THR F 448 -14.51 35.38 -71.72
C THR F 448 -13.23 36.10 -71.32
N ILE F 449 -13.33 37.06 -70.38
CA ILE F 449 -12.14 37.69 -69.81
C ILE F 449 -11.30 36.66 -69.06
N LEU F 450 -11.95 35.82 -68.25
CA LEU F 450 -11.22 34.79 -67.52
C LEU F 450 -10.76 33.65 -68.43
N THR F 451 -11.41 33.46 -69.58
CA THR F 451 -10.84 32.59 -70.61
C THR F 451 -9.57 33.19 -71.19
N ARG F 452 -9.57 34.51 -71.40
CA ARG F 452 -8.46 35.22 -72.03
C ARG F 452 -7.27 35.41 -71.10
N LEU F 453 -7.50 35.52 -69.80
CA LEU F 453 -6.41 35.60 -68.85
C LEU F 453 -5.96 34.24 -68.32
N GLY F 454 -6.75 33.19 -68.57
CA GLY F 454 -6.38 31.85 -68.15
C GLY F 454 -6.51 31.63 -66.66
N LYS F 464 -2.49 11.77 -52.93
CA LYS F 464 -2.76 10.61 -53.77
C LYS F 464 -2.02 10.68 -55.09
N THR F 465 -1.30 9.60 -55.42
CA THR F 465 -0.51 9.55 -56.65
C THR F 465 -0.97 8.50 -57.64
N LYS F 466 -1.67 7.47 -57.21
CA LYS F 466 -2.31 6.54 -58.13
C LYS F 466 -3.79 6.35 -57.83
N TYR F 467 -4.17 6.36 -56.55
CA TYR F 467 -5.57 6.27 -56.17
C TYR F 467 -6.25 7.62 -56.32
N ILE F 468 -7.56 7.60 -56.12
CA ILE F 468 -8.41 8.76 -56.41
C ILE F 468 -8.91 9.36 -55.11
N ASP F 469 -9.18 10.67 -55.16
CA ASP F 469 -9.21 11.49 -53.96
C ASP F 469 -10.56 11.37 -53.26
N GLU F 470 -10.60 11.84 -52.03
CA GLU F 470 -11.86 12.05 -51.32
C GLU F 470 -12.18 13.54 -51.18
N LYS F 471 -11.35 14.41 -51.76
CA LYS F 471 -11.60 15.85 -51.85
C LYS F 471 -12.98 16.18 -52.40
N LEU F 472 -13.21 15.81 -53.67
CA LEU F 472 -14.42 16.20 -54.40
C LEU F 472 -15.68 15.59 -53.79
N LEU F 473 -15.59 14.36 -53.31
CA LEU F 473 -16.76 13.65 -52.81
C LEU F 473 -17.12 14.05 -51.38
N THR F 474 -16.19 14.62 -50.62
CA THR F 474 -16.51 15.19 -49.32
C THR F 474 -16.92 16.65 -49.43
N GLU F 475 -16.49 17.36 -50.48
CA GLU F 475 -16.92 18.76 -50.61
C GLU F 475 -18.33 18.85 -51.21
N GLU F 476 -18.52 18.29 -52.40
CA GLU F 476 -19.80 18.44 -53.10
C GLU F 476 -20.82 17.50 -52.45
N ILE F 477 -21.63 18.06 -51.57
CA ILE F 477 -22.69 17.34 -50.88
C ILE F 477 -24.02 18.01 -51.26
N TYR F 478 -24.87 17.27 -51.95
CA TYR F 478 -26.22 17.74 -52.25
C TYR F 478 -27.19 17.27 -51.17
N ASN F 479 -27.16 15.99 -50.85
CA ASN F 479 -27.88 15.41 -49.73
C ASN F 479 -26.89 14.57 -48.94
N PRO F 480 -27.23 14.18 -47.71
CA PRO F 480 -26.41 13.14 -47.05
C PRO F 480 -26.48 11.80 -47.74
N VAL F 481 -27.63 11.47 -48.34
CA VAL F 481 -27.81 10.17 -48.99
C VAL F 481 -26.96 10.06 -50.24
N VAL F 482 -26.95 11.12 -51.06
CA VAL F 482 -26.14 11.14 -52.28
C VAL F 482 -24.66 11.12 -51.94
N ALA F 483 -24.27 11.83 -50.87
CA ALA F 483 -22.88 11.87 -50.45
C ALA F 483 -22.39 10.48 -50.04
N LYS F 484 -23.16 9.82 -49.16
CA LYS F 484 -22.83 8.47 -48.71
C LYS F 484 -22.75 7.49 -49.87
N SER F 485 -23.80 7.42 -50.70
CA SER F 485 -23.87 6.41 -51.76
C SER F 485 -22.76 6.60 -52.80
N VAL F 486 -22.47 7.86 -53.17
CA VAL F 486 -21.41 8.09 -54.16
C VAL F 486 -20.03 7.83 -53.57
N ARG F 487 -19.82 8.06 -52.26
CA ARG F 487 -18.48 7.77 -51.74
C ARG F 487 -18.26 6.27 -51.50
N GLN F 488 -19.29 5.52 -51.12
CA GLN F 488 -19.13 4.07 -51.03
C GLN F 488 -18.94 3.45 -52.42
N ALA F 489 -19.63 4.00 -53.42
CA ALA F 489 -19.42 3.54 -54.78
C ALA F 489 -18.01 3.86 -55.29
N ILE F 490 -17.44 5.00 -54.88
CA ILE F 490 -16.11 5.33 -55.35
C ILE F 490 -15.07 4.47 -54.64
N LYS F 491 -15.36 4.01 -53.41
CA LYS F 491 -14.48 3.04 -52.75
C LYS F 491 -14.49 1.71 -53.50
N ILE F 492 -15.69 1.27 -53.92
CA ILE F 492 -15.82 0.08 -54.76
C ILE F 492 -15.01 0.22 -56.05
N VAL F 493 -15.13 1.39 -56.70
CA VAL F 493 -14.44 1.67 -57.96
C VAL F 493 -12.93 1.54 -57.79
N ASN F 494 -12.40 2.16 -56.73
CA ASN F 494 -10.95 2.20 -56.64
C ASN F 494 -10.39 0.87 -56.13
N ALA F 495 -11.19 0.11 -55.38
CA ALA F 495 -10.77 -1.26 -55.06
C ALA F 495 -10.70 -2.13 -56.31
N ALA F 496 -11.69 -1.97 -57.21
CA ALA F 496 -11.68 -2.75 -58.46
C ALA F 496 -10.54 -2.34 -59.39
N ILE F 497 -10.22 -1.05 -59.46
CA ILE F 497 -9.09 -0.65 -60.30
C ILE F 497 -7.75 -0.99 -59.65
N LYS F 498 -7.70 -1.17 -58.33
CA LYS F 498 -6.47 -1.69 -57.73
C LYS F 498 -6.28 -3.17 -58.03
N GLU F 499 -7.36 -3.96 -57.92
CA GLU F 499 -7.26 -5.41 -58.08
C GLU F 499 -6.89 -5.82 -59.50
N TYR F 500 -7.68 -5.40 -60.49
CA TYR F 500 -7.53 -5.98 -61.82
C TYR F 500 -6.52 -5.23 -62.68
N GLY F 501 -6.76 -3.96 -62.95
CA GLY F 501 -5.83 -3.21 -63.79
C GLY F 501 -6.38 -1.93 -64.37
N ASP F 502 -6.22 -1.77 -65.68
CA ASP F 502 -6.64 -0.56 -66.38
C ASP F 502 -8.08 -0.70 -66.86
N PHE F 503 -8.66 0.41 -67.33
CA PHE F 503 -10.02 0.43 -67.81
C PHE F 503 -10.13 1.32 -69.03
N ASP F 504 -11.24 1.17 -69.75
CA ASP F 504 -11.62 2.15 -70.76
C ASP F 504 -13.08 2.58 -70.68
N ASN F 505 -13.96 1.72 -70.16
CA ASN F 505 -15.37 2.04 -70.06
C ASN F 505 -15.85 1.84 -68.63
N ILE F 506 -16.38 2.91 -68.03
CA ILE F 506 -16.99 2.90 -66.71
C ILE F 506 -18.42 3.41 -66.87
N VAL F 507 -19.38 2.71 -66.29
CA VAL F 507 -20.80 3.02 -66.43
C VAL F 507 -21.37 3.27 -65.04
N ILE F 508 -22.12 4.37 -64.90
CA ILE F 508 -22.79 4.71 -63.65
C ILE F 508 -24.28 4.89 -63.92
N GLU F 509 -25.13 4.11 -63.25
CA GLU F 509 -26.55 4.42 -63.26
C GLU F 509 -26.85 5.53 -62.25
N SER F 691 -24.06 13.63 -60.65
CA SER F 691 -24.11 13.22 -62.05
C SER F 691 -22.87 13.68 -62.80
N ARG F 692 -22.87 14.96 -63.17
CA ARG F 692 -21.78 15.53 -63.95
C ARG F 692 -20.55 15.83 -63.10
N VAL F 693 -20.73 15.98 -61.78
CA VAL F 693 -19.61 16.19 -60.87
C VAL F 693 -18.69 14.97 -60.83
N VAL F 694 -19.27 13.77 -60.65
CA VAL F 694 -18.48 12.55 -60.64
C VAL F 694 -17.91 12.28 -62.03
N LEU F 695 -18.65 12.68 -63.07
CA LEU F 695 -18.21 12.50 -64.45
C LEU F 695 -16.94 13.29 -64.74
N ASN F 696 -16.96 14.61 -64.53
CA ASN F 696 -15.76 15.37 -64.83
C ASN F 696 -14.65 15.12 -63.81
N ALA F 697 -15.00 14.67 -62.59
CA ALA F 697 -13.99 14.21 -61.63
C ALA F 697 -13.17 13.06 -62.20
N LEU F 698 -13.86 11.98 -62.62
CA LEU F 698 -13.18 10.81 -63.17
C LEU F 698 -12.48 11.14 -64.48
N GLN F 699 -13.10 12.01 -65.30
CA GLN F 699 -12.51 12.36 -66.59
C GLN F 699 -11.23 13.16 -66.43
N GLU F 700 -11.20 14.09 -65.46
CA GLU F 700 -9.98 14.86 -65.26
C GLU F 700 -8.91 14.06 -64.54
N HIS F 701 -9.28 13.15 -63.63
CA HIS F 701 -8.28 12.26 -63.04
C HIS F 701 -7.65 11.37 -64.11
N PHE F 702 -8.46 10.85 -65.04
CA PHE F 702 -7.91 9.96 -66.06
C PHE F 702 -7.13 10.71 -67.15
N ARG F 703 -7.48 11.96 -67.43
CA ARG F 703 -6.62 12.76 -68.32
C ARG F 703 -5.33 13.17 -67.63
N ALA F 704 -5.40 13.50 -66.34
CA ALA F 704 -4.21 13.88 -65.59
C ALA F 704 -3.31 12.68 -65.32
N HIS F 705 -3.85 11.47 -65.30
CA HIS F 705 -3.06 10.26 -65.18
C HIS F 705 -2.81 9.61 -66.53
N LYS F 706 -3.18 10.30 -67.62
CA LYS F 706 -2.86 9.93 -69.01
C LYS F 706 -3.46 8.57 -69.39
N ILE F 707 -4.71 8.35 -69.00
CA ILE F 707 -5.43 7.10 -69.25
C ILE F 707 -6.71 7.44 -70.00
N ASP F 708 -6.87 6.89 -71.20
CA ASP F 708 -8.10 7.07 -71.97
C ASP F 708 -9.14 6.11 -71.39
N THR F 709 -10.01 6.63 -70.54
CA THR F 709 -11.12 5.88 -69.98
C THR F 709 -12.39 6.71 -70.11
N LYS F 710 -13.43 6.13 -70.70
CA LYS F 710 -14.70 6.80 -70.91
C LYS F 710 -15.64 6.46 -69.76
N VAL F 711 -16.01 7.47 -68.99
CA VAL F 711 -17.01 7.34 -67.93
C VAL F 711 -18.32 7.89 -68.45
N SER F 712 -19.41 7.15 -68.26
CA SER F 712 -20.70 7.58 -68.78
C SER F 712 -21.79 7.33 -67.74
N VAL F 713 -22.62 8.33 -67.53
CA VAL F 713 -23.68 8.29 -66.54
C VAL F 713 -24.97 7.75 -67.14
N HIS F 736 -28.85 -9.45 -55.06
CA HIS F 736 -29.25 -10.09 -56.30
C HIS F 736 -29.54 -9.08 -57.40
N HIS F 737 -30.58 -8.28 -57.15
CA HIS F 737 -31.25 -7.53 -58.21
C HIS F 737 -30.36 -6.42 -58.77
N HIS F 738 -29.76 -5.61 -57.90
CA HIS F 738 -28.89 -4.53 -58.36
C HIS F 738 -27.58 -5.05 -58.93
N ALA F 739 -27.12 -6.21 -58.48
CA ALA F 739 -25.95 -6.86 -59.10
C ALA F 739 -26.25 -7.28 -60.54
N VAL F 740 -27.42 -7.90 -60.74
CA VAL F 740 -27.86 -8.29 -62.09
C VAL F 740 -28.04 -7.06 -62.97
N ASP F 741 -28.60 -5.98 -62.42
CA ASP F 741 -28.84 -4.77 -63.21
C ASP F 741 -27.53 -4.08 -63.59
N ALA F 742 -26.54 -4.09 -62.68
CA ALA F 742 -25.24 -3.55 -63.01
C ALA F 742 -24.53 -4.39 -64.06
N LEU F 743 -24.71 -5.72 -63.99
CA LEU F 743 -24.19 -6.61 -65.02
C LEU F 743 -24.85 -6.33 -66.38
N ILE F 744 -26.16 -6.05 -66.37
CA ILE F 744 -26.91 -5.78 -67.60
C ILE F 744 -26.45 -4.47 -68.23
N ILE F 745 -26.27 -3.43 -67.42
CA ILE F 745 -25.84 -2.15 -68.01
C ILE F 745 -24.35 -2.16 -68.31
N ALA F 746 -23.58 -3.06 -67.69
CA ALA F 746 -22.20 -3.23 -68.13
C ALA F 746 -22.15 -3.94 -69.47
N ALA F 747 -23.12 -4.81 -69.75
CA ALA F 747 -23.26 -5.37 -71.10
C ALA F 747 -23.79 -4.35 -72.09
N SER F 748 -24.58 -3.38 -71.63
CA SER F 748 -25.18 -2.38 -72.51
C SER F 748 -24.27 -1.18 -72.77
N SER F 749 -23.06 -1.17 -72.19
CA SER F 749 -22.09 -0.09 -72.37
C SER F 749 -21.69 0.17 -73.82
N ASP F 806 -27.12 -18.30 -58.59
CA ASP F 806 -27.00 -18.01 -57.16
C ASP F 806 -25.59 -18.25 -56.65
N SER F 807 -24.61 -17.78 -57.42
CA SER F 807 -23.22 -17.72 -56.97
C SER F 807 -22.80 -16.29 -56.64
N ILE F 808 -23.77 -15.42 -56.38
CA ILE F 808 -23.53 -14.01 -56.09
C ILE F 808 -23.00 -13.87 -54.66
N LEU F 809 -22.06 -12.94 -54.47
CA LEU F 809 -21.53 -12.60 -53.17
C LEU F 809 -22.09 -11.26 -52.70
N PHE F 810 -22.38 -11.17 -51.40
CA PHE F 810 -22.85 -9.94 -50.78
C PHE F 810 -21.72 -9.29 -49.97
N SER F 811 -21.96 -8.03 -49.58
CA SER F 811 -21.01 -7.30 -48.76
C SER F 811 -21.78 -6.30 -47.89
N TYR F 812 -21.72 -6.48 -46.58
CA TYR F 812 -22.41 -5.64 -45.62
C TYR F 812 -21.44 -4.69 -44.94
N GLN F 813 -22.00 -3.74 -44.19
CA GLN F 813 -21.22 -2.78 -43.42
C GLN F 813 -21.39 -3.06 -41.94
N VAL F 814 -20.30 -2.93 -41.20
CA VAL F 814 -20.26 -3.32 -39.80
C VAL F 814 -20.60 -2.12 -38.93
N ASP F 815 -21.27 -2.38 -37.81
CA ASP F 815 -21.72 -1.34 -36.88
C ASP F 815 -21.02 -1.58 -35.54
N SER F 816 -19.94 -0.85 -35.28
CA SER F 816 -19.09 -1.11 -34.12
C SER F 816 -18.81 0.13 -33.30
N LYS F 817 -19.71 1.11 -33.34
CA LYS F 817 -19.54 2.33 -32.56
C LYS F 817 -19.93 2.06 -31.12
N PHE F 818 -19.28 2.75 -30.18
CA PHE F 818 -19.40 2.33 -28.79
C PHE F 818 -20.20 3.26 -27.89
N ASN F 819 -20.26 4.54 -28.18
CA ASN F 819 -21.01 5.47 -27.33
C ASN F 819 -22.25 5.90 -28.09
N ARG F 820 -23.35 5.19 -27.86
CA ARG F 820 -24.64 5.51 -28.44
C ARG F 820 -25.66 5.67 -27.33
N LYS F 821 -26.93 5.70 -27.70
CA LYS F 821 -28.02 5.94 -26.75
C LYS F 821 -28.10 4.77 -25.76
N ILE F 822 -27.81 5.03 -24.50
CA ILE F 822 -27.69 3.93 -23.54
C ILE F 822 -29.07 3.49 -23.05
N SER F 823 -30.04 4.40 -23.02
CA SER F 823 -31.38 4.14 -22.49
C SER F 823 -32.26 5.31 -22.87
N ASP F 824 -33.52 5.25 -22.43
CA ASP F 824 -34.37 6.42 -22.44
C ASP F 824 -33.88 7.41 -21.39
N ALA F 825 -34.27 8.66 -21.57
CA ALA F 825 -34.04 9.67 -20.54
C ALA F 825 -35.24 9.83 -19.61
N THR F 826 -36.24 8.97 -19.76
CA THR F 826 -37.47 9.06 -18.99
C THR F 826 -37.32 8.32 -17.67
N ILE F 827 -37.71 8.96 -16.58
CA ILE F 827 -37.55 8.43 -15.23
C ILE F 827 -38.85 7.78 -14.82
N TYR F 828 -38.83 6.47 -14.59
CA TYR F 828 -40.00 5.68 -14.25
C TYR F 828 -40.08 5.41 -12.76
N ALA F 829 -41.26 5.01 -12.31
CA ALA F 829 -41.49 4.68 -10.91
C ALA F 829 -42.00 3.25 -10.81
N THR F 830 -41.60 2.56 -9.74
CA THR F 830 -42.04 1.21 -9.46
C THR F 830 -42.68 1.16 -8.08
N ARG F 831 -43.59 0.20 -7.90
CA ARG F 831 -44.12 -0.13 -6.58
C ARG F 831 -44.04 -1.64 -6.39
N GLN F 832 -44.12 -2.08 -5.14
CA GLN F 832 -44.21 -3.49 -4.83
C GLN F 832 -45.64 -3.85 -4.46
N ALA F 833 -46.24 -4.75 -5.22
CA ALA F 833 -47.66 -5.03 -5.03
C ALA F 833 -47.98 -6.46 -5.40
N LYS F 834 -49.27 -6.78 -5.37
CA LYS F 834 -49.82 -8.11 -5.66
C LYS F 834 -50.86 -7.93 -6.76
N VAL F 835 -50.55 -8.40 -7.97
CA VAL F 835 -51.39 -8.14 -9.13
C VAL F 835 -51.51 -9.42 -9.95
N GLY F 836 -52.75 -9.86 -10.17
CA GLY F 836 -53.01 -10.95 -11.12
C GLY F 836 -52.98 -12.31 -10.48
N LYS F 837 -51.84 -12.99 -10.59
CA LYS F 837 -51.70 -14.38 -10.16
C LYS F 837 -50.54 -14.39 -9.17
N ASP F 838 -50.60 -13.53 -8.17
CA ASP F 838 -49.46 -13.31 -7.30
C ASP F 838 -49.49 -14.23 -6.08
N LYS F 839 -48.37 -14.90 -5.85
CA LYS F 839 -48.10 -15.63 -4.62
C LYS F 839 -47.13 -14.88 -3.72
N ALA F 840 -46.47 -13.85 -4.24
CA ALA F 840 -45.61 -12.97 -3.45
C ALA F 840 -45.78 -11.56 -3.99
N ASP F 841 -45.11 -10.61 -3.34
CA ASP F 841 -45.03 -9.27 -3.89
C ASP F 841 -44.13 -9.26 -5.12
N GLU F 842 -44.33 -8.28 -5.99
CA GLU F 842 -43.42 -8.09 -7.09
C GLU F 842 -43.33 -6.61 -7.42
N THR F 843 -42.25 -6.25 -8.12
CA THR F 843 -42.01 -4.88 -8.54
C THR F 843 -42.72 -4.62 -9.86
N TYR F 844 -43.45 -3.51 -9.92
CA TYR F 844 -44.25 -3.14 -11.06
C TYR F 844 -43.87 -1.74 -11.48
N VAL F 845 -43.53 -1.58 -12.75
CA VAL F 845 -43.44 -0.27 -13.35
C VAL F 845 -44.83 0.34 -13.40
N LEU F 846 -44.96 1.55 -12.87
CA LEU F 846 -46.20 2.31 -12.87
C LEU F 846 -46.42 2.99 -14.21
N GLY F 847 -47.65 3.44 -14.42
CA GLY F 847 -48.01 4.22 -15.57
C GLY F 847 -48.91 5.36 -15.15
N LYS F 848 -49.40 6.11 -16.12
CA LYS F 848 -50.25 7.25 -15.82
C LYS F 848 -51.11 7.58 -17.03
N ILE F 849 -52.41 7.75 -16.80
CA ILE F 849 -53.29 8.40 -17.75
C ILE F 849 -53.15 9.90 -17.55
N LYS F 850 -52.69 10.60 -18.59
CA LYS F 850 -52.27 11.99 -18.42
C LYS F 850 -53.45 12.90 -18.12
N ASP F 851 -54.57 12.69 -18.79
CA ASP F 851 -55.81 13.45 -18.55
C ASP F 851 -57.00 12.66 -19.07
N ILE F 852 -58.06 12.62 -18.28
CA ILE F 852 -59.16 11.70 -18.59
C ILE F 852 -60.26 12.36 -19.41
N TYR F 853 -60.28 13.69 -19.49
CA TYR F 853 -61.35 14.40 -20.17
C TYR F 853 -61.13 14.52 -21.67
N THR F 854 -59.95 14.14 -22.16
CA THR F 854 -59.75 14.11 -23.60
C THR F 854 -60.34 12.83 -24.19
N GLN F 855 -60.19 12.65 -25.50
CA GLN F 855 -60.70 11.45 -26.15
C GLN F 855 -59.83 10.23 -25.87
N ASP F 856 -58.53 10.44 -25.64
CA ASP F 856 -57.62 9.32 -25.44
C ASP F 856 -57.65 8.80 -24.01
N GLY F 857 -57.84 9.69 -23.03
CA GLY F 857 -57.79 9.29 -21.64
C GLY F 857 -58.96 8.41 -21.23
N TYR F 858 -60.15 8.70 -21.77
CA TYR F 858 -61.30 7.85 -21.52
C TYR F 858 -61.12 6.46 -22.14
N ASP F 859 -60.54 6.41 -23.33
CA ASP F 859 -60.34 5.14 -24.00
C ASP F 859 -59.31 4.29 -23.26
N ALA F 860 -58.22 4.92 -22.78
CA ALA F 860 -57.24 4.20 -21.97
C ALA F 860 -57.84 3.77 -20.64
N PHE F 861 -58.72 4.59 -20.06
CA PHE F 861 -59.36 4.23 -18.80
C PHE F 861 -60.25 3.00 -18.97
N MET F 862 -61.08 2.99 -20.01
CA MET F 862 -61.96 1.83 -20.18
C MET F 862 -61.20 0.60 -20.67
N LYS F 863 -60.06 0.78 -21.33
CA LYS F 863 -59.22 -0.37 -21.67
C LYS F 863 -58.66 -1.03 -20.41
N ILE F 864 -58.13 -0.22 -19.49
CA ILE F 864 -57.63 -0.76 -18.22
C ILE F 864 -58.78 -1.33 -17.40
N TYR F 865 -59.95 -0.70 -17.46
CA TYR F 865 -61.09 -1.14 -16.65
C TYR F 865 -61.65 -2.48 -17.15
N LYS F 866 -61.70 -2.67 -18.47
CA LYS F 866 -62.15 -3.93 -19.02
C LYS F 866 -61.07 -5.01 -18.99
N LYS F 867 -59.81 -4.64 -18.77
CA LYS F 867 -58.80 -5.66 -18.50
C LYS F 867 -58.86 -6.10 -17.04
N ASP F 868 -58.59 -5.18 -16.11
CA ASP F 868 -58.54 -5.54 -14.69
C ASP F 868 -58.80 -4.30 -13.85
N LYS F 869 -59.67 -4.44 -12.85
CA LYS F 869 -60.10 -3.29 -12.06
C LYS F 869 -59.15 -2.96 -10.92
N SER F 870 -58.34 -3.92 -10.47
CA SER F 870 -57.48 -3.71 -9.31
C SER F 870 -56.12 -3.16 -9.69
N LYS F 871 -55.91 -2.81 -10.96
CA LYS F 871 -54.65 -2.20 -11.37
C LYS F 871 -54.55 -0.75 -10.93
N PHE F 872 -55.69 -0.06 -10.80
CA PHE F 872 -55.67 1.34 -10.39
C PHE F 872 -55.26 1.47 -8.93
N LEU F 873 -54.44 2.48 -8.66
CA LEU F 873 -53.96 2.70 -7.30
C LEU F 873 -55.03 3.29 -6.41
N MET F 874 -56.01 3.99 -7.00
CA MET F 874 -57.11 4.54 -6.21
C MET F 874 -58.08 3.44 -5.80
N TYR F 875 -58.15 2.36 -6.59
CA TYR F 875 -58.95 1.19 -6.23
C TYR F 875 -58.46 0.54 -4.94
N ARG F 876 -57.18 0.66 -4.63
CA ARG F 876 -56.61 0.07 -3.44
C ARG F 876 -56.36 1.06 -2.32
N HIS F 877 -56.28 2.36 -2.63
CA HIS F 877 -55.95 3.32 -1.60
C HIS F 877 -57.04 4.34 -1.31
N ASP F 878 -58.11 4.40 -2.11
CA ASP F 878 -59.24 5.28 -1.83
C ASP F 878 -60.48 4.71 -2.51
N PRO F 879 -61.15 3.73 -1.90
CA PRO F 879 -62.17 2.97 -2.65
C PRO F 879 -63.46 3.72 -2.91
N GLN F 880 -63.93 4.52 -1.95
CA GLN F 880 -65.22 5.17 -2.10
C GLN F 880 -65.19 6.25 -3.17
N THR F 881 -64.03 6.90 -3.35
CA THR F 881 -63.86 7.79 -4.48
C THR F 881 -63.94 7.04 -5.80
N PHE F 882 -63.46 5.80 -5.82
CA PHE F 882 -63.62 5.01 -7.04
C PHE F 882 -65.07 4.61 -7.27
N GLU F 883 -65.84 4.43 -6.20
CA GLU F 883 -67.29 4.23 -6.36
C GLU F 883 -67.95 5.48 -6.95
N LYS F 884 -67.52 6.66 -6.52
CA LYS F 884 -68.03 7.91 -7.12
C LYS F 884 -67.38 8.22 -8.47
N VAL F 885 -66.40 7.43 -8.89
CA VAL F 885 -65.93 7.46 -10.27
C VAL F 885 -66.80 6.57 -11.15
N ILE F 886 -67.29 5.45 -10.62
CA ILE F 886 -68.06 4.55 -11.49
C ILE F 886 -69.55 4.83 -11.46
N GLU F 887 -70.02 5.71 -10.57
CA GLU F 887 -71.39 6.22 -10.73
C GLU F 887 -71.57 7.08 -12.01
N PRO F 888 -70.62 7.94 -12.44
CA PRO F 888 -70.77 8.55 -13.77
C PRO F 888 -70.74 7.58 -14.93
N ILE F 889 -69.88 6.57 -14.90
CA ILE F 889 -69.75 5.67 -16.05
C ILE F 889 -70.96 4.75 -16.18
N LEU F 890 -71.78 4.65 -15.13
CA LEU F 890 -73.08 3.99 -15.24
C LEU F 890 -74.03 4.77 -16.14
N GLU F 891 -74.24 6.04 -15.85
CA GLU F 891 -75.32 6.81 -16.49
C GLU F 891 -74.74 7.91 -17.38
N ASN F 892 -74.39 7.53 -18.60
CA ASN F 892 -74.12 8.42 -19.73
C ASN F 892 -74.20 7.62 -21.03
N PRO F 909 -68.09 10.72 -21.38
CA PRO F 909 -68.80 10.61 -20.12
C PRO F 909 -68.27 11.58 -19.07
N PHE F 910 -66.96 11.51 -18.81
CA PHE F 910 -66.31 12.48 -17.93
C PHE F 910 -66.38 13.88 -18.50
N LEU F 911 -66.32 14.03 -19.83
CA LEU F 911 -66.47 15.33 -20.46
C LEU F 911 -67.88 15.90 -20.28
N LYS F 912 -68.90 15.03 -20.26
CA LYS F 912 -70.26 15.50 -20.02
C LYS F 912 -70.43 15.97 -18.58
N TYR F 913 -69.85 15.23 -17.63
CA TYR F 913 -69.78 15.67 -16.25
C TYR F 913 -69.02 16.97 -16.10
N LYS F 914 -68.00 17.20 -16.93
CA LYS F 914 -67.25 18.44 -16.85
C LYS F 914 -68.06 19.62 -17.38
N GLU F 915 -68.75 19.42 -18.50
CA GLU F 915 -69.52 20.52 -19.09
C GLU F 915 -70.83 20.79 -18.35
N GLU F 916 -71.29 19.88 -17.47
CA GLU F 916 -72.40 20.23 -16.58
C GLU F 916 -71.93 20.66 -15.20
N HIS F 917 -71.23 19.79 -14.48
CA HIS F 917 -70.98 19.95 -13.06
C HIS F 917 -69.56 20.40 -12.70
N GLY F 918 -68.65 20.45 -13.65
CA GLY F 918 -67.28 20.85 -13.36
C GLY F 918 -66.34 19.69 -13.15
N TYR F 919 -65.25 19.97 -12.46
CA TYR F 919 -64.21 18.96 -12.21
C TYR F 919 -64.71 17.87 -11.27
N ILE F 920 -64.28 16.64 -11.56
CA ILE F 920 -64.66 15.47 -10.76
C ILE F 920 -63.84 15.53 -9.47
N ARG F 921 -64.44 16.07 -8.40
CA ARG F 921 -63.72 16.10 -7.14
C ARG F 921 -63.83 14.73 -6.46
N LYS F 922 -63.06 14.55 -5.40
CA LYS F 922 -63.01 13.25 -4.72
C LYS F 922 -64.20 13.08 -3.80
N TYR F 923 -64.11 12.07 -2.93
CA TYR F 923 -65.05 11.95 -1.83
C TYR F 923 -64.60 12.84 -0.69
N SER F 924 -65.56 13.55 -0.09
CA SER F 924 -65.30 14.26 1.15
C SER F 924 -66.62 14.41 1.89
N LYS F 925 -66.55 15.04 3.06
CA LYS F 925 -67.75 15.43 3.78
C LYS F 925 -68.48 16.54 3.02
N LYS F 926 -67.73 17.52 2.54
CA LYS F 926 -68.25 18.69 1.85
C LYS F 926 -67.71 18.69 0.43
N GLY F 927 -68.09 19.72 -0.33
CA GLY F 927 -67.53 19.88 -1.66
C GLY F 927 -66.21 20.63 -1.61
N ASN F 928 -65.17 20.02 -1.03
CA ASN F 928 -63.87 20.69 -0.94
C ASN F 928 -62.69 19.77 -1.19
N GLY F 929 -62.90 18.57 -1.73
CA GLY F 929 -61.81 17.69 -2.05
C GLY F 929 -61.07 18.16 -3.29
N PRO F 930 -59.86 17.66 -3.52
CA PRO F 930 -59.12 18.05 -4.72
C PRO F 930 -59.74 17.45 -5.97
N GLU F 931 -59.39 18.04 -7.10
CA GLU F 931 -59.92 17.58 -8.38
C GLU F 931 -59.12 16.39 -8.89
N ILE F 932 -59.71 15.65 -9.81
CA ILE F 932 -59.13 14.44 -10.36
C ILE F 932 -58.93 14.66 -11.84
N LYS F 933 -57.68 14.73 -12.27
CA LYS F 933 -57.35 14.84 -13.68
C LYS F 933 -56.55 13.67 -14.21
N SER F 934 -55.77 13.00 -13.36
CA SER F 934 -54.91 11.91 -13.78
C SER F 934 -55.06 10.74 -12.82
N LEU F 935 -54.63 9.57 -13.28
CA LEU F 935 -54.77 8.34 -12.49
C LEU F 935 -53.60 7.43 -12.79
N LYS F 936 -52.94 6.94 -11.75
CA LYS F 936 -51.83 6.01 -11.89
C LYS F 936 -52.31 4.58 -11.74
N TYR F 937 -51.54 3.65 -12.30
CA TYR F 937 -51.89 2.23 -12.21
C TYR F 937 -50.62 1.39 -12.28
N TYR F 938 -50.78 0.08 -12.11
CA TYR F 938 -49.68 -0.87 -12.20
C TYR F 938 -49.54 -1.31 -13.64
N ASP F 939 -48.60 -0.71 -14.37
CA ASP F 939 -48.50 -0.97 -15.80
C ASP F 939 -47.93 -2.35 -16.07
N SER F 940 -46.67 -2.59 -15.72
CA SER F 940 -46.04 -3.83 -16.20
C SER F 940 -45.02 -4.33 -15.20
N LYS F 941 -44.43 -5.49 -15.51
CA LYS F 941 -43.36 -6.02 -14.67
C LYS F 941 -42.01 -5.53 -15.15
N LEU F 942 -41.06 -5.53 -14.22
CA LEU F 942 -39.76 -4.92 -14.47
C LEU F 942 -38.88 -5.85 -15.28
N GLY F 943 -38.29 -5.31 -16.35
CA GLY F 943 -37.37 -6.06 -17.19
C GLY F 943 -35.96 -5.53 -17.10
N ASN F 944 -35.34 -5.26 -18.26
CA ASN F 944 -34.02 -4.67 -18.28
C ASN F 944 -34.10 -3.21 -17.83
N HIS F 945 -33.26 -2.83 -16.89
CA HIS F 945 -33.31 -1.47 -16.36
C HIS F 945 -31.95 -1.05 -15.86
N ILE F 946 -31.90 0.17 -15.32
CA ILE F 946 -30.75 0.74 -14.64
C ILE F 946 -31.27 1.38 -13.38
N ASP F 947 -30.76 0.97 -12.22
CA ASP F 947 -31.27 1.41 -10.94
C ASP F 947 -30.67 2.76 -10.59
N ILE F 948 -31.46 3.83 -10.71
CA ILE F 948 -30.96 5.18 -10.47
C ILE F 948 -31.67 5.79 -9.27
N THR F 949 -31.97 4.95 -8.28
CA THR F 949 -32.70 5.37 -7.09
C THR F 949 -31.92 6.41 -6.30
N PRO F 950 -32.56 7.53 -5.88
CA PRO F 950 -31.85 8.53 -5.08
C PRO F 950 -31.48 8.06 -3.68
N LYS F 951 -30.87 8.95 -2.90
CA LYS F 951 -30.33 8.58 -1.60
C LYS F 951 -31.44 8.33 -0.59
N ASP F 952 -32.31 9.32 -0.38
CA ASP F 952 -33.36 9.22 0.62
C ASP F 952 -34.69 8.75 0.03
N SER F 953 -34.68 7.68 -0.76
CA SER F 953 -35.89 7.24 -1.42
C SER F 953 -36.47 6.00 -0.75
N ASN F 954 -37.66 5.62 -1.17
CA ASN F 954 -38.38 4.53 -0.55
C ASN F 954 -38.69 3.37 -1.49
N ASN F 955 -38.96 3.64 -2.75
CA ASN F 955 -39.13 2.58 -3.74
C ASN F 955 -38.04 2.71 -4.79
N LYS F 956 -38.00 1.75 -5.70
CA LYS F 956 -37.01 1.74 -6.74
C LYS F 956 -37.39 2.74 -7.83
N VAL F 957 -36.36 3.29 -8.48
CA VAL F 957 -36.51 4.25 -9.58
C VAL F 957 -35.58 3.80 -10.69
N VAL F 958 -36.10 3.63 -11.91
CA VAL F 958 -35.36 2.95 -12.97
C VAL F 958 -35.34 3.78 -14.25
N LEU F 959 -34.51 3.35 -15.19
CA LEU F 959 -34.51 3.79 -16.58
C LEU F 959 -34.64 2.56 -17.47
N GLN F 960 -35.50 2.60 -18.46
CA GLN F 960 -35.77 1.44 -19.30
C GLN F 960 -35.16 1.63 -20.69
N SER F 961 -35.44 0.64 -21.56
CA SER F 961 -35.04 0.59 -22.98
C SER F 961 -33.52 0.58 -23.15
N VAL F 962 -32.90 -0.47 -22.60
CA VAL F 962 -31.44 -0.62 -22.56
C VAL F 962 -31.02 -1.50 -23.72
N SER F 963 -30.15 -0.96 -24.61
CA SER F 963 -29.86 -1.58 -25.90
C SER F 963 -28.61 -2.45 -25.81
N PRO F 964 -28.49 -3.47 -26.67
CA PRO F 964 -27.27 -4.28 -26.71
C PRO F 964 -26.28 -3.81 -27.76
N TRP F 965 -25.01 -4.12 -27.51
CA TRP F 965 -23.91 -3.65 -28.34
C TRP F 965 -23.20 -4.77 -29.08
N ARG F 966 -22.63 -5.75 -28.38
CA ARG F 966 -21.80 -6.75 -29.02
C ARG F 966 -21.84 -8.04 -28.22
N ALA F 967 -21.23 -9.09 -28.78
CA ALA F 967 -21.15 -10.39 -28.11
C ALA F 967 -19.73 -10.90 -28.12
N ASP F 968 -19.32 -11.53 -27.03
CA ASP F 968 -18.05 -12.24 -26.95
C ASP F 968 -18.33 -13.73 -26.85
N VAL F 969 -17.71 -14.52 -27.72
CA VAL F 969 -17.98 -15.95 -27.78
C VAL F 969 -16.83 -16.71 -27.14
N TYR F 970 -17.14 -17.48 -26.10
CA TYR F 970 -16.18 -18.29 -25.38
C TYR F 970 -16.44 -19.77 -25.63
N PHE F 971 -15.44 -20.59 -25.33
CA PHE F 971 -15.50 -22.02 -25.60
C PHE F 971 -14.65 -22.74 -24.58
N ASN F 972 -15.20 -23.75 -23.92
CA ASN F 972 -14.44 -24.56 -22.99
C ASN F 972 -14.30 -25.97 -23.54
N LYS F 973 -13.22 -26.64 -23.13
CA LYS F 973 -12.92 -27.98 -23.63
C LYS F 973 -13.49 -29.08 -22.75
N THR F 974 -13.81 -28.80 -21.49
CA THR F 974 -14.25 -29.86 -20.61
C THR F 974 -15.73 -30.21 -20.81
N THR F 975 -16.47 -29.40 -21.54
CA THR F 975 -17.82 -29.73 -21.98
C THR F 975 -17.93 -29.82 -23.50
N GLY F 976 -17.11 -29.10 -24.25
CA GLY F 976 -17.11 -29.17 -25.69
C GLY F 976 -18.30 -28.46 -26.30
N LYS F 977 -18.55 -27.24 -25.86
CA LYS F 977 -19.66 -26.44 -26.37
C LYS F 977 -19.33 -24.97 -26.14
N TYR F 978 -20.10 -24.11 -26.79
CA TYR F 978 -19.83 -22.68 -26.75
C TYR F 978 -20.69 -21.99 -25.69
N GLU F 979 -20.17 -20.90 -25.15
CA GLU F 979 -20.90 -20.00 -24.28
C GLU F 979 -20.82 -18.60 -24.87
N ILE F 980 -21.83 -17.78 -24.60
CA ILE F 980 -21.99 -16.52 -25.30
C ILE F 980 -22.29 -15.41 -24.29
N LEU F 981 -21.48 -14.35 -24.34
CA LEU F 981 -21.66 -13.16 -23.51
C LEU F 981 -22.55 -12.14 -24.20
N GLY F 982 -22.86 -11.07 -23.49
CA GLY F 982 -23.52 -9.93 -24.12
C GLY F 982 -23.22 -8.64 -23.41
N LEU F 983 -22.70 -7.66 -24.14
CA LEU F 983 -22.40 -6.34 -23.59
C LEU F 983 -23.41 -5.33 -24.10
N LYS F 984 -23.80 -4.41 -23.24
CA LYS F 984 -24.73 -3.35 -23.60
C LYS F 984 -23.94 -2.06 -23.80
N TYR F 985 -24.65 -1.02 -24.23
CA TYR F 985 -24.01 0.29 -24.34
C TYR F 985 -23.74 0.88 -22.97
N ALA F 986 -24.55 0.55 -21.98
CA ALA F 986 -24.46 1.10 -20.65
C ALA F 986 -23.54 0.30 -19.74
N ASP F 987 -22.81 -0.67 -20.27
CA ASP F 987 -21.83 -1.41 -19.48
C ASP F 987 -20.46 -0.74 -19.48
N LEU F 988 -20.28 0.32 -20.24
CA LEU F 988 -19.02 1.05 -20.29
C LEU F 988 -19.16 2.33 -19.48
N GLN F 989 -18.05 3.02 -19.28
CA GLN F 989 -18.06 4.12 -18.33
C GLN F 989 -16.90 5.05 -18.63
N PHE F 990 -17.08 6.35 -18.36
CA PHE F 990 -15.94 7.25 -18.21
C PHE F 990 -15.31 7.00 -16.85
N GLU F 991 -14.01 6.76 -16.84
CA GLU F 991 -13.36 6.28 -15.63
C GLU F 991 -12.84 7.44 -14.78
N LYS F 992 -12.38 7.09 -13.58
CA LYS F 992 -12.33 8.03 -12.47
C LYS F 992 -11.00 8.76 -12.32
N GLY F 993 -10.00 8.49 -13.15
CA GLY F 993 -8.76 9.22 -12.96
C GLY F 993 -8.34 10.01 -14.18
N THR F 994 -8.67 9.50 -15.34
CA THR F 994 -8.21 10.08 -16.59
C THR F 994 -9.32 10.31 -17.60
N GLY F 995 -10.55 9.90 -17.31
CA GLY F 995 -11.65 10.17 -18.19
C GLY F 995 -11.68 9.34 -19.46
N THR F 996 -11.15 8.12 -19.41
CA THR F 996 -11.19 7.26 -20.57
C THR F 996 -12.48 6.45 -20.58
N TYR F 997 -12.88 6.00 -21.75
CA TYR F 997 -14.11 5.25 -21.94
C TYR F 997 -13.75 3.78 -22.05
N LYS F 998 -14.06 3.01 -21.00
CA LYS F 998 -13.70 1.61 -20.95
C LYS F 998 -14.51 0.92 -19.87
N ILE F 999 -14.39 -0.41 -19.82
CA ILE F 999 -14.97 -1.22 -18.75
C ILE F 999 -13.83 -1.89 -18.01
N SER F 1000 -13.96 -2.00 -16.68
CA SER F 1000 -12.94 -2.60 -15.86
C SER F 1000 -12.91 -4.11 -16.08
N GLN F 1001 -11.93 -4.78 -15.46
CA GLN F 1001 -11.87 -6.24 -15.58
C GLN F 1001 -12.74 -6.94 -14.57
N GLU F 1002 -13.03 -6.31 -13.43
CA GLU F 1002 -13.83 -6.95 -12.39
C GLU F 1002 -15.32 -6.91 -12.74
N LYS F 1003 -15.80 -5.80 -13.28
CA LYS F 1003 -17.17 -5.75 -13.78
C LYS F 1003 -17.35 -6.70 -14.96
N TYR F 1004 -16.30 -6.88 -15.76
CA TYR F 1004 -16.34 -7.87 -16.83
C TYR F 1004 -16.37 -9.28 -16.28
N ASN F 1005 -15.74 -9.52 -15.12
CA ASN F 1005 -15.85 -10.83 -14.48
C ASN F 1005 -17.25 -11.07 -13.94
N ASP F 1006 -17.93 -10.01 -13.47
CA ASP F 1006 -19.33 -10.16 -13.04
C ASP F 1006 -20.24 -10.46 -14.23
N ILE F 1007 -20.02 -9.80 -15.36
CA ILE F 1007 -20.80 -10.08 -16.56
C ILE F 1007 -20.51 -11.49 -17.09
N LYS F 1008 -19.26 -11.97 -16.96
CA LYS F 1008 -18.94 -13.34 -17.33
C LYS F 1008 -19.62 -14.34 -16.41
N LYS F 1009 -19.71 -14.02 -15.12
CA LYS F 1009 -20.33 -14.92 -14.16
C LYS F 1009 -21.83 -15.04 -14.37
N LYS F 1010 -22.49 -13.92 -14.70
CA LYS F 1010 -23.94 -13.93 -14.85
C LYS F 1010 -24.36 -14.71 -16.09
N GLU F 1011 -23.64 -14.57 -17.20
CA GLU F 1011 -23.99 -15.23 -18.44
C GLU F 1011 -23.59 -16.71 -18.48
N GLY F 1012 -22.95 -17.23 -17.44
CA GLY F 1012 -22.67 -18.64 -17.35
C GLY F 1012 -21.36 -19.08 -17.97
N VAL F 1013 -20.47 -18.16 -18.30
CA VAL F 1013 -19.18 -18.52 -18.88
C VAL F 1013 -18.25 -19.00 -17.77
N ASP F 1014 -17.61 -20.15 -17.98
CA ASP F 1014 -16.64 -20.66 -17.04
C ASP F 1014 -15.36 -19.84 -17.09
N SER F 1015 -14.60 -19.87 -15.98
CA SER F 1015 -13.38 -19.08 -15.88
C SER F 1015 -12.29 -19.56 -16.83
N ASP F 1016 -12.23 -20.86 -17.10
CA ASP F 1016 -11.14 -21.43 -17.90
C ASP F 1016 -11.56 -21.71 -19.34
N SER F 1017 -12.35 -20.85 -19.95
CA SER F 1017 -12.69 -20.95 -21.35
C SER F 1017 -11.76 -20.08 -22.19
N GLU F 1018 -11.66 -20.42 -23.47
CA GLU F 1018 -10.79 -19.70 -24.39
C GLU F 1018 -11.61 -18.72 -25.21
N PHE F 1019 -11.20 -17.46 -25.21
CA PHE F 1019 -11.89 -16.41 -25.93
C PHE F 1019 -11.66 -16.56 -27.42
N LYS F 1020 -12.74 -16.71 -28.19
CA LYS F 1020 -12.60 -16.95 -29.63
C LYS F 1020 -12.64 -15.66 -30.44
N PHE F 1021 -13.77 -14.95 -30.42
CA PHE F 1021 -13.90 -13.68 -31.13
C PHE F 1021 -15.06 -12.90 -30.53
N THR F 1022 -15.28 -11.71 -31.09
CA THR F 1022 -16.38 -10.84 -30.73
C THR F 1022 -17.15 -10.44 -31.97
N LEU F 1023 -18.46 -10.29 -31.81
CA LEU F 1023 -19.39 -10.09 -32.92
C LEU F 1023 -20.13 -8.77 -32.71
N TYR F 1024 -20.12 -7.94 -33.75
CA TYR F 1024 -20.93 -6.74 -33.81
C TYR F 1024 -22.15 -7.00 -34.69
N LYS F 1025 -22.99 -5.98 -34.86
CA LYS F 1025 -24.13 -6.11 -35.74
C LYS F 1025 -23.70 -6.09 -37.19
N ASN F 1026 -24.43 -6.85 -38.02
CA ASN F 1026 -24.11 -7.13 -39.42
C ASN F 1026 -22.70 -7.68 -39.58
N ASP F 1027 -22.36 -8.67 -38.75
CA ASP F 1027 -21.08 -9.34 -38.82
C ASP F 1027 -21.35 -10.80 -39.21
N LEU F 1028 -20.62 -11.28 -40.21
CA LEU F 1028 -20.99 -12.52 -40.87
C LEU F 1028 -20.52 -13.74 -40.08
N LEU F 1029 -21.49 -14.58 -39.69
CA LEU F 1029 -21.26 -15.73 -38.86
C LEU F 1029 -21.37 -17.00 -39.71
N LEU F 1030 -20.58 -18.01 -39.39
CA LEU F 1030 -20.60 -19.28 -40.09
C LEU F 1030 -20.86 -20.38 -39.05
N VAL F 1031 -21.91 -21.16 -39.26
CA VAL F 1031 -22.23 -22.27 -38.38
C VAL F 1031 -22.04 -23.57 -39.16
N LYS F 1032 -21.19 -24.44 -38.64
CA LYS F 1032 -20.91 -25.73 -39.22
C LYS F 1032 -21.24 -26.80 -38.18
N ASP F 1033 -21.55 -28.00 -38.64
CA ASP F 1033 -21.88 -29.09 -37.74
C ASP F 1033 -20.72 -30.10 -37.69
N THR F 1034 -20.84 -31.05 -36.77
CA THR F 1034 -19.77 -31.99 -36.46
C THR F 1034 -20.08 -33.41 -36.86
N GLU F 1035 -21.36 -33.81 -36.85
CA GLU F 1035 -21.78 -35.16 -37.21
C GLU F 1035 -22.23 -35.27 -38.66
N THR F 1036 -23.06 -34.34 -39.14
CA THR F 1036 -23.44 -34.24 -40.54
C THR F 1036 -22.89 -32.93 -41.07
N LYS F 1037 -21.96 -33.00 -42.02
CA LYS F 1037 -21.14 -31.84 -42.40
C LYS F 1037 -21.96 -30.85 -43.23
N GLU F 1038 -22.71 -30.02 -42.51
CA GLU F 1038 -23.53 -28.97 -43.12
C GLU F 1038 -22.93 -27.61 -42.80
N GLN F 1039 -23.29 -26.62 -43.61
CA GLN F 1039 -22.81 -25.26 -43.45
C GLN F 1039 -23.96 -24.29 -43.64
N GLN F 1040 -24.12 -23.38 -42.68
CA GLN F 1040 -25.08 -22.29 -42.76
C GLN F 1040 -24.36 -20.99 -42.47
N LEU F 1041 -24.83 -19.90 -43.06
CA LEU F 1041 -24.21 -18.60 -42.88
C LEU F 1041 -25.28 -17.62 -42.42
N PHE F 1042 -24.98 -16.86 -41.37
CA PHE F 1042 -25.91 -15.92 -40.77
C PHE F 1042 -25.31 -14.52 -40.74
N ARG F 1043 -26.16 -13.55 -40.45
CA ARG F 1043 -25.77 -12.26 -39.90
C ARG F 1043 -26.17 -12.19 -38.44
N PHE F 1044 -25.28 -11.66 -37.62
CA PHE F 1044 -25.58 -11.47 -36.21
C PHE F 1044 -26.43 -10.24 -36.04
N LEU F 1045 -27.38 -10.27 -35.09
CA LEU F 1045 -28.08 -9.04 -34.74
C LEU F 1045 -27.83 -8.64 -33.30
N SER F 1046 -28.17 -9.48 -32.33
CA SER F 1046 -28.15 -9.05 -30.93
C SER F 1046 -28.10 -10.30 -30.05
N ARG F 1047 -28.42 -10.12 -28.76
CA ARG F 1047 -28.21 -11.12 -27.72
C ARG F 1047 -29.51 -11.24 -26.90
N THR F 1048 -30.59 -11.56 -27.62
CA THR F 1048 -31.95 -11.50 -27.10
C THR F 1048 -32.20 -12.54 -26.02
N MET F 1049 -33.38 -12.40 -25.38
CA MET F 1049 -33.95 -13.22 -24.31
C MET F 1049 -33.00 -13.38 -23.13
N PRO F 1050 -32.83 -12.35 -22.29
CA PRO F 1050 -31.86 -12.43 -21.20
C PRO F 1050 -32.39 -13.09 -19.94
N LYS F 1051 -33.12 -14.19 -20.05
CA LYS F 1051 -33.49 -14.99 -18.88
C LYS F 1051 -32.78 -16.33 -18.88
N GLN F 1052 -32.91 -17.11 -19.95
CA GLN F 1052 -32.06 -18.26 -20.16
C GLN F 1052 -30.99 -17.93 -21.19
N LYS F 1053 -29.95 -18.75 -21.21
CA LYS F 1053 -28.63 -18.34 -21.66
C LYS F 1053 -28.37 -18.73 -23.10
N HIS F 1054 -27.40 -18.03 -23.70
CA HIS F 1054 -26.73 -18.31 -24.97
C HIS F 1054 -27.62 -18.10 -26.19
N TYR F 1055 -28.81 -17.52 -26.03
CA TYR F 1055 -29.68 -17.28 -27.17
C TYR F 1055 -29.21 -16.07 -27.96
N VAL F 1056 -29.16 -16.22 -29.28
CA VAL F 1056 -28.65 -15.22 -30.20
C VAL F 1056 -29.70 -15.00 -31.29
N GLU F 1057 -29.96 -13.74 -31.62
CA GLU F 1057 -30.84 -13.38 -32.73
C GLU F 1057 -30.04 -13.24 -34.02
N LEU F 1058 -30.49 -13.92 -35.07
CA LEU F 1058 -29.78 -13.96 -36.33
C LEU F 1058 -30.67 -13.44 -37.45
N LYS F 1059 -30.05 -13.10 -38.57
CA LYS F 1059 -30.70 -12.56 -39.75
C LYS F 1059 -30.11 -13.24 -40.97
N PRO F 1060 -30.83 -13.28 -42.09
CA PRO F 1060 -30.29 -13.95 -43.30
C PRO F 1060 -29.13 -13.20 -43.91
N TYR F 1061 -28.53 -13.86 -44.91
CA TYR F 1061 -27.40 -13.33 -45.66
C TYR F 1061 -27.80 -12.80 -47.03
N ASP F 1062 -28.90 -13.30 -47.59
CA ASP F 1062 -29.39 -12.93 -48.91
C ASP F 1062 -30.48 -11.87 -48.86
N LYS F 1063 -31.42 -12.01 -47.94
CA LYS F 1063 -32.59 -11.16 -47.82
C LYS F 1063 -32.55 -10.42 -46.49
N GLN F 1064 -33.66 -9.76 -46.15
CA GLN F 1064 -33.73 -8.99 -44.92
C GLN F 1064 -34.58 -9.62 -43.84
N LYS F 1065 -35.32 -10.69 -44.14
CA LYS F 1065 -36.27 -11.25 -43.17
C LYS F 1065 -36.24 -12.77 -43.23
N PHE F 1066 -36.88 -13.38 -42.24
CA PHE F 1066 -37.01 -14.83 -42.09
C PHE F 1066 -38.46 -15.22 -41.88
N GLU F 1067 -39.34 -14.71 -42.75
CA GLU F 1067 -40.77 -14.99 -42.63
C GLU F 1067 -41.08 -16.45 -42.93
N GLY F 1068 -41.91 -17.05 -42.09
CA GLY F 1068 -42.38 -18.41 -42.26
C GLY F 1068 -41.75 -19.35 -41.24
N GLY F 1069 -42.13 -20.62 -41.37
CA GLY F 1069 -41.47 -21.69 -40.64
C GLY F 1069 -40.38 -22.33 -41.48
N GLU F 1070 -39.53 -21.49 -42.06
CA GLU F 1070 -38.47 -21.94 -42.95
C GLU F 1070 -37.38 -22.68 -42.19
N ALA F 1071 -36.93 -23.80 -42.74
CA ALA F 1071 -35.87 -24.58 -42.13
C ALA F 1071 -34.50 -24.05 -42.54
N LEU F 1072 -33.53 -24.16 -41.64
CA LEU F 1072 -32.20 -23.63 -41.90
C LEU F 1072 -31.16 -24.73 -42.01
N ILE F 1073 -30.96 -25.51 -40.94
CA ILE F 1073 -30.09 -26.69 -40.94
C ILE F 1073 -30.73 -27.68 -39.98
N LYS F 1074 -30.06 -28.83 -39.80
CA LYS F 1074 -30.66 -29.95 -39.09
C LYS F 1074 -30.83 -29.68 -37.61
N VAL F 1075 -29.76 -29.20 -36.95
CA VAL F 1075 -29.75 -29.18 -35.49
C VAL F 1075 -30.43 -27.93 -34.92
N LEU F 1076 -30.51 -26.84 -35.69
CA LEU F 1076 -31.16 -25.63 -35.20
C LEU F 1076 -32.67 -25.81 -35.15
N GLY F 1077 -33.29 -26.00 -36.31
CA GLY F 1077 -34.73 -26.16 -36.35
C GLY F 1077 -35.39 -25.29 -37.39
N ASN F 1078 -36.59 -24.81 -37.09
CA ASN F 1078 -37.35 -23.95 -37.98
C ASN F 1078 -37.62 -22.61 -37.32
N VAL F 1079 -37.71 -21.56 -38.13
CA VAL F 1079 -38.04 -20.23 -37.65
C VAL F 1079 -39.48 -20.23 -37.11
N ALA F 1080 -39.74 -19.40 -36.10
CA ALA F 1080 -41.06 -19.29 -35.49
C ALA F 1080 -42.07 -18.65 -36.45
N ASN F 1081 -43.30 -18.51 -35.96
CA ASN F 1081 -44.38 -18.00 -36.78
C ASN F 1081 -44.28 -16.51 -37.06
N SER F 1082 -43.57 -15.75 -36.23
CA SER F 1082 -43.45 -14.32 -36.46
C SER F 1082 -42.45 -14.01 -37.57
N GLY F 1083 -41.28 -14.63 -37.53
CA GLY F 1083 -40.27 -14.39 -38.53
C GLY F 1083 -38.92 -14.06 -37.94
N GLN F 1084 -38.77 -14.28 -36.64
CA GLN F 1084 -37.57 -13.92 -35.90
C GLN F 1084 -36.78 -15.18 -35.57
N CYS F 1085 -35.47 -15.09 -35.72
CA CYS F 1085 -34.57 -16.24 -35.59
C CYS F 1085 -33.80 -16.14 -34.26
N LYS F 1086 -34.45 -16.57 -33.19
CA LYS F 1086 -33.87 -16.53 -31.84
C LYS F 1086 -33.40 -17.94 -31.48
N LYS F 1087 -32.15 -18.25 -31.81
CA LYS F 1087 -31.64 -19.60 -31.64
C LYS F 1087 -30.80 -19.71 -30.36
N GLY F 1088 -30.55 -20.94 -29.94
CA GLY F 1088 -29.62 -21.18 -28.86
C GLY F 1088 -28.36 -21.86 -29.33
N LEU F 1089 -27.25 -21.13 -29.43
CA LEU F 1089 -26.01 -21.69 -29.94
C LEU F 1089 -25.13 -22.26 -28.84
N GLY F 1090 -25.64 -22.36 -27.62
CA GLY F 1090 -24.90 -22.97 -26.53
C GLY F 1090 -25.19 -24.44 -26.39
N LYS F 1091 -24.69 -25.23 -27.34
CA LYS F 1091 -25.00 -26.65 -27.45
C LYS F 1091 -23.76 -27.38 -27.91
N SER F 1092 -23.77 -28.70 -27.73
CA SER F 1092 -22.73 -29.52 -28.33
C SER F 1092 -23.05 -29.79 -29.80
N ASN F 1093 -22.12 -30.47 -30.47
CA ASN F 1093 -22.22 -30.85 -31.89
C ASN F 1093 -22.34 -29.64 -32.81
N ILE F 1094 -21.64 -28.56 -32.46
CA ILE F 1094 -21.75 -27.29 -33.19
C ILE F 1094 -20.36 -26.70 -33.36
N SER F 1095 -20.21 -25.79 -34.32
CA SER F 1095 -18.93 -25.18 -34.62
C SER F 1095 -19.16 -23.83 -35.28
N ILE F 1096 -18.40 -22.82 -34.89
CA ILE F 1096 -18.64 -21.45 -35.32
C ILE F 1096 -17.34 -20.86 -35.86
N TYR F 1097 -17.43 -20.22 -37.04
CA TYR F 1097 -16.38 -19.39 -37.59
C TYR F 1097 -16.91 -17.98 -37.80
N LYS F 1098 -15.99 -17.04 -38.01
CA LYS F 1098 -16.35 -15.68 -38.34
C LYS F 1098 -15.79 -15.35 -39.72
N VAL F 1099 -16.60 -14.65 -40.51
CA VAL F 1099 -16.27 -14.32 -41.89
C VAL F 1099 -16.00 -12.82 -41.96
N ARG F 1100 -14.87 -12.46 -42.55
CA ARG F 1100 -14.47 -11.07 -42.75
C ARG F 1100 -14.33 -10.89 -44.25
N THR F 1101 -15.31 -10.23 -44.85
CA THR F 1101 -15.35 -10.06 -46.29
C THR F 1101 -14.54 -8.84 -46.71
N ASP F 1102 -14.21 -8.80 -47.99
CA ASP F 1102 -13.65 -7.61 -48.59
C ASP F 1102 -14.82 -6.72 -49.01
N VAL F 1103 -14.53 -5.56 -49.60
CA VAL F 1103 -15.61 -4.72 -50.11
C VAL F 1103 -16.16 -5.30 -51.40
N LEU F 1104 -15.39 -6.15 -52.10
CA LEU F 1104 -15.84 -6.90 -53.26
C LEU F 1104 -16.46 -8.25 -52.91
N GLY F 1105 -16.43 -8.66 -51.64
CA GLY F 1105 -17.11 -9.86 -51.21
C GLY F 1105 -16.24 -11.08 -50.97
N ASN F 1106 -14.91 -10.94 -51.01
CA ASN F 1106 -14.02 -12.08 -50.81
C ASN F 1106 -14.04 -12.50 -49.35
N GLN F 1107 -14.75 -13.58 -49.06
CA GLN F 1107 -14.90 -14.06 -47.69
C GLN F 1107 -13.61 -14.66 -47.19
N HIS F 1108 -13.05 -14.09 -46.13
CA HIS F 1108 -11.93 -14.71 -45.43
C HIS F 1108 -12.40 -15.23 -44.08
N ILE F 1109 -12.01 -16.45 -43.75
CA ILE F 1109 -12.53 -17.13 -42.56
C ILE F 1109 -11.47 -17.11 -41.47
N ILE F 1110 -11.88 -16.75 -40.25
CA ILE F 1110 -10.97 -16.71 -39.11
C ILE F 1110 -11.46 -17.69 -38.05
N LYS F 1111 -10.56 -18.06 -37.16
CA LYS F 1111 -10.89 -18.91 -36.01
C LYS F 1111 -10.49 -18.31 -34.67
N ASN F 1112 -9.36 -17.60 -34.61
CA ASN F 1112 -8.94 -16.90 -33.41
C ASN F 1112 -8.67 -15.45 -33.76
N GLU F 1113 -9.26 -14.54 -33.00
CA GLU F 1113 -9.06 -13.11 -33.22
C GLU F 1113 -7.76 -12.63 -32.59
N GLY F 1114 -7.63 -12.76 -31.28
CA GLY F 1114 -6.45 -12.31 -30.56
C GLY F 1114 -6.24 -13.08 -29.29
N ASP F 1115 -5.76 -12.41 -28.25
CA ASP F 1115 -5.50 -13.03 -26.96
C ASP F 1115 -6.53 -12.68 -25.91
N LYS F 1116 -7.17 -11.53 -26.03
CA LYS F 1116 -8.06 -11.00 -25.01
C LYS F 1116 -9.07 -10.09 -25.69
N PRO F 1117 -10.26 -9.93 -25.13
CA PRO F 1117 -11.22 -9.01 -25.75
C PRO F 1117 -10.81 -7.57 -25.53
N LYS F 1118 -11.17 -6.72 -26.48
CA LYS F 1118 -10.85 -5.30 -26.40
C LYS F 1118 -11.77 -4.64 -25.40
N LEU F 1119 -11.20 -4.05 -24.35
CA LEU F 1119 -11.99 -3.44 -23.29
C LEU F 1119 -11.73 -1.96 -23.11
N ASP F 1120 -10.65 -1.41 -23.65
CA ASP F 1120 -10.30 0.01 -23.51
C ASP F 1120 -10.39 0.71 -24.84
N PHE F 1121 -11.07 1.85 -24.86
CA PHE F 1121 -11.34 2.59 -26.11
C PHE F 1121 -10.91 4.04 -26.05
#